data_6TZ0
#
_entry.id   6TZ0
#
_cell.length_a   1.00
_cell.length_b   1.00
_cell.length_c   1.00
_cell.angle_alpha   90.00
_cell.angle_beta   90.00
_cell.angle_gamma   90.00
#
_symmetry.space_group_name_H-M   'P 1'
#
loop_
_entity.id
_entity.type
_entity.pdbx_description
1 polymer 'RNA-dependent RNA Polymerase'
2 polymer 'Viral structural protein 4'
#
loop_
_entity_poly.entity_id
_entity_poly.type
_entity_poly.pdbx_seq_one_letter_code
_entity_poly.pdbx_strand_id
1 'polypeptide(L)'
;MLPNTELYNTIFSETRKFTRESFKEIEHLTAKLANDRVARHDFLFNNSIALISDYSGEDSNGNQLQATVTIPNEITNPKE
YDPSDYPLAEDESFFKQGHKYDYLVTFRAGSLTNTYEPKTKMYKLHAALDKLMHVKQRKSRFADLWRELCAVIASLDVWY
QTTNYPLRTYVKLLFHKGDEFPFYESPSQDKIIFNDKSVASILPTFVYTCCQVGTAIMSGILTHVESIVAMNHFLHCAKD
SYIDEKLKIKGIGRSWYQEALHNVGRATVPVWSQFNEVIGHRTKTTSEPHFVSSTFISLRAKRAELLYPEFNEYINRALR
LSKTQNDVANYYAACRAMTNDGTFLATLTELSLDAAVFPRIEQRLVTRPAVLMSNTRHESLKQKYANGVGSIAQSYLSSF
TDEIAKRVNGIHHDEAWLNFLTTSSPGRKLTEIEKLEVGGDVAAWSNSRIVMQAVFAREYRTPERIFKSLKAPIKLVERQ
QSDRRQRAISGLDNDRLFLSFMPYTIGKQIYDLNDNAAQGKQAGNAFDIGEMLYWTSQRNVLLSSIDVAGMDASVTTNTK
DIYNTFVLDVASKCTVPRFGPYYAKNMEVFEVGKRQSQVKYVNAAWQACALEAANSQTSTSYESEIFGQVKNAEGTYPSG
RADTSTHHTVLLQGLVRGNELKRASDGKNSCLTTIKILGDDIMEIFQGNENDTHDHAVSNASILNESGFATTAELSQNSI
VLLQQLVVNGTFWGFADRISLWTREDTKDIGRLNLAMMELNALIDDLLFRVRRPEGLKMLGFFCGAICLRRFTLSVDNKL
YDSTYNNLSKYMTLVKYDKNPDFDSTLMSLILPLAWLFMPRGGEYPAYPFERRDGTFTEDESMFTARGAYKRRLLYDVSN
IREMIQQNSMVLDDDLLHEYGFTGALLLIDLNILDLIDEVKKEDISPVKVNELATSLEQLGKLGEREKSRRAASDLKIRG
HALSNDIVYGYGLQEKIQKSAMATKETTVQSKRVSSRLHEVIVAKTRDYKIPTMPADALHLYEFEVEDVTVDLLPHAKHT
SYSNLAYNMSFGSDGWFAFALLGGLDRSANLLRLDVASIRGNYHKFSYDDPVFKQGYKIYKSDATLLNDFFVAISAGPKE
QGILLRAFAYYSLYGNVEYHYVLSPRQLFFLSDNPVSAERLVRIPPSYYVSTQCRALYNIFSYLHILRSITSNQGKRLGM
VLHPGLIAYVRGTSQGAILPEADNV
;
A
2 'polypeptide(L)'
;MFAIDPLKHSKLYEEYGLYLRPHQINQEIKPTTIKKKELAPTIRSIKYASLIHSMLAKHAARHNGTLINPRMYADMITLG
NTKVTVTKGTPKAQIDTLKMNGLTVVSKSRRNNKKKPVSDTTATIDENTDDIVTYKALTEMSTLIESFRLPSGLALIIFD
DEKYQSLIPNYINQLIAYTQPHIIPTWQGIADFSDTYLRSYFKRPFELTASNLAAPQKYNLSPMTRSIFNNTGREDAVIR
KLYGYGEYVFIRYEGCLITWTGIYGEVTMMVNLSKRDLGLDVGDDYLKEYKKLLFYGVITDAIPSGISARSTIMKISPHK
MMNPSGGALAVLSKFLEAVVSTNVINATLVVYAEKGAGKTSFLSTYAEQLSLASGQVVGHLSSDAYGRWLAKNKDVEEPS
FAYDYVLSLDTDDNESYYEQKASELLISHGISEVAQYELLSVRKKIKMMDEMNEVLIAQLENADTHSERNFYYMVSTGKT
TPRTLIVEGHFNAQDATIARTDTTVLLRTINDTTQAMRDRQRGGVVQLFLRDTYYRLLPALHTTVYPFEMLESIRRWKWV
H
;
B
#
# COMPACT_ATOMS: atom_id res chain seq x y z
N THR A 5 -24.06 -26.96 36.69
CA THR A 5 -23.56 -25.93 37.61
C THR A 5 -22.20 -25.41 37.16
N GLU A 6 -21.25 -26.33 37.02
CA GLU A 6 -19.90 -26.02 36.58
C GLU A 6 -19.59 -26.74 35.27
N LEU A 7 -18.79 -26.07 34.44
CA LEU A 7 -18.58 -26.53 33.06
C LEU A 7 -17.72 -27.78 32.95
N TYR A 8 -16.82 -28.02 33.88
CA TYR A 8 -16.01 -29.23 33.84
C TYR A 8 -16.71 -30.43 34.47
N ASN A 9 -17.98 -30.29 34.86
CA ASN A 9 -18.76 -31.37 35.44
C ASN A 9 -20.04 -31.64 34.68
N THR A 10 -20.23 -31.03 33.51
CA THR A 10 -21.41 -31.32 32.71
C THR A 10 -21.26 -32.65 31.99
N ILE A 11 -22.39 -33.18 31.53
CA ILE A 11 -22.36 -34.43 30.79
C ILE A 11 -21.92 -34.24 29.34
N PHE A 12 -21.90 -33.00 28.85
CA PHE A 12 -21.26 -32.73 27.58
C PHE A 12 -19.74 -32.78 27.68
N SER A 13 -19.19 -32.38 28.81
CA SER A 13 -17.74 -32.39 28.97
C SER A 13 -17.16 -33.80 29.03
N GLU A 14 -17.99 -34.80 29.33
CA GLU A 14 -17.54 -36.18 29.38
C GLU A 14 -17.90 -37.01 28.16
N THR A 15 -18.93 -36.61 27.41
CA THR A 15 -19.36 -37.36 26.24
C THR A 15 -19.05 -36.68 24.92
N ARG A 16 -18.94 -35.34 24.93
CA ARG A 16 -18.69 -34.51 23.75
C ARG A 16 -19.73 -34.71 22.66
N LYS A 17 -20.97 -35.01 23.09
CA LYS A 17 -22.11 -35.17 22.21
C LYS A 17 -23.25 -34.35 22.80
N PHE A 18 -24.22 -34.03 21.96
CA PHE A 18 -25.38 -33.27 22.40
C PHE A 18 -26.60 -34.16 22.41
N THR A 19 -27.02 -34.56 23.61
CA THR A 19 -28.33 -35.16 23.83
C THR A 19 -29.32 -34.03 24.10
N ARG A 20 -30.51 -34.39 24.59
CA ARG A 20 -31.44 -33.34 24.98
C ARG A 20 -31.24 -32.89 26.41
N GLU A 21 -30.56 -33.69 27.23
CA GLU A 21 -30.23 -33.31 28.59
C GLU A 21 -28.87 -32.61 28.69
N SER A 22 -28.08 -32.63 27.63
CA SER A 22 -26.76 -32.02 27.64
C SER A 22 -26.68 -30.73 26.86
N PHE A 23 -27.52 -30.57 25.84
CA PHE A 23 -27.49 -29.37 25.01
C PHE A 23 -28.11 -28.18 25.74
N LYS A 24 -29.19 -28.43 26.48
CA LYS A 24 -29.83 -27.38 27.28
C LYS A 24 -28.94 -26.93 28.43
N GLU A 25 -28.15 -27.84 28.98
CA GLU A 25 -27.25 -27.50 30.08
C GLU A 25 -26.12 -26.59 29.61
N ILE A 26 -25.51 -26.89 28.46
CA ILE A 26 -24.49 -26.03 27.88
C ILE A 26 -25.09 -24.70 27.46
N GLU A 27 -26.32 -24.73 26.95
CA GLU A 27 -27.00 -23.49 26.58
C GLU A 27 -27.22 -22.59 27.79
N HIS A 28 -27.62 -23.18 28.92
CA HIS A 28 -27.83 -22.43 30.15
C HIS A 28 -26.52 -21.87 30.71
N LEU A 29 -25.46 -22.68 30.74
CA LEU A 29 -24.21 -22.20 31.34
C LEU A 29 -23.50 -21.16 30.47
N THR A 30 -23.50 -21.35 29.15
CA THR A 30 -22.90 -20.34 28.30
C THR A 30 -23.74 -19.07 28.23
N ALA A 31 -25.07 -19.18 28.42
CA ALA A 31 -25.88 -17.98 28.59
C ALA A 31 -25.55 -17.25 29.88
N LYS A 32 -25.31 -18.01 30.96
CA LYS A 32 -24.97 -17.41 32.24
C LYS A 32 -23.60 -16.73 32.19
N LEU A 33 -22.68 -17.28 31.40
CA LEU A 33 -21.40 -16.58 31.21
C LEU A 33 -21.52 -15.39 30.27
N ALA A 34 -22.46 -15.41 29.33
CA ALA A 34 -22.57 -14.30 28.39
C ALA A 34 -23.37 -13.13 28.95
N ASN A 35 -24.26 -13.35 29.93
CA ASN A 35 -25.17 -12.29 30.33
C ASN A 35 -24.55 -11.30 31.32
N ASP A 36 -24.16 -11.77 32.50
CA ASP A 36 -23.74 -10.88 33.58
C ASP A 36 -22.27 -11.05 33.93
N ARG A 37 -21.68 -9.97 34.45
CA ARG A 37 -20.27 -9.97 34.81
C ARG A 37 -20.01 -10.46 36.22
N VAL A 38 -21.06 -10.58 37.04
CA VAL A 38 -20.90 -11.19 38.36
C VAL A 38 -20.59 -12.68 38.21
N ALA A 39 -21.28 -13.36 37.29
CA ALA A 39 -20.98 -14.76 37.02
C ALA A 39 -19.63 -14.92 36.33
N ARG A 40 -19.19 -13.92 35.57
CA ARG A 40 -17.87 -14.01 34.95
C ARG A 40 -16.75 -13.84 35.97
N HIS A 41 -16.93 -12.94 36.93
CA HIS A 41 -15.97 -12.82 38.02
C HIS A 41 -16.01 -14.06 38.91
N ASP A 42 -17.19 -14.68 39.06
CA ASP A 42 -17.28 -15.91 39.85
C ASP A 42 -16.61 -17.08 39.13
N PHE A 43 -16.76 -17.16 37.81
CA PHE A 43 -16.17 -18.26 37.05
C PHE A 43 -14.67 -18.13 36.96
N LEU A 44 -14.17 -16.92 36.71
CA LEU A 44 -12.73 -16.75 36.55
C LEU A 44 -11.99 -16.75 37.88
N PHE A 45 -12.67 -16.47 38.98
CA PHE A 45 -12.01 -16.29 40.27
C PHE A 45 -12.76 -17.03 41.36
N ASN A 46 -13.06 -18.30 41.10
CA ASN A 46 -13.68 -19.15 42.11
C ASN A 46 -12.68 -19.45 43.23
N ASN A 47 -13.22 -19.74 44.42
CA ASN A 47 -12.37 -19.96 45.58
C ASN A 47 -11.82 -21.37 45.62
N SER A 48 -12.50 -22.31 44.95
CA SER A 48 -12.16 -23.73 45.05
C SER A 48 -10.89 -24.10 44.29
N ILE A 49 -10.36 -23.22 43.44
CA ILE A 49 -9.14 -23.53 42.69
C ILE A 49 -7.93 -23.24 43.57
N ALA A 50 -7.11 -24.26 43.78
CA ALA A 50 -5.91 -24.14 44.59
C ALA A 50 -4.74 -23.66 43.73
N LEU A 51 -3.91 -22.80 44.31
CA LEU A 51 -2.78 -22.21 43.59
C LEU A 51 -1.62 -23.20 43.59
N ILE A 52 -1.26 -23.67 42.41
CA ILE A 52 -0.12 -24.57 42.25
C ILE A 52 1.13 -23.76 41.96
N SER A 53 2.25 -24.22 42.49
CA SER A 53 3.53 -23.55 42.28
C SER A 53 4.48 -24.40 41.46
N ASP A 54 4.80 -25.60 41.92
CA ASP A 54 5.58 -26.55 41.12
C ASP A 54 4.64 -27.42 40.30
N TYR A 55 5.14 -27.90 39.18
CA TYR A 55 4.30 -28.67 38.27
C TYR A 55 5.18 -29.57 37.42
N SER A 56 4.60 -30.69 36.99
CA SER A 56 5.35 -31.70 36.24
C SER A 56 4.47 -32.25 35.13
N GLY A 57 5.12 -32.69 34.06
CA GLY A 57 4.39 -33.23 32.92
C GLY A 57 5.31 -33.33 31.73
N GLU A 58 4.70 -33.52 30.57
CA GLU A 58 5.41 -33.80 29.33
C GLU A 58 5.57 -32.53 28.49
N ASP A 59 6.54 -32.57 27.59
CA ASP A 59 6.75 -31.48 26.65
C ASP A 59 5.96 -31.75 25.37
N SER A 60 6.28 -31.04 24.29
CA SER A 60 5.60 -31.24 23.02
C SER A 60 5.95 -32.57 22.36
N ASN A 61 7.03 -33.21 22.78
CA ASN A 61 7.45 -34.48 22.19
C ASN A 61 7.46 -35.62 23.20
N GLY A 62 6.83 -35.43 24.36
CA GLY A 62 6.60 -36.51 25.29
C GLY A 62 7.68 -36.76 26.32
N ASN A 63 8.57 -35.80 26.56
CA ASN A 63 9.62 -35.95 27.56
C ASN A 63 9.24 -35.18 28.82
N GLN A 64 9.61 -35.73 29.97
CA GLN A 64 9.18 -35.17 31.25
C GLN A 64 9.90 -33.86 31.55
N LEU A 65 9.13 -32.83 31.90
CA LEU A 65 9.69 -31.52 32.16
C LEU A 65 9.06 -30.95 33.42
N GLN A 66 9.82 -30.13 34.14
CA GLN A 66 9.41 -29.55 35.42
C GLN A 66 9.59 -28.05 35.39
N ALA A 67 8.54 -27.32 35.74
CA ALA A 67 8.61 -25.86 35.80
C ALA A 67 7.85 -25.35 37.02
N THR A 68 8.05 -24.07 37.32
CA THR A 68 7.54 -23.44 38.52
C THR A 68 6.91 -22.10 38.16
N VAL A 69 5.70 -21.86 38.66
CA VAL A 69 5.02 -20.59 38.42
C VAL A 69 5.76 -19.49 39.16
N THR A 70 6.23 -18.50 38.43
CA THR A 70 7.04 -17.40 38.97
C THR A 70 6.56 -16.09 38.39
N ILE A 71 6.27 -15.13 39.27
CA ILE A 71 5.83 -13.80 38.87
C ILE A 71 6.76 -12.79 39.54
N PRO A 72 7.39 -11.89 38.79
CA PRO A 72 8.36 -10.97 39.39
C PRO A 72 7.70 -9.86 40.19
N ASN A 73 8.52 -9.18 40.97
CA ASN A 73 8.02 -8.16 41.89
C ASN A 73 7.59 -6.90 41.15
N GLU A 74 8.15 -6.66 39.97
CA GLU A 74 7.83 -5.47 39.19
C GLU A 74 6.43 -5.50 38.61
N ILE A 75 5.79 -6.66 38.56
CA ILE A 75 4.43 -6.76 38.06
C ILE A 75 3.41 -6.57 39.18
N THR A 76 3.63 -7.23 40.32
CA THR A 76 2.70 -7.08 41.45
C THR A 76 2.92 -5.75 42.16
N ASN A 77 4.16 -5.28 42.23
CA ASN A 77 4.52 -4.01 42.84
C ASN A 77 5.14 -3.12 41.76
N PRO A 78 4.34 -2.42 40.97
CA PRO A 78 4.89 -1.64 39.87
C PRO A 78 5.59 -0.39 40.36
N LYS A 79 6.56 0.07 39.58
CA LYS A 79 7.26 1.30 39.92
C LYS A 79 6.37 2.51 39.68
N GLU A 80 6.81 3.65 40.17
CA GLU A 80 6.08 4.87 39.89
C GLU A 80 6.52 5.41 38.54
N TYR A 81 5.67 6.27 37.95
CA TYR A 81 5.94 6.80 36.62
C TYR A 81 7.17 7.69 36.62
N ASP A 82 8.09 7.41 35.70
CA ASP A 82 9.33 8.16 35.55
C ASP A 82 9.23 8.97 34.27
N PRO A 83 9.24 10.30 34.34
CA PRO A 83 9.11 11.11 33.12
C PRO A 83 10.33 11.09 32.21
N SER A 84 11.46 10.52 32.65
CA SER A 84 12.62 10.39 31.79
C SER A 84 12.59 9.09 30.97
N ASP A 85 11.52 8.31 31.07
CA ASP A 85 11.34 7.20 30.15
C ASP A 85 10.93 7.66 28.77
N TYR A 86 10.35 8.84 28.67
CA TYR A 86 9.94 9.43 27.39
C TYR A 86 10.52 10.84 27.28
N PRO A 87 11.82 10.96 27.03
CA PRO A 87 12.44 12.28 27.06
C PRO A 87 12.12 13.08 25.78
N LEU A 88 12.49 14.35 25.82
CA LEU A 88 12.36 15.23 24.67
C LEU A 88 13.71 15.82 24.33
N ALA A 89 13.75 16.61 23.27
CA ALA A 89 14.94 17.36 22.93
C ALA A 89 14.92 18.70 23.65
N GLU A 90 15.99 19.47 23.48
CA GLU A 90 16.08 20.78 24.11
C GLU A 90 15.07 21.75 23.52
N ASP A 91 14.90 21.71 22.20
CA ASP A 91 13.91 22.55 21.54
C ASP A 91 12.49 22.08 21.82
N GLU A 92 12.33 20.83 22.26
CA GLU A 92 11.05 20.15 22.47
C GLU A 92 10.20 20.14 21.20
N SER A 93 10.87 20.04 20.05
CA SER A 93 10.18 19.95 18.77
C SER A 93 9.76 18.53 18.45
N PHE A 94 10.45 17.55 19.04
CA PHE A 94 10.15 16.14 18.85
C PHE A 94 10.78 15.41 20.05
N PHE A 95 10.53 14.12 20.16
CA PHE A 95 11.22 13.27 21.11
C PHE A 95 12.72 13.25 20.86
N LYS A 96 13.47 12.83 21.88
CA LYS A 96 14.92 12.79 21.80
C LYS A 96 15.36 11.74 20.78
N GLN A 97 16.54 11.96 20.20
CA GLN A 97 17.08 11.13 19.13
C GLN A 97 17.29 9.68 19.54
N GLY A 98 18.20 9.43 20.46
CA GLY A 98 18.33 8.09 20.99
C GLY A 98 17.51 7.97 22.26
N HIS A 99 16.28 7.51 22.12
CA HIS A 99 15.40 7.31 23.26
C HIS A 99 15.09 5.83 23.38
N LYS A 100 15.16 5.32 24.61
CA LYS A 100 15.24 3.88 24.83
C LYS A 100 13.93 3.17 24.53
N TYR A 101 12.80 3.78 24.88
CA TYR A 101 11.52 3.09 24.83
C TYR A 101 10.67 3.68 23.71
N ASP A 102 10.08 2.81 22.91
CA ASP A 102 9.11 3.19 21.90
C ASP A 102 7.71 2.70 22.24
N TYR A 103 7.55 1.99 23.34
CA TYR A 103 6.30 1.35 23.68
C TYR A 103 5.99 1.62 25.15
N LEU A 104 4.93 0.99 25.65
CA LEU A 104 4.41 1.27 26.98
C LEU A 104 5.31 0.62 28.04
N VAL A 105 5.98 1.46 28.82
CA VAL A 105 6.78 1.00 29.95
C VAL A 105 5.83 0.56 31.07
N THR A 106 6.24 -0.40 31.87
CA THR A 106 5.42 -0.89 32.97
C THR A 106 5.57 0.03 34.18
N PHE A 107 4.44 0.55 34.68
CA PHE A 107 4.40 1.36 35.89
C PHE A 107 3.03 1.22 36.53
N ARG A 108 2.84 1.84 37.68
CA ARG A 108 1.57 1.79 38.37
C ARG A 108 0.57 2.72 37.71
N ALA A 109 -0.66 2.23 37.53
CA ALA A 109 -1.63 2.87 36.65
C ALA A 109 -2.11 4.22 37.18
N GLY A 110 -2.05 4.43 38.50
CA GLY A 110 -2.39 5.71 39.06
C GLY A 110 -1.24 6.67 39.22
N SER A 111 -0.04 6.27 38.83
CA SER A 111 1.14 7.10 39.01
C SER A 111 1.29 8.16 37.94
N LEU A 112 0.53 8.08 36.86
CA LEU A 112 0.63 9.03 35.76
C LEU A 112 -0.35 10.17 36.02
N THR A 113 0.19 11.36 36.25
CA THR A 113 -0.59 12.51 36.68
C THR A 113 -0.39 13.67 35.73
N ASN A 114 -1.46 14.10 35.07
CA ASN A 114 -1.44 15.29 34.21
C ASN A 114 -1.75 16.48 35.08
N THR A 115 -0.73 17.00 35.75
CA THR A 115 -0.88 18.15 36.63
C THR A 115 -0.51 19.46 35.95
N TYR A 116 -0.41 19.47 34.63
CA TYR A 116 0.05 20.65 33.91
C TYR A 116 -1.12 21.51 33.43
N GLU A 117 -0.82 22.79 33.25
CA GLU A 117 -1.76 23.74 32.68
C GLU A 117 -2.02 23.37 31.22
N PRO A 118 -3.25 23.53 30.72
CA PRO A 118 -3.53 23.25 29.31
C PRO A 118 -2.80 24.21 28.38
N LYS A 119 -2.80 23.82 27.09
CA LYS A 119 -2.06 24.50 26.02
C LYS A 119 -0.57 24.60 26.33
N THR A 120 -0.02 23.51 26.86
CA THR A 120 1.38 23.42 27.22
C THR A 120 1.91 22.11 26.63
N LYS A 121 3.22 22.08 26.33
CA LYS A 121 3.83 20.91 25.72
C LYS A 121 3.75 19.69 26.63
N MET A 122 3.96 19.90 27.94
CA MET A 122 3.87 18.80 28.89
C MET A 122 2.43 18.34 29.08
N TYR A 123 1.46 19.24 28.91
CA TYR A 123 0.07 18.83 28.97
C TYR A 123 -0.31 17.95 27.79
N LYS A 124 0.14 18.32 26.58
CA LYS A 124 -0.08 17.50 25.40
C LYS A 124 0.60 16.15 25.53
N LEU A 125 1.82 16.14 26.09
CA LEU A 125 2.58 14.91 26.27
C LEU A 125 1.89 13.96 27.23
N HIS A 126 1.42 14.46 28.37
CA HIS A 126 0.75 13.58 29.32
C HIS A 126 -0.65 13.19 28.89
N ALA A 127 -1.33 14.03 28.10
CA ALA A 127 -2.60 13.59 27.51
C ALA A 127 -2.37 12.48 26.50
N ALA A 128 -1.28 12.55 25.74
CA ALA A 128 -0.96 11.49 24.79
C ALA A 128 -0.51 10.22 25.50
N LEU A 129 0.18 10.33 26.63
CA LEU A 129 0.55 9.13 27.37
C LEU A 129 -0.66 8.49 28.05
N ASP A 130 -1.62 9.32 28.47
CA ASP A 130 -2.91 8.79 28.92
C ASP A 130 -3.62 8.03 27.79
N LYS A 131 -3.60 8.60 26.59
CA LYS A 131 -4.17 7.91 25.42
C LYS A 131 -3.43 6.62 25.11
N LEU A 132 -2.12 6.60 25.35
CA LEU A 132 -1.32 5.39 25.14
C LEU A 132 -1.73 4.30 26.11
N MET A 133 -1.87 4.64 27.39
CA MET A 133 -2.15 3.64 28.41
C MET A 133 -3.61 3.21 28.41
N HIS A 134 -4.53 4.06 27.95
CA HIS A 134 -5.94 3.79 28.08
C HIS A 134 -6.67 3.45 26.79
N VAL A 135 -6.19 3.90 25.63
CA VAL A 135 -6.91 3.73 24.38
C VAL A 135 -6.24 2.70 23.47
N LYS A 136 -4.92 2.77 23.34
CA LYS A 136 -4.19 1.88 22.44
C LYS A 136 -4.16 0.43 22.89
N GLN A 137 -4.52 0.13 24.13
CA GLN A 137 -4.44 -1.25 24.59
C GLN A 137 -5.71 -2.05 24.37
N ARG A 138 -6.88 -1.43 24.20
CA ARG A 138 -8.07 -2.23 23.97
C ARG A 138 -8.11 -2.70 22.52
N LYS A 139 -7.83 -3.98 22.31
CA LYS A 139 -7.77 -4.60 20.99
C LYS A 139 -8.52 -5.93 21.11
N SER A 140 -9.82 -5.89 20.93
CA SER A 140 -10.63 -7.10 21.07
C SER A 140 -11.41 -7.32 19.80
N ARG A 141 -11.50 -8.59 19.39
CA ARG A 141 -12.09 -8.90 18.10
C ARG A 141 -13.61 -9.09 18.17
N PHE A 142 -14.11 -9.74 19.21
CA PHE A 142 -15.51 -10.14 19.21
C PHE A 142 -16.34 -9.49 20.30
N ALA A 143 -15.83 -9.41 21.51
CA ALA A 143 -16.61 -8.92 22.64
C ALA A 143 -15.65 -8.20 23.58
N ASP A 144 -16.07 -8.04 24.83
CA ASP A 144 -15.15 -7.55 25.84
C ASP A 144 -14.07 -8.58 26.12
N LEU A 145 -12.97 -8.12 26.72
CA LEU A 145 -11.81 -8.97 26.91
C LEU A 145 -12.04 -10.03 27.98
N TRP A 146 -12.89 -9.75 28.97
CA TRP A 146 -13.17 -10.76 29.97
C TRP A 146 -14.06 -11.86 29.43
N ARG A 147 -14.91 -11.54 28.45
CA ARG A 147 -15.71 -12.57 27.80
C ARG A 147 -14.84 -13.49 26.95
N GLU A 148 -13.82 -12.94 26.30
CA GLU A 148 -12.89 -13.75 25.53
C GLU A 148 -12.05 -14.64 26.43
N LEU A 149 -11.63 -14.11 27.58
CA LEU A 149 -10.90 -14.94 28.54
C LEU A 149 -11.81 -16.01 29.13
N CYS A 150 -13.10 -15.70 29.34
CA CYS A 150 -14.07 -16.70 29.77
C CYS A 150 -14.25 -17.80 28.72
N ALA A 151 -14.21 -17.43 27.44
CA ALA A 151 -14.32 -18.43 26.37
C ALA A 151 -13.13 -19.37 26.36
N VAL A 152 -11.92 -18.83 26.53
CA VAL A 152 -10.71 -19.66 26.55
C VAL A 152 -10.71 -20.60 27.77
N ILE A 153 -11.05 -20.07 28.94
CA ILE A 153 -11.04 -20.87 30.16
C ILE A 153 -12.14 -21.92 30.15
N ALA A 154 -13.31 -21.58 29.58
CA ALA A 154 -14.40 -22.53 29.45
C ALA A 154 -14.05 -23.68 28.52
N SER A 155 -13.38 -23.36 27.40
CA SER A 155 -12.96 -24.41 26.47
C SER A 155 -11.93 -25.33 27.11
N LEU A 156 -10.97 -24.78 27.85
CA LEU A 156 -9.98 -25.60 28.54
C LEU A 156 -10.62 -26.48 29.61
N ASP A 157 -11.62 -25.96 30.32
CA ASP A 157 -12.29 -26.73 31.36
C ASP A 157 -13.07 -27.89 30.77
N VAL A 158 -13.80 -27.66 29.69
CA VAL A 158 -14.61 -28.72 29.10
C VAL A 158 -13.73 -29.76 28.42
N TRP A 159 -12.60 -29.33 27.84
CA TRP A 159 -11.70 -30.31 27.22
C TRP A 159 -11.01 -31.18 28.27
N TYR A 160 -10.40 -30.58 29.28
CA TYR A 160 -9.61 -31.36 30.22
C TYR A 160 -10.40 -31.88 31.41
N GLN A 161 -11.68 -31.53 31.53
CA GLN A 161 -12.65 -32.03 32.51
C GLN A 161 -12.29 -31.70 33.96
N THR A 162 -11.19 -30.98 34.20
CA THR A 162 -10.75 -30.61 35.52
C THR A 162 -10.45 -29.12 35.51
N THR A 163 -10.28 -28.57 36.70
CA THR A 163 -10.01 -27.14 36.83
C THR A 163 -8.61 -26.84 37.36
N ASN A 164 -7.79 -27.85 37.62
CA ASN A 164 -6.45 -27.64 38.14
C ASN A 164 -5.41 -27.75 37.03
N TYR A 165 -5.26 -26.66 36.27
CA TYR A 165 -4.19 -26.50 35.31
C TYR A 165 -3.61 -25.10 35.51
N PRO A 166 -2.32 -24.89 35.20
CA PRO A 166 -1.62 -23.68 35.70
C PRO A 166 -2.13 -22.34 35.18
N LEU A 167 -2.88 -22.33 34.09
CA LEU A 167 -3.34 -21.05 33.55
C LEU A 167 -4.41 -20.44 34.44
N ARG A 168 -5.13 -21.27 35.21
CA ARG A 168 -6.05 -20.74 36.21
C ARG A 168 -5.32 -20.00 37.32
N THR A 169 -4.18 -20.55 37.77
CA THR A 169 -3.41 -19.87 38.80
C THR A 169 -2.74 -18.62 38.27
N TYR A 170 -2.36 -18.61 36.99
CA TYR A 170 -1.89 -17.35 36.39
C TYR A 170 -2.98 -16.29 36.33
N VAL A 171 -4.20 -16.68 35.92
CA VAL A 171 -5.31 -15.74 35.87
C VAL A 171 -5.65 -15.19 37.25
N LYS A 172 -5.61 -16.06 38.28
CA LYS A 172 -5.94 -15.61 39.62
C LYS A 172 -4.83 -14.76 40.22
N LEU A 173 -3.57 -15.10 39.97
CA LEU A 173 -2.48 -14.31 40.52
C LEU A 173 -2.28 -13.00 39.78
N LEU A 174 -2.76 -12.87 38.55
CA LEU A 174 -2.59 -11.61 37.84
C LEU A 174 -3.82 -10.70 37.87
N PHE A 175 -5.03 -11.25 38.03
CA PHE A 175 -6.21 -10.43 37.80
C PHE A 175 -7.22 -10.44 38.94
N HIS A 176 -6.97 -11.15 40.04
CA HIS A 176 -7.90 -11.17 41.16
C HIS A 176 -7.45 -10.11 42.15
N LYS A 177 -8.02 -8.92 42.03
CA LYS A 177 -7.73 -7.79 42.91
C LYS A 177 -9.08 -7.30 43.43
N GLY A 178 -9.56 -7.90 44.52
CA GLY A 178 -10.81 -7.49 45.11
C GLY A 178 -11.97 -8.37 44.68
N ASP A 179 -13.17 -7.77 44.73
CA ASP A 179 -14.39 -8.46 44.34
C ASP A 179 -14.96 -7.95 43.02
N GLU A 180 -14.20 -7.15 42.27
CA GLU A 180 -14.54 -6.81 40.90
C GLU A 180 -13.29 -6.96 40.04
N PHE A 181 -13.47 -6.79 38.73
CA PHE A 181 -12.34 -6.82 37.83
C PHE A 181 -11.49 -5.57 38.02
N PRO A 182 -10.16 -5.67 37.85
CA PRO A 182 -9.29 -4.51 38.09
C PRO A 182 -9.47 -3.38 37.09
N PHE A 183 -10.12 -3.64 35.97
CA PHE A 183 -10.36 -2.65 34.93
C PHE A 183 -11.52 -3.12 34.10
N TYR A 184 -11.98 -2.25 33.21
CA TYR A 184 -13.01 -2.61 32.23
C TYR A 184 -12.93 -1.61 31.09
N GLU A 185 -13.61 -1.93 30.00
CA GLU A 185 -13.68 -1.04 28.85
C GLU A 185 -15.13 -0.64 28.61
N SER A 186 -15.30 0.54 28.02
CA SER A 186 -16.62 1.02 27.67
C SER A 186 -16.58 1.46 26.20
N PRO A 187 -17.51 0.98 25.37
CA PRO A 187 -17.60 1.49 24.00
C PRO A 187 -18.15 2.90 23.91
N SER A 188 -18.77 3.41 24.97
CA SER A 188 -19.25 4.78 24.97
C SER A 188 -18.11 5.78 25.07
N GLN A 189 -17.09 5.46 25.86
CA GLN A 189 -15.94 6.35 26.02
C GLN A 189 -14.75 5.90 25.18
N ASP A 190 -14.76 4.65 24.70
CA ASP A 190 -13.71 4.05 23.87
C ASP A 190 -12.34 4.09 24.56
N LYS A 191 -12.34 3.63 25.80
CA LYS A 191 -11.10 3.52 26.56
C LYS A 191 -11.27 2.48 27.65
N ILE A 192 -10.14 2.09 28.23
CA ILE A 192 -10.12 1.14 29.33
C ILE A 192 -10.16 1.92 30.64
N ILE A 193 -11.24 1.80 31.38
CA ILE A 193 -11.35 2.45 32.67
C ILE A 193 -10.79 1.52 33.74
N PHE A 194 -9.83 2.03 34.52
CA PHE A 194 -9.26 1.29 35.63
C PHE A 194 -10.11 1.46 36.88
N ASN A 195 -10.36 0.36 37.58
CA ASN A 195 -10.97 0.44 38.90
C ASN A 195 -9.93 0.44 40.01
N ASP A 196 -8.93 -0.44 39.92
CA ASP A 196 -7.82 -0.50 40.86
C ASP A 196 -6.66 0.28 40.28
N LYS A 197 -6.31 1.40 40.91
CA LYS A 197 -5.19 2.20 40.45
C LYS A 197 -3.84 1.61 40.84
N SER A 198 -3.82 0.60 41.71
CA SER A 198 -2.55 0.05 42.17
C SER A 198 -2.00 -0.99 41.20
N VAL A 199 -2.75 -1.30 40.13
CA VAL A 199 -2.35 -2.37 39.23
C VAL A 199 -1.40 -1.80 38.18
N ALA A 200 -0.67 -2.68 37.50
CA ALA A 200 0.34 -2.27 36.54
C ALA A 200 -0.29 -1.72 35.26
N SER A 201 0.55 -1.06 34.45
CA SER A 201 0.06 -0.38 33.27
C SER A 201 -0.09 -1.33 32.09
N ILE A 202 0.83 -2.28 31.95
CA ILE A 202 0.80 -3.24 30.84
C ILE A 202 -0.13 -4.42 31.14
N LEU A 203 -0.76 -4.41 32.30
CA LEU A 203 -1.58 -5.53 32.74
C LEU A 203 -2.84 -5.82 31.91
N PRO A 204 -3.52 -4.86 31.25
CA PRO A 204 -4.64 -5.28 30.38
C PRO A 204 -4.24 -6.00 29.09
N THR A 205 -2.96 -6.09 28.75
CA THR A 205 -2.58 -6.88 27.58
C THR A 205 -2.42 -8.35 27.93
N PHE A 206 -2.29 -8.65 29.23
CA PHE A 206 -2.06 -10.03 29.62
C PHE A 206 -3.33 -10.86 29.61
N VAL A 207 -4.50 -10.23 29.53
CA VAL A 207 -5.71 -10.97 29.24
C VAL A 207 -5.61 -11.59 27.85
N TYR A 208 -5.13 -10.80 26.89
CA TYR A 208 -4.95 -11.30 25.53
C TYR A 208 -3.80 -12.29 25.45
N THR A 209 -2.76 -12.08 26.27
CA THR A 209 -1.64 -13.02 26.33
C THR A 209 -2.10 -14.38 26.86
N CYS A 210 -2.91 -14.38 27.93
CA CYS A 210 -3.49 -15.62 28.45
C CYS A 210 -4.43 -16.26 27.45
N CYS A 211 -5.17 -15.46 26.68
CA CYS A 211 -6.02 -16.01 25.62
C CYS A 211 -5.19 -16.71 24.55
N GLN A 212 -4.03 -16.14 24.19
CA GLN A 212 -3.19 -16.77 23.18
C GLN A 212 -2.52 -18.03 23.71
N VAL A 213 -2.11 -18.04 24.99
CA VAL A 213 -1.49 -19.23 25.55
C VAL A 213 -2.52 -20.35 25.69
N GLY A 214 -3.76 -20.01 26.03
CA GLY A 214 -4.82 -21.02 26.05
C GLY A 214 -5.19 -21.52 24.66
N THR A 215 -5.10 -20.65 23.65
CA THR A 215 -5.31 -21.09 22.27
C THR A 215 -4.19 -22.03 21.83
N ALA A 216 -2.97 -21.79 22.27
CA ALA A 216 -1.86 -22.68 21.95
C ALA A 216 -1.98 -24.02 22.65
N ILE A 217 -2.53 -24.05 23.86
CA ILE A 217 -2.78 -25.33 24.53
C ILE A 217 -3.90 -26.08 23.82
N MET A 218 -4.97 -25.37 23.44
CA MET A 218 -6.06 -25.99 22.68
C MET A 218 -5.60 -26.51 21.31
N SER A 219 -4.56 -25.90 20.76
CA SER A 219 -3.98 -26.30 19.49
C SER A 219 -3.15 -27.58 19.57
N GLY A 220 -2.73 -27.98 20.76
CA GLY A 220 -1.80 -29.07 20.88
C GLY A 220 -0.35 -28.67 20.71
N ILE A 221 -0.07 -27.37 20.63
CA ILE A 221 1.29 -26.89 20.46
C ILE A 221 2.01 -26.81 21.80
N LEU A 222 1.37 -26.23 22.80
CA LEU A 222 1.92 -26.14 24.14
C LEU A 222 1.22 -27.11 25.08
N THR A 223 1.98 -27.73 25.95
CA THR A 223 1.43 -28.48 27.06
C THR A 223 1.23 -27.53 28.24
N HIS A 224 0.89 -28.06 29.41
CA HIS A 224 0.67 -27.19 30.55
C HIS A 224 1.97 -26.70 31.15
N VAL A 225 3.00 -27.55 31.17
CA VAL A 225 4.29 -27.14 31.69
C VAL A 225 4.95 -26.16 30.72
N GLU A 226 4.75 -26.38 29.43
CA GLU A 226 5.22 -25.43 28.43
C GLU A 226 4.46 -24.11 28.50
N SER A 227 3.19 -24.15 28.93
CA SER A 227 2.48 -22.90 29.17
C SER A 227 3.04 -22.15 30.36
N ILE A 228 3.52 -22.89 31.38
CA ILE A 228 4.22 -22.25 32.49
C ILE A 228 5.46 -21.54 32.00
N VAL A 229 6.26 -22.23 31.17
CA VAL A 229 7.49 -21.66 30.62
C VAL A 229 7.20 -20.42 29.77
N ALA A 230 6.13 -20.48 28.97
CA ALA A 230 5.72 -19.36 28.13
C ALA A 230 5.31 -18.15 28.95
N MET A 231 4.44 -18.36 29.95
CA MET A 231 3.96 -17.24 30.77
C MET A 231 5.06 -16.63 31.62
N ASN A 232 5.99 -17.47 32.11
CA ASN A 232 7.14 -16.93 32.85
C ASN A 232 8.02 -16.07 31.95
N HIS A 233 8.21 -16.49 30.70
CA HIS A 233 9.00 -15.69 29.78
C HIS A 233 8.30 -14.38 29.41
N PHE A 234 6.98 -14.40 29.26
CA PHE A 234 6.28 -13.16 28.93
C PHE A 234 6.31 -12.17 30.09
N LEU A 235 6.17 -12.65 31.33
CA LEU A 235 6.30 -11.75 32.47
C LEU A 235 7.73 -11.24 32.65
N HIS A 236 8.73 -12.08 32.32
CA HIS A 236 10.11 -11.60 32.33
C HIS A 236 10.34 -10.51 31.30
N CYS A 237 9.72 -10.62 30.13
CA CYS A 237 9.87 -9.56 29.14
C CYS A 237 9.11 -8.31 29.56
N ALA A 238 8.03 -8.47 30.32
CA ALA A 238 7.27 -7.33 30.82
C ALA A 238 7.85 -6.71 32.08
N LYS A 239 8.96 -7.27 32.60
CA LYS A 239 9.60 -6.73 33.79
C LYS A 239 10.04 -5.28 33.63
N ASP A 240 10.49 -4.88 32.44
CA ASP A 240 10.82 -3.48 32.17
C ASP A 240 9.92 -2.87 31.11
N SER A 241 9.92 -3.43 29.91
CA SER A 241 9.09 -2.94 28.82
C SER A 241 8.78 -4.13 27.93
N TYR A 242 7.50 -4.46 27.81
CA TYR A 242 7.11 -5.76 27.29
C TYR A 242 7.34 -5.86 25.79
N ILE A 243 6.91 -4.86 25.03
CA ILE A 243 7.00 -4.91 23.58
C ILE A 243 8.44 -4.75 23.11
N ASP A 244 9.21 -3.90 23.80
CA ASP A 244 10.61 -3.69 23.42
C ASP A 244 11.45 -4.94 23.66
N GLU A 245 11.21 -5.63 24.78
CA GLU A 245 11.96 -6.84 25.05
C GLU A 245 11.50 -7.99 24.16
N LYS A 246 10.22 -8.03 23.79
CA LYS A 246 9.77 -9.02 22.82
C LYS A 246 10.42 -8.80 21.46
N LEU A 247 10.50 -7.56 20.99
CA LEU A 247 11.13 -7.27 19.72
C LEU A 247 12.64 -7.46 19.76
N LYS A 248 13.26 -7.39 20.93
CA LYS A 248 14.72 -7.47 20.95
C LYS A 248 15.22 -8.91 20.85
N ILE A 249 14.47 -9.90 21.33
CA ILE A 249 14.93 -11.28 21.30
C ILE A 249 14.02 -12.14 20.42
N LYS A 250 13.38 -11.50 19.45
CA LYS A 250 12.39 -12.18 18.60
C LYS A 250 13.04 -13.20 17.67
N GLY A 251 14.28 -12.97 17.25
CA GLY A 251 14.93 -13.87 16.31
C GLY A 251 15.84 -14.88 16.96
N ILE A 252 16.39 -14.55 18.13
CA ILE A 252 17.28 -15.46 18.84
C ILE A 252 16.52 -16.68 19.33
N GLY A 253 15.31 -16.47 19.84
CA GLY A 253 14.49 -17.56 20.33
C GLY A 253 13.88 -18.45 19.27
N ARG A 254 14.12 -18.17 18.00
CA ARG A 254 13.62 -18.97 16.90
C ARG A 254 14.71 -19.66 16.08
N SER A 255 15.86 -19.02 15.90
CA SER A 255 16.85 -19.42 14.91
C SER A 255 17.71 -20.61 15.33
N TRP A 256 17.41 -21.24 16.46
CA TRP A 256 18.13 -22.43 16.92
C TRP A 256 17.80 -23.69 16.15
N TYR A 257 16.72 -23.68 15.36
CA TYR A 257 16.19 -24.92 14.79
C TYR A 257 17.10 -25.49 13.72
N GLN A 258 17.92 -24.64 13.10
CA GLN A 258 18.88 -25.10 12.12
C GLN A 258 19.98 -25.91 12.79
N GLU A 259 20.45 -25.46 13.96
CA GLU A 259 21.42 -26.24 14.72
C GLU A 259 20.81 -27.53 15.27
N ALA A 260 19.55 -27.47 15.69
CA ALA A 260 18.87 -28.68 16.17
C ALA A 260 18.74 -29.72 15.06
N LEU A 261 18.35 -29.28 13.87
CA LEU A 261 18.18 -30.18 12.75
C LEU A 261 19.52 -30.66 12.21
N HIS A 262 20.59 -29.86 12.38
CA HIS A 262 21.95 -30.34 12.16
C HIS A 262 22.30 -31.49 13.09
N ASN A 263 22.04 -31.32 14.39
CA ASN A 263 22.39 -32.39 15.33
C ASN A 263 21.46 -33.60 15.26
N VAL A 264 20.32 -33.51 14.57
CA VAL A 264 19.51 -34.71 14.31
C VAL A 264 20.29 -35.72 13.47
N GLY A 265 20.91 -35.26 12.39
CA GLY A 265 21.77 -36.11 11.58
C GLY A 265 21.12 -36.79 10.41
N ARG A 266 20.04 -37.53 10.60
CA ARG A 266 19.39 -38.24 9.51
C ARG A 266 17.91 -37.93 9.56
N ALA A 267 17.29 -37.78 8.38
CA ALA A 267 15.85 -37.63 8.32
C ALA A 267 15.35 -38.39 7.09
N THR A 268 14.26 -39.10 7.27
CA THR A 268 13.56 -39.75 6.18
C THR A 268 12.37 -38.87 5.77
N VAL A 269 12.52 -38.21 4.63
CA VAL A 269 11.67 -37.09 4.22
C VAL A 269 10.94 -37.51 2.95
N PRO A 270 9.81 -36.89 2.63
CA PRO A 270 9.16 -37.19 1.34
C PRO A 270 9.88 -36.50 0.19
N VAL A 271 9.55 -36.97 -1.02
CA VAL A 271 10.17 -36.48 -2.25
C VAL A 271 9.07 -36.00 -3.18
N TRP A 272 9.20 -34.76 -3.66
CA TRP A 272 8.20 -34.13 -4.51
C TRP A 272 8.63 -34.12 -5.96
N SER A 273 7.68 -34.38 -6.83
CA SER A 273 7.87 -34.30 -8.27
C SER A 273 7.85 -32.85 -8.75
N GLN A 274 8.11 -32.67 -10.05
CA GLN A 274 7.92 -31.38 -10.67
C GLN A 274 6.45 -31.02 -10.73
N PHE A 275 5.60 -32.03 -10.93
CA PHE A 275 4.18 -31.84 -11.18
C PHE A 275 3.35 -32.05 -9.92
N ASN A 276 3.77 -31.42 -8.81
CA ASN A 276 2.98 -31.28 -7.57
C ASN A 276 2.55 -32.62 -6.97
N GLU A 277 3.43 -33.62 -6.98
CA GLU A 277 3.07 -34.96 -6.52
C GLU A 277 4.15 -35.51 -5.60
N VAL A 278 3.73 -36.24 -4.58
CA VAL A 278 4.66 -36.97 -3.72
C VAL A 278 4.94 -38.31 -4.40
N ILE A 279 6.18 -38.49 -4.85
CA ILE A 279 6.54 -39.66 -5.65
C ILE A 279 7.37 -40.68 -4.87
N GLY A 280 7.99 -40.30 -3.77
CA GLY A 280 8.70 -41.27 -2.96
C GLY A 280 9.19 -40.64 -1.69
N HIS A 281 10.02 -41.38 -0.98
CA HIS A 281 10.70 -40.87 0.19
C HIS A 281 12.13 -41.37 0.18
N ARG A 282 13.04 -40.55 0.67
CA ARG A 282 14.44 -40.89 0.74
C ARG A 282 14.91 -40.70 2.18
N THR A 283 16.11 -41.17 2.46
CA THR A 283 16.74 -40.98 3.76
C THR A 283 18.01 -40.18 3.53
N LYS A 284 18.00 -38.93 3.96
CA LYS A 284 19.08 -38.01 3.67
C LYS A 284 19.78 -37.59 4.95
N THR A 285 20.92 -36.93 4.80
CA THR A 285 21.61 -36.33 5.92
C THR A 285 21.12 -34.90 6.12
N THR A 286 21.10 -34.45 7.36
CA THR A 286 20.67 -33.09 7.68
C THR A 286 21.78 -32.27 8.31
N SER A 287 23.02 -32.76 8.20
CA SER A 287 24.16 -31.97 8.64
C SER A 287 24.37 -30.79 7.70
N GLU A 288 24.98 -29.73 8.20
CA GLU A 288 25.11 -28.47 7.50
C GLU A 288 26.55 -28.26 7.05
N PRO A 289 26.78 -27.42 6.03
CA PRO A 289 28.15 -27.11 5.63
C PRO A 289 28.86 -26.25 6.66
N HIS A 290 30.16 -26.08 6.46
CA HIS A 290 31.02 -25.52 7.51
C HIS A 290 30.82 -24.02 7.68
N PHE A 291 30.38 -23.32 6.63
CA PHE A 291 30.08 -21.91 6.76
C PHE A 291 28.75 -21.65 7.45
N VAL A 292 27.92 -22.67 7.60
CA VAL A 292 26.71 -22.57 8.41
C VAL A 292 27.02 -22.87 9.87
N SER A 293 27.89 -23.85 10.11
CA SER A 293 28.26 -24.22 11.47
C SER A 293 29.16 -23.20 12.16
N SER A 294 29.67 -22.20 11.42
CA SER A 294 30.42 -21.13 12.05
C SER A 294 29.50 -20.09 12.68
N THR A 295 28.27 -19.97 12.19
CA THR A 295 27.29 -19.05 12.77
C THR A 295 26.74 -19.55 14.09
N PHE A 296 26.88 -20.86 14.36
CA PHE A 296 26.32 -21.45 15.56
C PHE A 296 27.00 -20.93 16.82
N ILE A 297 28.28 -20.57 16.72
CA ILE A 297 29.02 -20.06 17.88
C ILE A 297 28.47 -18.71 18.33
N SER A 298 28.27 -17.80 17.38
CA SER A 298 27.71 -16.50 17.68
C SER A 298 26.27 -16.61 18.17
N LEU A 299 25.50 -17.54 17.60
CA LEU A 299 24.12 -17.72 18.06
C LEU A 299 24.07 -18.30 19.48
N ARG A 300 24.97 -19.23 19.81
CA ARG A 300 25.01 -19.79 21.17
C ARG A 300 25.40 -18.74 22.19
N ALA A 301 26.43 -17.94 21.89
CA ALA A 301 26.88 -16.92 22.83
C ALA A 301 25.83 -15.83 23.03
N LYS A 302 25.22 -15.37 21.94
CA LYS A 302 24.17 -14.35 22.03
C LYS A 302 22.92 -14.89 22.71
N ARG A 303 22.65 -16.19 22.54
CA ARG A 303 21.51 -16.81 23.18
C ARG A 303 21.73 -16.94 24.68
N ALA A 304 22.96 -17.26 25.08
CA ALA A 304 23.24 -17.39 26.50
C ALA A 304 23.27 -16.03 27.19
N GLU A 305 23.71 -14.99 26.51
CA GLU A 305 23.75 -13.68 27.18
C GLU A 305 22.45 -12.90 27.08
N LEU A 306 21.58 -13.21 26.13
CA LEU A 306 20.35 -12.43 25.96
C LEU A 306 19.11 -13.04 26.59
N LEU A 307 18.93 -14.35 26.53
CA LEU A 307 17.63 -14.90 26.85
C LEU A 307 17.44 -15.17 28.35
N TYR A 308 16.18 -15.23 28.74
CA TYR A 308 15.80 -15.68 30.06
C TYR A 308 16.17 -17.13 30.24
N PRO A 309 16.89 -17.50 31.31
CA PRO A 309 17.54 -18.82 31.36
C PRO A 309 16.60 -20.01 31.47
N GLU A 310 15.34 -19.82 31.86
CA GLU A 310 14.38 -20.92 31.77
C GLU A 310 14.04 -21.23 30.32
N PHE A 311 13.84 -20.18 29.52
CA PHE A 311 13.58 -20.35 28.09
C PHE A 311 14.84 -20.82 27.36
N ASN A 312 16.01 -20.34 27.79
CA ASN A 312 17.26 -20.82 27.24
C ASN A 312 17.48 -22.30 27.57
N GLU A 313 17.08 -22.71 28.76
CA GLU A 313 17.24 -24.10 29.14
C GLU A 313 16.25 -24.98 28.39
N TYR A 314 15.07 -24.44 28.08
CA TYR A 314 14.13 -25.16 27.21
C TYR A 314 14.70 -25.32 25.79
N ILE A 315 15.38 -24.29 25.28
CA ILE A 315 15.97 -24.37 23.95
C ILE A 315 17.11 -25.39 23.93
N ASN A 316 17.93 -25.44 24.99
CA ASN A 316 19.00 -26.44 25.02
C ASN A 316 18.44 -27.85 25.17
N ARG A 317 17.33 -27.98 25.89
CA ARG A 317 16.57 -29.23 25.95
C ARG A 317 16.09 -29.66 24.58
N ALA A 318 15.60 -28.71 23.78
CA ALA A 318 15.15 -29.02 22.42
C ALA A 318 16.32 -29.36 21.51
N LEU A 319 17.47 -28.74 21.74
CA LEU A 319 18.69 -29.08 21.00
C LEU A 319 19.13 -30.52 21.29
N ARG A 320 18.96 -30.97 22.53
CA ARG A 320 19.49 -32.28 22.88
C ARG A 320 18.50 -33.41 22.60
N LEU A 321 17.23 -33.25 22.99
CA LEU A 321 16.30 -34.36 23.05
C LEU A 321 15.52 -34.58 21.76
N SER A 322 15.97 -34.00 20.65
CA SER A 322 15.32 -34.18 19.36
C SER A 322 16.03 -35.26 18.58
N LYS A 323 15.26 -36.17 17.98
CA LYS A 323 15.80 -37.30 17.23
C LYS A 323 15.28 -37.41 15.81
N THR A 324 14.09 -36.91 15.53
CA THR A 324 13.52 -36.89 14.20
C THR A 324 13.40 -35.44 13.73
N GLN A 325 12.95 -35.27 12.49
CA GLN A 325 12.64 -33.94 12.01
C GLN A 325 11.35 -33.43 12.65
N ASN A 326 10.43 -34.34 12.99
CA ASN A 326 9.19 -33.93 13.62
C ASN A 326 9.41 -33.43 15.03
N ASP A 327 10.48 -33.90 15.69
CA ASP A 327 10.83 -33.39 17.01
C ASP A 327 11.22 -31.92 16.95
N VAL A 328 12.05 -31.57 15.96
CA VAL A 328 12.48 -30.19 15.77
C VAL A 328 11.30 -29.33 15.36
N ALA A 329 10.38 -29.89 14.56
CA ALA A 329 9.18 -29.15 14.17
C ALA A 329 8.28 -28.85 15.35
N ASN A 330 8.12 -29.82 16.27
CA ASN A 330 7.25 -29.61 17.42
C ASN A 330 7.85 -28.62 18.40
N TYR A 331 9.16 -28.74 18.69
CA TYR A 331 9.77 -27.75 19.57
C TYR A 331 9.83 -26.36 18.93
N TYR A 332 9.95 -26.29 17.61
CA TYR A 332 9.95 -25.00 16.94
C TYR A 332 8.59 -24.33 17.01
N ALA A 333 7.51 -25.08 16.83
CA ALA A 333 6.18 -24.51 17.01
C ALA A 333 5.94 -24.08 18.45
N ALA A 334 6.49 -24.83 19.42
CA ALA A 334 6.40 -24.43 20.81
C ALA A 334 7.13 -23.11 21.06
N CYS A 335 8.32 -22.93 20.49
CA CYS A 335 9.03 -21.67 20.67
C CYS A 335 8.38 -20.52 19.91
N ARG A 336 7.67 -20.81 18.81
CA ARG A 336 6.86 -19.78 18.15
C ARG A 336 5.72 -19.34 19.07
N ALA A 337 5.12 -20.28 19.80
CA ALA A 337 4.10 -19.91 20.76
C ALA A 337 4.69 -19.21 21.98
N MET A 338 5.96 -19.47 22.28
CA MET A 338 6.59 -18.87 23.46
C MET A 338 7.12 -17.47 23.20
N THR A 339 7.47 -17.13 21.96
CA THR A 339 8.01 -15.81 21.68
C THR A 339 6.99 -14.84 21.07
N ASN A 340 6.05 -15.33 20.28
CA ASN A 340 5.02 -14.47 19.71
C ASN A 340 3.81 -14.44 20.64
N ASP A 341 3.16 -13.28 20.66
CA ASP A 341 2.11 -12.98 21.62
C ASP A 341 0.72 -13.04 21.02
N GLY A 342 0.58 -12.82 19.72
CA GLY A 342 -0.71 -12.76 19.08
C GLY A 342 -1.28 -11.37 18.96
N THR A 343 -1.02 -10.50 19.93
CA THR A 343 -1.56 -9.15 19.90
C THR A 343 -0.90 -8.32 18.81
N PHE A 344 -1.64 -7.33 18.30
CA PHE A 344 -1.05 -6.42 17.35
C PHE A 344 -0.31 -5.33 18.12
N LEU A 345 0.92 -5.07 17.70
CA LEU A 345 1.83 -4.20 18.44
C LEU A 345 1.54 -2.76 18.04
N ALA A 346 1.17 -1.92 19.02
CA ALA A 346 0.74 -0.57 18.71
C ALA A 346 0.98 0.37 19.88
N THR A 347 1.55 1.53 19.57
CA THR A 347 1.61 2.67 20.49
C THR A 347 1.43 3.95 19.67
N LEU A 348 1.83 5.07 20.28
CA LEU A 348 1.85 6.35 19.60
C LEU A 348 2.82 6.32 18.43
N THR A 349 2.38 6.82 17.28
CA THR A 349 3.21 6.80 16.09
C THR A 349 4.37 7.78 16.15
N GLU A 350 4.34 8.75 17.07
CA GLU A 350 5.52 9.59 17.28
C GLU A 350 6.66 8.78 17.88
N LEU A 351 6.35 7.69 18.58
CA LEU A 351 7.39 6.86 19.19
C LEU A 351 8.00 5.88 18.21
N SER A 352 7.20 5.38 17.26
CA SER A 352 7.66 4.39 16.29
C SER A 352 8.04 5.00 14.95
N LEU A 353 7.87 6.31 14.80
CA LEU A 353 8.12 6.96 13.52
C LEU A 353 9.60 7.00 13.19
N ASP A 354 10.46 7.10 14.21
CA ASP A 354 11.89 7.18 13.95
C ASP A 354 12.49 5.81 13.63
N ALA A 355 11.74 4.73 13.86
CA ALA A 355 12.20 3.40 13.54
C ALA A 355 11.47 2.79 12.35
N ALA A 356 10.34 3.35 11.95
CA ALA A 356 9.61 2.79 10.84
C ALA A 356 9.96 3.44 9.50
N VAL A 357 10.20 4.75 9.50
CA VAL A 357 10.23 5.52 8.26
C VAL A 357 11.43 6.45 8.17
N PHE A 358 12.33 6.44 9.15
CA PHE A 358 13.48 7.35 9.08
C PHE A 358 14.54 6.73 8.17
N PRO A 359 15.11 7.50 7.24
CA PRO A 359 16.04 6.92 6.27
C PRO A 359 17.39 6.61 6.88
N ARG A 360 18.13 5.71 6.22
CA ARG A 360 19.44 5.31 6.71
C ARG A 360 20.35 4.91 5.56
N ILE A 361 21.64 5.01 5.84
CA ILE A 361 22.71 4.72 4.88
C ILE A 361 23.56 3.55 5.34
N GLU A 362 23.69 2.54 4.50
CA GLU A 362 24.46 1.36 4.85
C GLU A 362 25.53 0.97 3.84
N GLN A 363 26.69 0.57 4.36
CA GLN A 363 27.84 0.04 3.60
C GLN A 363 28.67 0.98 2.72
N ARG A 364 28.00 1.73 1.86
CA ARG A 364 28.67 2.60 0.88
C ARG A 364 27.67 3.44 0.11
N LEU A 365 28.22 4.46 -0.55
CA LEU A 365 27.41 5.40 -1.29
C LEU A 365 27.23 4.95 -2.74
N VAL A 366 26.04 5.16 -3.28
CA VAL A 366 25.71 4.81 -4.65
C VAL A 366 25.87 6.06 -5.50
N THR A 367 26.61 5.95 -6.59
CA THR A 367 26.89 7.09 -7.46
C THR A 367 25.85 7.17 -8.58
N ARG A 368 26.11 8.02 -9.57
CA ARG A 368 25.14 8.41 -10.58
C ARG A 368 25.48 7.84 -11.95
N PRO A 369 24.49 7.67 -12.82
CA PRO A 369 24.77 7.38 -14.22
C PRO A 369 25.16 8.65 -14.96
N ALA A 370 25.99 8.47 -15.98
CA ALA A 370 26.35 9.59 -16.84
C ALA A 370 25.15 10.01 -17.67
N VAL A 371 24.82 11.29 -17.61
CA VAL A 371 23.65 11.84 -18.29
C VAL A 371 24.02 12.07 -19.74
N LEU A 372 23.31 11.41 -20.66
CA LEU A 372 23.63 11.49 -22.08
C LEU A 372 22.79 12.53 -22.82
N MET A 373 21.50 12.62 -22.50
CA MET A 373 20.60 13.59 -23.10
C MET A 373 19.89 14.33 -21.97
N SER A 374 19.64 15.63 -22.17
CA SER A 374 19.21 16.45 -21.06
C SER A 374 18.27 17.55 -21.51
N ASN A 375 17.31 17.87 -20.64
CA ASN A 375 16.33 18.92 -20.82
C ASN A 375 17.01 20.29 -20.78
N THR A 376 16.27 21.33 -21.15
CA THR A 376 16.78 22.70 -21.04
C THR A 376 16.85 23.18 -19.59
N ARG A 377 16.14 22.53 -18.68
CA ARG A 377 16.35 22.72 -17.24
C ARG A 377 17.48 21.87 -16.70
N HIS A 378 18.27 21.25 -17.59
CA HIS A 378 19.36 20.33 -17.28
C HIS A 378 18.88 19.09 -16.54
N GLU A 379 17.64 18.70 -16.76
CA GLU A 379 17.07 17.49 -16.18
C GLU A 379 17.25 16.32 -17.15
N SER A 380 17.46 15.14 -16.60
CA SER A 380 17.91 14.00 -17.41
C SER A 380 16.77 13.37 -18.18
N LEU A 381 17.02 13.11 -19.46
CA LEU A 381 16.14 12.36 -20.34
C LEU A 381 16.71 11.02 -20.75
N LYS A 382 18.02 10.85 -20.69
CA LYS A 382 18.69 9.62 -21.10
C LYS A 382 20.00 9.52 -20.36
N GLN A 383 20.31 8.34 -19.85
CA GLN A 383 21.45 8.18 -18.98
C GLN A 383 21.93 6.74 -18.98
N LYS A 384 23.18 6.54 -18.59
CA LYS A 384 23.85 5.26 -18.72
C LYS A 384 24.96 5.20 -17.69
N TYR A 385 25.21 4.00 -17.17
CA TYR A 385 26.22 3.81 -16.13
C TYR A 385 27.59 3.52 -16.72
N ALA A 386 28.61 4.12 -16.10
CA ALA A 386 29.98 3.85 -16.51
C ALA A 386 30.43 2.47 -16.04
N ASN A 387 30.42 2.26 -14.73
CA ASN A 387 30.78 0.98 -14.13
C ASN A 387 30.27 0.98 -12.69
N GLY A 388 30.05 -0.22 -12.16
CA GLY A 388 29.52 -0.33 -10.81
C GLY A 388 28.25 -1.15 -10.75
N VAL A 389 27.43 -0.96 -9.72
CA VAL A 389 26.24 -1.79 -9.56
C VAL A 389 25.13 -1.35 -10.50
N GLY A 390 25.11 -0.08 -10.90
CA GLY A 390 24.14 0.36 -11.88
C GLY A 390 24.37 -0.27 -13.23
N SER A 391 25.64 -0.42 -13.61
CA SER A 391 26.00 -1.09 -14.85
C SER A 391 25.63 -2.57 -14.79
N ILE A 392 25.77 -3.18 -13.62
CA ILE A 392 25.48 -4.61 -13.46
C ILE A 392 23.97 -4.87 -13.51
N ALA A 393 23.17 -3.99 -12.91
CA ALA A 393 21.73 -4.14 -13.03
C ALA A 393 21.25 -3.85 -14.44
N GLN A 394 21.82 -2.84 -15.10
CA GLN A 394 21.38 -2.50 -16.44
C GLN A 394 21.83 -3.50 -17.48
N SER A 395 22.90 -4.27 -17.23
CA SER A 395 23.32 -5.29 -18.18
C SER A 395 22.27 -6.39 -18.34
N TYR A 396 21.48 -6.64 -17.30
CA TYR A 396 20.36 -7.56 -17.42
C TYR A 396 19.07 -6.85 -17.81
N LEU A 397 18.82 -5.65 -17.29
CA LEU A 397 17.53 -5.00 -17.54
C LEU A 397 17.43 -4.38 -18.93
N SER A 398 18.55 -4.02 -19.57
CA SER A 398 18.49 -3.33 -20.85
C SER A 398 18.12 -4.25 -22.00
N SER A 399 18.10 -5.55 -21.80
CA SER A 399 17.65 -6.48 -22.82
C SER A 399 16.14 -6.64 -22.86
N PHE A 400 15.41 -6.01 -21.95
CA PHE A 400 13.96 -6.11 -21.88
C PHE A 400 13.24 -4.87 -22.39
N THR A 401 13.97 -3.80 -22.73
CA THR A 401 13.34 -2.49 -22.91
C THR A 401 12.50 -2.41 -24.18
N ASP A 402 12.91 -3.10 -25.25
CA ASP A 402 12.19 -2.96 -26.51
C ASP A 402 10.87 -3.74 -26.52
N GLU A 403 10.87 -4.93 -25.94
CA GLU A 403 9.62 -5.69 -25.77
C GLU A 403 8.65 -4.97 -24.84
N ILE A 404 9.15 -4.40 -23.75
CA ILE A 404 8.30 -3.65 -22.82
C ILE A 404 7.75 -2.40 -23.48
N ALA A 405 8.55 -1.73 -24.33
CA ALA A 405 8.04 -0.55 -25.02
C ALA A 405 6.98 -0.89 -26.05
N LYS A 406 7.15 -2.03 -26.74
CA LYS A 406 6.11 -2.54 -27.62
C LYS A 406 4.83 -2.87 -26.87
N ARG A 407 4.95 -3.39 -25.64
CA ARG A 407 3.76 -3.66 -24.84
C ARG A 407 3.09 -2.39 -24.34
N VAL A 408 3.89 -1.37 -23.99
CA VAL A 408 3.37 -0.12 -23.47
C VAL A 408 2.65 0.67 -24.56
N ASN A 409 3.10 0.54 -25.81
CA ASN A 409 2.45 1.25 -26.91
C ASN A 409 1.01 0.81 -27.16
N GLY A 410 0.63 -0.40 -26.74
CA GLY A 410 -0.70 -0.90 -27.00
C GLY A 410 -1.67 -0.77 -25.85
N ILE A 411 -1.43 0.18 -24.96
CA ILE A 411 -2.27 0.40 -23.78
C ILE A 411 -2.83 1.81 -23.84
N HIS A 412 -4.14 1.94 -23.63
CA HIS A 412 -4.77 3.23 -23.43
C HIS A 412 -4.62 3.58 -21.95
N HIS A 413 -3.87 4.63 -21.66
CA HIS A 413 -3.42 4.88 -20.31
C HIS A 413 -4.40 5.71 -19.48
N ASP A 414 -5.32 6.42 -20.14
CA ASP A 414 -6.34 7.15 -19.41
C ASP A 414 -7.37 6.21 -18.80
N GLU A 415 -7.84 5.24 -19.60
CA GLU A 415 -8.74 4.22 -19.08
C GLU A 415 -8.05 3.35 -18.05
N ALA A 416 -6.74 3.16 -18.17
CA ALA A 416 -5.98 2.43 -17.17
C ALA A 416 -5.90 3.20 -15.86
N TRP A 417 -5.75 4.52 -15.93
CA TRP A 417 -5.74 5.35 -14.71
C TRP A 417 -7.11 5.35 -14.03
N LEU A 418 -8.18 5.44 -14.81
CA LEU A 418 -9.51 5.36 -14.22
C LEU A 418 -9.81 3.99 -13.61
N ASN A 419 -9.34 2.91 -14.25
CA ASN A 419 -9.50 1.59 -13.65
C ASN A 419 -8.63 1.40 -12.42
N PHE A 420 -7.49 2.08 -12.38
CA PHE A 420 -6.63 2.04 -11.21
C PHE A 420 -7.27 2.77 -10.04
N LEU A 421 -8.04 3.82 -10.32
CA LEU A 421 -8.75 4.50 -9.24
C LEU A 421 -9.96 3.71 -8.78
N THR A 422 -10.73 3.14 -9.71
CA THR A 422 -11.91 2.36 -9.31
C THR A 422 -11.52 1.03 -8.69
N THR A 423 -10.39 0.46 -9.10
CA THR A 423 -9.98 -0.86 -8.65
C THR A 423 -8.52 -0.83 -8.23
N SER A 424 -8.27 -1.17 -6.96
CA SER A 424 -6.94 -1.46 -6.41
C SER A 424 -6.00 -0.25 -6.49
N SER A 425 -6.43 0.85 -5.88
CA SER A 425 -5.52 1.94 -5.56
C SER A 425 -4.66 1.52 -4.37
N PRO A 426 -3.40 1.96 -4.29
CA PRO A 426 -2.46 1.31 -3.35
C PRO A 426 -2.71 1.66 -1.89
N GLY A 427 -3.01 2.92 -1.60
CA GLY A 427 -3.37 3.27 -0.24
C GLY A 427 -4.80 2.92 0.09
N ARG A 428 -5.62 2.71 -0.96
CA ARG A 428 -7.04 2.28 -0.99
C ARG A 428 -7.96 3.42 -0.54
N LYS A 429 -7.42 4.54 -0.06
CA LYS A 429 -8.21 5.57 0.59
C LYS A 429 -7.33 6.82 0.64
N LEU A 430 -7.97 7.98 0.78
CA LEU A 430 -7.27 9.23 1.02
C LEU A 430 -6.98 9.48 2.49
N THR A 431 -7.20 8.47 3.35
CA THR A 431 -6.87 8.37 4.78
C THR A 431 -7.72 9.27 5.68
N GLU A 432 -8.49 10.17 5.10
CA GLU A 432 -9.34 11.11 5.83
C GLU A 432 -10.28 11.76 4.82
N ILE A 433 -11.42 12.22 5.33
CA ILE A 433 -12.42 12.88 4.49
C ILE A 433 -11.99 14.33 4.28
N GLU A 434 -11.92 14.75 3.02
CA GLU A 434 -11.41 16.06 2.68
C GLU A 434 -12.46 16.89 1.97
N LYS A 435 -12.25 18.20 2.00
CA LYS A 435 -13.13 19.16 1.35
C LYS A 435 -12.77 19.28 -0.13
N LEU A 436 -13.78 19.38 -0.98
CA LEU A 436 -13.61 19.32 -2.43
C LEU A 436 -14.23 20.57 -3.06
N GLU A 437 -13.40 21.57 -3.37
CA GLU A 437 -13.85 22.80 -4.00
C GLU A 437 -12.98 23.10 -5.22
N VAL A 438 -13.60 23.64 -6.27
CA VAL A 438 -12.90 23.94 -7.51
C VAL A 438 -12.97 25.43 -7.83
N GLY A 439 -14.16 25.94 -8.10
CA GLY A 439 -14.30 27.31 -8.57
C GLY A 439 -14.78 28.25 -7.50
N GLY A 440 -14.25 28.10 -6.29
CA GLY A 440 -14.71 28.87 -5.15
C GLY A 440 -15.97 28.33 -4.51
N ASP A 441 -16.38 27.11 -4.82
CA ASP A 441 -17.58 26.52 -4.27
C ASP A 441 -17.29 25.06 -3.97
N VAL A 442 -17.63 24.62 -2.76
CA VAL A 442 -17.36 23.25 -2.36
C VAL A 442 -18.35 22.31 -3.06
N ALA A 443 -17.86 21.12 -3.39
CA ALA A 443 -18.67 20.14 -4.10
C ALA A 443 -19.12 19.00 -3.19
N ALA A 444 -18.18 18.36 -2.48
CA ALA A 444 -18.54 17.27 -1.60
C ALA A 444 -17.50 17.14 -0.49
N TRP A 445 -17.82 16.32 0.49
CA TRP A 445 -16.87 15.80 1.47
C TRP A 445 -16.72 14.31 1.22
N SER A 446 -15.51 13.87 0.93
CA SER A 446 -15.30 12.47 0.59
C SER A 446 -13.85 12.10 0.86
N ASN A 447 -13.61 10.79 0.94
CA ASN A 447 -12.27 10.25 1.06
C ASN A 447 -11.94 9.26 -0.04
N SER A 448 -12.81 9.09 -1.03
CA SER A 448 -12.53 8.19 -2.13
C SER A 448 -11.79 8.93 -3.23
N ARG A 449 -10.90 8.22 -3.91
CA ARG A 449 -10.13 8.83 -4.99
C ARG A 449 -10.97 9.06 -6.22
N ILE A 450 -12.05 8.29 -6.39
CA ILE A 450 -12.82 8.43 -7.62
C ILE A 450 -13.77 9.63 -7.55
N VAL A 451 -14.25 10.00 -6.37
CA VAL A 451 -15.04 11.23 -6.25
C VAL A 451 -14.13 12.45 -6.34
N MET A 452 -12.93 12.34 -5.77
CA MET A 452 -11.91 13.37 -5.92
C MET A 452 -11.51 13.57 -7.38
N GLN A 453 -11.48 12.49 -8.15
CA GLN A 453 -11.16 12.61 -9.57
C GLN A 453 -12.35 13.15 -10.36
N ALA A 454 -13.57 12.81 -9.93
CA ALA A 454 -14.76 13.34 -10.60
C ALA A 454 -14.97 14.82 -10.32
N VAL A 455 -14.46 15.32 -9.20
CA VAL A 455 -14.64 16.73 -8.86
C VAL A 455 -13.69 17.61 -9.66
N PHE A 456 -12.41 17.23 -9.73
CA PHE A 456 -11.39 18.01 -10.43
C PHE A 456 -11.15 17.51 -11.84
N ALA A 457 -12.18 17.00 -12.51
CA ALA A 457 -12.02 16.44 -13.84
C ALA A 457 -11.81 17.50 -14.91
N ARG A 458 -12.14 18.76 -14.61
CA ARG A 458 -11.95 19.82 -15.59
C ARG A 458 -10.49 20.19 -15.78
N GLU A 459 -9.61 19.76 -14.88
CA GLU A 459 -8.19 20.07 -14.98
C GLU A 459 -7.33 18.82 -15.09
N TYR A 460 -7.91 17.73 -15.59
CA TYR A 460 -7.13 16.52 -15.84
C TYR A 460 -6.11 16.71 -16.95
N ARG A 461 -6.39 17.58 -17.91
CA ARG A 461 -5.51 17.84 -19.04
C ARG A 461 -4.67 19.09 -18.85
N THR A 462 -4.71 19.70 -17.68
CA THR A 462 -4.05 20.97 -17.42
C THR A 462 -2.70 20.74 -16.77
N PRO A 463 -1.61 21.30 -17.31
CA PRO A 463 -0.28 20.97 -16.78
C PRO A 463 0.02 21.57 -15.41
N GLU A 464 -0.71 22.59 -14.97
CA GLU A 464 -0.43 23.21 -13.68
C GLU A 464 -0.91 22.37 -12.51
N ARG A 465 -1.70 21.33 -12.77
CA ARG A 465 -2.14 20.41 -11.73
C ARG A 465 -0.98 19.70 -11.06
N ILE A 466 0.05 19.34 -11.84
CA ILE A 466 1.21 18.62 -11.32
C ILE A 466 2.03 19.52 -10.40
N PHE A 467 2.24 20.76 -10.82
CA PHE A 467 3.01 21.68 -9.99
C PHE A 467 2.22 22.11 -8.77
N LYS A 468 0.90 22.15 -8.87
CA LYS A 468 0.07 22.38 -7.70
C LYS A 468 0.20 21.23 -6.71
N SER A 469 0.32 20.00 -7.20
CA SER A 469 0.51 18.86 -6.31
C SER A 469 1.88 18.83 -5.67
N LEU A 470 2.89 19.41 -6.31
CA LEU A 470 4.22 19.48 -5.67
C LEU A 470 4.28 20.39 -4.45
N LYS A 471 3.21 21.14 -4.16
CA LYS A 471 3.16 22.05 -3.04
C LYS A 471 2.57 21.40 -1.79
N ALA A 472 1.77 20.34 -1.94
CA ALA A 472 1.02 19.62 -0.92
C ALA A 472 1.89 18.60 -0.21
N PRO A 473 1.67 18.38 1.09
CA PRO A 473 2.49 17.40 1.81
C PRO A 473 1.98 15.98 1.63
N ILE A 474 2.87 15.03 1.92
CA ILE A 474 2.58 13.61 1.83
C ILE A 474 2.16 13.13 3.20
N LYS A 475 0.96 12.56 3.30
CA LYS A 475 0.38 12.21 4.59
C LYS A 475 0.96 10.91 5.11
N LEU A 476 0.84 10.72 6.43
CA LEU A 476 1.33 9.55 7.11
C LEU A 476 0.18 8.89 7.86
N VAL A 477 0.09 7.57 7.75
CA VAL A 477 -0.94 6.81 8.47
C VAL A 477 -0.31 5.50 8.94
N GLU A 478 -0.61 5.11 10.17
CA GLU A 478 0.09 4.01 10.81
C GLU A 478 -0.61 2.68 10.54
N ARG A 479 -0.04 1.60 11.06
CA ARG A 479 -0.50 0.25 10.78
C ARG A 479 -0.34 -0.60 12.04
N GLN A 480 -1.08 -1.70 12.10
CA GLN A 480 -0.81 -2.77 13.05
C GLN A 480 -0.61 -4.08 12.30
N GLN A 481 0.35 -4.87 12.76
CA GLN A 481 0.34 -6.31 12.57
C GLN A 481 1.16 -6.93 13.68
N SER A 482 0.84 -8.17 14.00
CA SER A 482 1.47 -8.85 15.12
C SER A 482 2.90 -9.25 14.75
N ASP A 483 3.72 -9.39 15.80
CA ASP A 483 5.11 -9.82 15.72
C ASP A 483 5.98 -8.87 14.88
N ARG A 484 5.61 -7.59 14.84
CA ARG A 484 6.25 -6.65 13.94
C ARG A 484 6.00 -5.24 14.46
N ARG A 485 6.85 -4.30 14.03
CA ARG A 485 6.75 -2.91 14.45
C ARG A 485 5.53 -2.23 13.81
N GLN A 486 5.42 -0.91 14.01
CA GLN A 486 4.15 -0.25 13.71
C GLN A 486 3.99 0.09 12.23
N ARG A 487 5.09 0.35 11.51
CA ARG A 487 5.11 0.40 10.03
C ARG A 487 4.19 1.51 9.48
N ALA A 488 4.62 2.74 9.69
CA ALA A 488 3.91 3.90 9.15
C ALA A 488 3.92 3.90 7.62
N ILE A 489 2.74 3.88 7.01
CA ILE A 489 2.58 3.84 5.56
C ILE A 489 2.13 5.22 5.09
N SER A 490 2.57 5.62 3.90
CA SER A 490 2.31 6.96 3.42
C SER A 490 1.05 7.01 2.57
N GLY A 491 0.45 8.19 2.52
CA GLY A 491 -0.70 8.43 1.68
C GLY A 491 -0.54 9.75 0.96
N LEU A 492 -0.87 9.77 -0.32
CA LEU A 492 -0.66 10.94 -1.16
C LEU A 492 -1.83 11.11 -2.11
N ASP A 493 -2.00 12.34 -2.59
CA ASP A 493 -3.17 12.72 -3.37
C ASP A 493 -3.12 12.10 -4.77
N ASN A 494 -4.17 12.35 -5.56
CA ASN A 494 -4.30 11.71 -6.86
C ASN A 494 -3.25 12.16 -7.86
N ASP A 495 -2.64 13.31 -7.67
CA ASP A 495 -1.71 13.78 -8.68
C ASP A 495 -0.27 13.34 -8.43
N ARG A 496 0.16 13.28 -7.16
CA ARG A 496 1.38 12.56 -6.85
C ARG A 496 1.24 11.08 -7.13
N LEU A 497 0.03 10.53 -6.98
CA LEU A 497 -0.21 9.15 -7.39
C LEU A 497 -0.16 9.03 -8.90
N PHE A 498 -0.55 10.09 -9.60
CA PHE A 498 -0.53 10.08 -11.07
C PHE A 498 0.88 10.17 -11.61
N LEU A 499 1.79 10.85 -10.90
CA LEU A 499 3.17 10.93 -11.37
C LEU A 499 3.88 9.59 -11.29
N SER A 500 3.50 8.74 -10.34
CA SER A 500 4.11 7.44 -10.22
C SER A 500 3.38 6.35 -10.99
N PHE A 501 2.49 6.73 -11.90
CA PHE A 501 1.67 5.70 -12.55
C PHE A 501 2.34 5.12 -13.78
N MET A 502 2.99 5.96 -14.58
CA MET A 502 3.71 5.44 -15.75
C MET A 502 4.99 4.68 -15.40
N PRO A 503 5.80 5.02 -14.37
CA PRO A 503 6.83 4.06 -13.93
C PRO A 503 6.30 2.73 -13.47
N TYR A 504 5.14 2.73 -12.79
CA TYR A 504 4.48 1.48 -12.43
C TYR A 504 4.04 0.68 -13.64
N THR A 505 3.48 1.37 -14.64
CA THR A 505 3.00 0.69 -15.84
C THR A 505 4.14 0.10 -16.64
N ILE A 506 5.29 0.79 -16.67
CA ILE A 506 6.45 0.27 -17.39
C ILE A 506 7.04 -0.92 -16.66
N GLY A 507 7.31 -0.79 -15.35
CA GLY A 507 7.90 -1.89 -14.61
C GLY A 507 6.99 -3.07 -14.37
N LYS A 508 5.68 -2.90 -14.55
CA LYS A 508 4.73 -4.00 -14.41
C LYS A 508 4.82 -4.97 -15.57
N GLN A 509 5.33 -4.54 -16.72
CA GLN A 509 5.33 -5.39 -17.91
C GLN A 509 6.40 -6.47 -17.87
N ILE A 510 7.42 -6.33 -17.00
CA ILE A 510 8.50 -7.30 -16.97
C ILE A 510 8.10 -8.59 -16.28
N TYR A 511 6.98 -8.60 -15.55
CA TYR A 511 6.50 -9.83 -14.93
C TYR A 511 6.03 -10.85 -15.95
N ASP A 512 5.61 -10.41 -17.13
CA ASP A 512 5.18 -11.30 -18.18
C ASP A 512 6.33 -11.77 -19.05
N LEU A 513 7.57 -11.44 -18.70
CA LEU A 513 8.72 -11.76 -19.53
C LEU A 513 9.72 -12.65 -18.82
N ASN A 514 9.53 -12.91 -17.53
CA ASN A 514 10.43 -13.75 -16.76
C ASN A 514 9.61 -14.69 -15.89
N ASP A 515 10.32 -15.48 -15.09
CA ASP A 515 9.72 -16.35 -14.08
C ASP A 515 10.33 -16.11 -12.71
N ASN A 516 10.90 -14.95 -12.47
CA ASN A 516 11.59 -14.69 -11.20
C ASN A 516 10.86 -13.66 -10.34
N ALA A 517 9.53 -13.72 -10.34
CA ALA A 517 8.71 -12.97 -9.40
C ALA A 517 7.63 -13.90 -8.89
N ALA A 518 7.04 -13.54 -7.75
CA ALA A 518 6.13 -14.43 -7.04
C ALA A 518 4.68 -13.97 -7.06
N GLN A 519 4.33 -13.02 -7.94
CA GLN A 519 2.96 -12.50 -7.99
C GLN A 519 1.96 -13.52 -8.51
N GLY A 520 2.38 -14.49 -9.31
CA GLY A 520 1.44 -15.38 -9.94
C GLY A 520 0.86 -16.45 -9.03
N LYS A 521 1.40 -16.61 -7.83
CA LYS A 521 1.01 -17.72 -6.94
C LYS A 521 0.66 -17.17 -5.56
N GLN A 522 -0.59 -16.73 -5.41
CA GLN A 522 -1.25 -16.58 -4.10
C GLN A 522 -2.66 -17.12 -4.28
N ALA A 523 -2.81 -18.43 -4.07
CA ALA A 523 -4.10 -19.09 -4.22
C ALA A 523 -4.64 -19.64 -2.91
N GLY A 524 -3.87 -19.56 -1.83
CA GLY A 524 -4.34 -20.02 -0.53
C GLY A 524 -4.24 -21.50 -0.30
N ASN A 525 -3.69 -22.26 -1.23
CA ASN A 525 -3.53 -23.69 -1.07
C ASN A 525 -2.07 -24.10 -1.28
N ALA A 526 -1.81 -25.39 -1.43
CA ALA A 526 -0.45 -25.88 -1.55
C ALA A 526 0.20 -25.61 -2.91
N PHE A 527 -0.46 -24.93 -3.85
CA PHE A 527 0.22 -24.55 -5.08
C PHE A 527 1.22 -23.43 -4.86
N ASP A 528 1.10 -22.68 -3.76
CA ASP A 528 1.98 -21.54 -3.51
C ASP A 528 3.37 -21.99 -3.13
N ILE A 529 3.50 -23.16 -2.52
CA ILE A 529 4.76 -23.66 -1.99
C ILE A 529 5.31 -24.80 -2.83
N GLY A 530 4.80 -24.97 -4.05
CA GLY A 530 5.17 -26.13 -4.85
C GLY A 530 6.59 -26.11 -5.35
N GLU A 531 7.13 -24.94 -5.67
CA GLU A 531 8.51 -24.85 -6.11
C GLU A 531 9.48 -25.09 -4.96
N MET A 532 9.13 -24.65 -3.76
CA MET A 532 9.97 -24.94 -2.61
C MET A 532 9.91 -26.41 -2.23
N LEU A 533 8.71 -27.00 -2.32
CA LEU A 533 8.54 -28.42 -2.10
C LEU A 533 9.31 -29.26 -3.13
N TYR A 534 9.43 -28.77 -4.37
CA TYR A 534 10.25 -29.47 -5.35
C TYR A 534 11.73 -29.28 -5.05
N TRP A 535 12.19 -28.05 -4.89
CA TRP A 535 13.62 -27.80 -4.76
C TRP A 535 14.18 -28.15 -3.39
N THR A 536 13.36 -28.53 -2.43
CA THR A 536 13.90 -28.98 -1.16
C THR A 536 13.96 -30.50 -1.09
N SER A 537 13.33 -31.19 -2.04
CA SER A 537 13.50 -32.62 -2.24
C SER A 537 14.73 -32.97 -3.07
N GLN A 538 15.52 -31.97 -3.45
CA GLN A 538 16.67 -32.19 -4.30
C GLN A 538 17.93 -32.34 -3.45
N ARG A 539 18.98 -32.81 -4.09
CA ARG A 539 20.27 -33.01 -3.45
C ARG A 539 21.32 -32.12 -4.10
N ASN A 540 22.41 -31.90 -3.37
CA ASN A 540 23.48 -30.94 -3.70
C ASN A 540 22.91 -29.54 -3.96
N VAL A 541 22.00 -29.12 -3.11
CA VAL A 541 21.30 -27.85 -3.27
C VAL A 541 21.57 -26.97 -2.05
N LEU A 542 21.82 -25.69 -2.32
CA LEU A 542 22.04 -24.70 -1.27
C LEU A 542 20.91 -23.69 -1.29
N LEU A 543 20.18 -23.59 -0.20
CA LEU A 543 19.03 -22.72 -0.09
C LEU A 543 19.46 -21.41 0.54
N SER A 544 18.86 -20.30 0.09
CA SER A 544 19.24 -18.98 0.58
C SER A 544 18.00 -18.12 0.73
N SER A 545 17.58 -17.90 1.96
CA SER A 545 16.51 -16.94 2.27
C SER A 545 17.15 -15.62 2.73
N ILE A 546 17.83 -14.98 1.80
CA ILE A 546 18.56 -13.75 2.11
C ILE A 546 17.58 -12.63 2.44
N ASP A 547 17.86 -11.92 3.54
CA ASP A 547 16.94 -10.94 4.10
C ASP A 547 17.62 -9.58 4.13
N VAL A 548 16.96 -8.58 3.54
CA VAL A 548 17.44 -7.21 3.55
C VAL A 548 16.70 -6.47 4.65
N ALA A 549 17.43 -6.04 5.67
CA ALA A 549 16.81 -5.40 6.83
C ALA A 549 16.45 -3.96 6.48
N GLY A 550 15.16 -3.65 6.43
CA GLY A 550 14.69 -2.29 6.28
C GLY A 550 14.96 -1.69 4.92
N MET A 551 14.25 -2.18 3.90
CA MET A 551 14.61 -1.82 2.54
C MET A 551 14.10 -0.45 2.13
N ASP A 552 12.88 -0.08 2.57
CA ASP A 552 12.31 1.21 2.19
C ASP A 552 13.08 2.37 2.78
N ALA A 553 13.67 2.21 3.96
CA ALA A 553 14.52 3.24 4.51
C ALA A 553 15.92 3.21 3.92
N SER A 554 16.29 2.14 3.24
CA SER A 554 17.64 2.01 2.70
C SER A 554 17.78 2.53 1.28
N VAL A 555 16.68 2.61 0.53
CA VAL A 555 16.73 3.10 -0.85
C VAL A 555 16.96 4.60 -0.82
N THR A 556 18.13 5.05 -1.23
CA THR A 556 18.44 6.46 -1.27
C THR A 556 17.90 7.07 -2.56
N THR A 557 18.30 8.31 -2.86
CA THR A 557 17.86 8.94 -4.09
C THR A 557 18.61 8.36 -5.29
N ASN A 558 19.91 8.10 -5.09
CA ASN A 558 20.72 7.49 -6.13
C ASN A 558 20.31 6.04 -6.38
N THR A 559 19.79 5.36 -5.38
CA THR A 559 19.29 4.00 -5.59
C THR A 559 18.01 4.03 -6.42
N LYS A 560 17.19 5.05 -6.23
CA LYS A 560 16.03 5.28 -7.10
C LYS A 560 16.44 5.55 -8.54
N ASP A 561 17.61 6.17 -8.72
CA ASP A 561 18.07 6.46 -10.07
C ASP A 561 18.40 5.21 -10.90
N ILE A 562 18.68 4.07 -10.25
CA ILE A 562 18.95 2.82 -10.99
C ILE A 562 17.71 2.35 -11.73
N TYR A 563 16.57 2.34 -11.05
CA TYR A 563 15.29 2.05 -11.68
C TYR A 563 14.88 3.15 -12.64
N ASN A 564 15.28 4.40 -12.35
CA ASN A 564 14.95 5.51 -13.25
C ASN A 564 15.62 5.37 -14.60
N THR A 565 16.84 4.81 -14.65
CA THR A 565 17.50 4.58 -15.93
C THR A 565 16.72 3.59 -16.80
N PHE A 566 16.24 2.51 -16.19
CA PHE A 566 15.42 1.52 -16.89
C PHE A 566 14.12 2.13 -17.40
N VAL A 567 13.47 2.94 -16.55
CA VAL A 567 12.23 3.61 -16.94
C VAL A 567 12.46 4.59 -18.07
N LEU A 568 13.58 5.33 -18.03
CA LEU A 568 13.86 6.28 -19.09
C LEU A 568 14.27 5.60 -20.39
N ASP A 569 14.90 4.43 -20.32
CA ASP A 569 15.19 3.66 -21.53
C ASP A 569 13.91 3.21 -22.22
N VAL A 570 12.99 2.63 -21.45
CA VAL A 570 11.73 2.17 -22.04
C VAL A 570 10.90 3.35 -22.52
N ALA A 571 10.94 4.47 -21.78
CA ALA A 571 10.17 5.64 -22.17
C ALA A 571 10.73 6.31 -23.42
N SER A 572 12.05 6.25 -23.62
CA SER A 572 12.61 6.80 -24.84
C SER A 572 12.31 5.91 -26.03
N LYS A 573 12.29 4.59 -25.84
CA LYS A 573 12.05 3.71 -26.98
C LYS A 573 10.59 3.68 -27.45
N CYS A 574 9.64 4.07 -26.62
CA CYS A 574 8.24 3.86 -26.97
C CYS A 574 7.70 5.03 -27.81
N THR A 575 6.42 4.93 -28.16
CA THR A 575 5.73 5.97 -28.95
C THR A 575 4.33 6.12 -28.35
N VAL A 576 4.21 6.97 -27.36
CA VAL A 576 2.94 7.17 -26.64
C VAL A 576 2.60 8.65 -26.64
N PRO A 577 1.61 9.10 -27.40
CA PRO A 577 1.10 10.46 -27.20
C PRO A 577 -0.06 10.46 -26.22
N ARG A 578 -0.29 11.63 -25.63
CA ARG A 578 -1.48 11.94 -24.83
C ARG A 578 -1.58 11.03 -23.60
N PHE A 579 -0.66 11.22 -22.66
CA PHE A 579 -0.81 10.50 -21.40
C PHE A 579 -1.64 11.28 -20.39
N GLY A 580 -1.15 12.43 -19.94
CA GLY A 580 -1.91 13.16 -18.95
C GLY A 580 -2.33 14.51 -19.48
N PRO A 581 -1.68 15.56 -18.94
CA PRO A 581 -1.67 16.85 -19.62
C PRO A 581 -0.60 16.95 -20.69
N TYR A 582 0.11 15.86 -20.96
CA TYR A 582 1.27 15.85 -21.84
C TYR A 582 0.87 15.35 -23.22
N TYR A 583 1.63 15.79 -24.21
CA TYR A 583 1.41 15.41 -25.60
C TYR A 583 2.73 15.44 -26.32
N ALA A 584 2.86 14.60 -27.34
CA ALA A 584 4.13 14.43 -28.04
C ALA A 584 4.45 15.65 -28.88
N LYS A 585 5.69 16.12 -28.81
CA LYS A 585 6.09 17.34 -29.48
C LYS A 585 7.60 17.40 -29.60
N ASN A 586 8.08 18.28 -30.49
CA ASN A 586 9.50 18.57 -30.57
C ASN A 586 9.91 19.46 -29.42
N MET A 587 11.11 19.20 -28.90
CA MET A 587 11.52 19.74 -27.62
C MET A 587 13.00 20.09 -27.69
N GLU A 588 13.35 21.28 -27.23
CA GLU A 588 14.75 21.68 -27.20
C GLU A 588 15.49 20.88 -26.13
N VAL A 589 16.69 20.42 -26.45
CA VAL A 589 17.32 19.37 -25.67
C VAL A 589 18.83 19.53 -25.72
N PHE A 590 19.51 19.02 -24.70
CA PHE A 590 20.97 19.03 -24.66
C PHE A 590 21.51 17.61 -24.79
N GLU A 591 22.72 17.51 -25.32
CA GLU A 591 23.39 16.23 -25.49
C GLU A 591 24.86 16.37 -25.13
N VAL A 592 25.43 15.28 -24.62
CA VAL A 592 26.86 15.26 -24.29
C VAL A 592 27.68 15.24 -25.56
N GLY A 593 28.65 16.15 -25.65
CA GLY A 593 29.44 16.32 -26.84
C GLY A 593 29.00 17.52 -27.63
N LYS A 594 27.69 17.71 -27.71
CA LYS A 594 27.16 18.82 -28.49
C LYS A 594 27.13 20.07 -27.63
N ARG A 595 27.79 21.12 -28.11
CA ARG A 595 27.83 22.38 -27.37
C ARG A 595 26.52 23.15 -27.45
N GLN A 596 25.83 23.12 -28.58
CA GLN A 596 24.56 23.80 -28.75
C GLN A 596 23.41 22.87 -28.36
N SER A 597 22.19 23.38 -28.43
CA SER A 597 21.00 22.63 -28.08
C SER A 597 20.36 22.03 -29.32
N GLN A 598 19.93 20.79 -29.21
CA GLN A 598 19.35 20.05 -30.33
C GLN A 598 17.83 20.04 -30.18
N VAL A 599 17.15 19.52 -31.19
CA VAL A 599 15.70 19.38 -31.15
C VAL A 599 15.35 17.92 -31.40
N LYS A 600 14.69 17.29 -30.44
CA LYS A 600 14.27 15.91 -30.57
C LYS A 600 12.76 15.81 -30.37
N TYR A 601 12.19 14.76 -30.93
CA TYR A 601 10.78 14.46 -30.77
C TYR A 601 10.60 13.62 -29.51
N VAL A 602 9.86 14.15 -28.55
CA VAL A 602 9.69 13.52 -27.25
C VAL A 602 8.22 13.20 -27.05
N ASN A 603 7.92 11.93 -26.77
CA ASN A 603 6.52 11.55 -26.58
C ASN A 603 6.05 11.89 -25.16
N ALA A 604 4.79 11.58 -24.87
CA ALA A 604 4.17 12.04 -23.63
C ALA A 604 4.69 11.29 -22.41
N ALA A 605 4.88 9.98 -22.56
CA ALA A 605 5.29 9.15 -21.43
C ALA A 605 6.69 9.48 -20.96
N TRP A 606 7.58 9.85 -21.88
CA TRP A 606 8.95 10.17 -21.51
C TRP A 606 9.03 11.56 -20.86
N GLN A 607 8.11 12.46 -21.23
CA GLN A 607 7.95 13.71 -20.51
C GLN A 607 7.48 13.48 -19.08
N ALA A 608 6.48 12.59 -18.90
CA ALA A 608 5.96 12.31 -17.57
C ALA A 608 7.00 11.63 -16.69
N CYS A 609 7.73 10.66 -17.25
CA CYS A 609 8.72 9.94 -16.47
C CYS A 609 9.92 10.83 -16.12
N ALA A 610 10.33 11.71 -17.04
CA ALA A 610 11.44 12.60 -16.74
C ALA A 610 11.05 13.66 -15.73
N LEU A 611 9.81 14.15 -15.79
CA LEU A 611 9.37 15.14 -14.82
C LEU A 611 9.16 14.52 -13.45
N GLU A 612 8.77 13.25 -13.40
CA GLU A 612 8.70 12.58 -12.10
C GLU A 612 10.08 12.32 -11.53
N ALA A 613 11.01 11.83 -12.36
CA ALA A 613 12.34 11.51 -11.89
C ALA A 613 13.14 12.74 -11.50
N ALA A 614 12.84 13.90 -12.06
CA ALA A 614 13.59 15.10 -11.74
C ALA A 614 13.03 15.87 -10.56
N ASN A 615 11.81 15.57 -10.11
CA ASN A 615 11.16 16.30 -9.02
C ASN A 615 10.75 15.27 -7.97
N SER A 616 11.68 14.91 -7.10
CA SER A 616 11.47 13.80 -6.17
C SER A 616 11.50 14.32 -4.74
N GLN A 617 10.41 14.09 -4.01
CA GLN A 617 10.33 14.46 -2.60
C GLN A 617 9.59 13.34 -1.87
N THR A 618 10.27 12.70 -0.94
CA THR A 618 9.74 11.52 -0.26
C THR A 618 9.09 11.85 1.07
N SER A 619 9.55 12.91 1.74
CA SER A 619 9.35 13.13 3.17
C SER A 619 7.89 13.24 3.57
N THR A 620 7.44 12.29 4.38
CA THR A 620 6.08 12.28 4.88
C THR A 620 5.94 13.25 6.04
N SER A 621 4.76 13.86 6.12
CA SER A 621 4.44 14.82 7.16
C SER A 621 3.33 14.24 8.02
N TYR A 622 3.57 14.15 9.32
CA TYR A 622 2.57 13.68 10.27
C TYR A 622 2.11 14.83 11.14
N GLU A 623 0.80 14.91 11.36
CA GLU A 623 0.20 15.95 12.19
C GLU A 623 -0.01 15.38 13.59
N SER A 624 0.80 15.84 14.54
CA SER A 624 0.77 15.30 15.89
C SER A 624 0.01 16.21 16.84
N GLU A 625 -0.62 15.60 17.84
CA GLU A 625 -1.28 16.37 18.88
C GLU A 625 -0.28 16.95 19.87
N ILE A 626 0.86 16.32 20.04
CA ILE A 626 1.90 16.87 20.91
C ILE A 626 2.63 18.00 20.20
N PHE A 627 3.30 17.67 19.09
CA PHE A 627 4.31 18.54 18.51
C PHE A 627 3.82 19.35 17.33
N GLY A 628 2.58 19.16 16.91
CA GLY A 628 2.04 19.95 15.79
C GLY A 628 2.18 19.20 14.47
N GLN A 629 3.10 19.66 13.63
CA GLN A 629 3.34 19.06 12.33
C GLN A 629 4.78 18.56 12.27
N VAL A 630 4.94 17.25 12.14
CA VAL A 630 6.24 16.59 12.17
C VAL A 630 6.57 16.10 10.77
N LYS A 631 7.74 16.47 10.27
CA LYS A 631 8.20 16.06 8.96
C LYS A 631 9.32 15.04 9.10
N ASN A 632 9.61 14.34 8.01
CA ASN A 632 10.63 13.31 8.01
C ASN A 632 11.84 13.80 7.23
N ALA A 633 12.99 13.15 7.45
CA ALA A 633 14.11 13.35 6.55
C ALA A 633 13.84 12.63 5.23
N GLU A 634 14.59 13.00 4.20
CA GLU A 634 14.31 12.57 2.85
C GLU A 634 15.23 11.42 2.46
N GLY A 635 14.77 10.57 1.55
CA GLY A 635 15.58 9.46 1.10
C GLY A 635 15.08 8.13 1.61
N THR A 636 13.78 8.05 1.85
CA THR A 636 13.08 6.82 2.17
C THR A 636 12.42 6.38 0.88
N TYR A 637 11.55 5.38 0.93
CA TYR A 637 10.69 5.11 -0.20
C TYR A 637 9.25 5.13 0.30
N PRO A 638 8.33 5.84 -0.38
CA PRO A 638 7.07 6.21 0.27
C PRO A 638 6.13 5.05 0.54
N SER A 639 6.10 4.05 -0.34
CA SER A 639 5.43 2.76 -0.17
C SER A 639 3.90 2.82 -0.11
N GLY A 640 3.33 4.01 -0.21
CA GLY A 640 1.91 4.17 -0.45
C GLY A 640 1.74 4.66 -1.87
N ARG A 641 2.66 4.24 -2.70
CA ARG A 641 2.87 4.75 -4.04
C ARG A 641 2.43 3.68 -5.04
N ALA A 642 2.32 4.07 -6.31
CA ALA A 642 1.84 3.12 -7.31
C ALA A 642 2.89 2.06 -7.63
N ASP A 643 4.14 2.47 -7.77
CA ASP A 643 5.23 1.56 -8.18
C ASP A 643 6.05 1.06 -7.00
N THR A 644 5.45 0.81 -5.84
CA THR A 644 6.28 0.51 -4.68
C THR A 644 6.79 -0.94 -4.68
N SER A 645 5.94 -1.91 -5.01
CA SER A 645 6.41 -3.29 -5.02
C SER A 645 7.21 -3.61 -6.27
N THR A 646 6.81 -3.01 -7.41
CA THR A 646 7.51 -3.25 -8.66
C THR A 646 8.91 -2.70 -8.66
N HIS A 647 9.15 -1.59 -7.94
CA HIS A 647 10.49 -1.02 -7.85
C HIS A 647 11.46 -2.00 -7.20
N HIS A 648 11.11 -2.50 -6.02
CA HIS A 648 12.01 -3.41 -5.32
C HIS A 648 12.15 -4.74 -6.03
N THR A 649 11.06 -5.22 -6.67
CA THR A 649 11.12 -6.46 -7.42
C THR A 649 12.05 -6.36 -8.62
N VAL A 650 11.89 -5.29 -9.42
CA VAL A 650 12.71 -5.08 -10.61
C VAL A 650 14.16 -4.86 -10.22
N LEU A 651 14.42 -4.06 -9.18
CA LEU A 651 15.79 -3.77 -8.78
C LEU A 651 16.50 -5.00 -8.25
N LEU A 652 15.82 -5.82 -7.45
CA LEU A 652 16.50 -6.99 -6.89
C LEU A 652 16.72 -8.07 -7.94
N GLN A 653 15.76 -8.27 -8.85
CA GLN A 653 15.98 -9.26 -9.90
C GLN A 653 17.05 -8.78 -10.88
N GLY A 654 17.16 -7.47 -11.06
CA GLY A 654 18.21 -6.94 -11.92
C GLY A 654 19.59 -7.13 -11.32
N LEU A 655 19.74 -6.85 -10.02
CA LEU A 655 21.02 -7.05 -9.36
C LEU A 655 21.45 -8.51 -9.35
N VAL A 656 20.52 -9.42 -9.08
CA VAL A 656 20.88 -10.84 -9.00
C VAL A 656 21.22 -11.41 -10.38
N ARG A 657 20.34 -11.20 -11.36
CA ARG A 657 20.59 -11.77 -12.68
C ARG A 657 21.75 -11.07 -13.40
N GLY A 658 21.96 -9.78 -13.14
CA GLY A 658 23.13 -9.13 -13.68
C GLY A 658 24.41 -9.56 -13.01
N ASN A 659 24.34 -9.97 -11.75
CA ASN A 659 25.53 -10.56 -11.12
C ASN A 659 25.84 -11.91 -11.74
N GLU A 660 24.81 -12.66 -12.14
CA GLU A 660 25.02 -13.91 -12.87
C GLU A 660 25.74 -13.65 -14.19
N LEU A 661 25.29 -12.64 -14.94
CA LEU A 661 25.95 -12.27 -16.20
C LEU A 661 27.37 -11.75 -15.97
N LYS A 662 27.58 -11.00 -14.89
CA LYS A 662 28.89 -10.45 -14.59
C LYS A 662 29.89 -11.53 -14.21
N ARG A 663 29.44 -12.52 -13.44
CA ARG A 663 30.28 -13.68 -13.14
C ARG A 663 30.58 -14.49 -14.40
N ALA A 664 29.62 -14.56 -15.32
CA ALA A 664 29.88 -15.23 -16.59
C ALA A 664 30.95 -14.50 -17.39
N SER A 665 30.90 -13.17 -17.42
CA SER A 665 31.89 -12.41 -18.18
C SER A 665 33.24 -12.34 -17.47
N ASP A 666 33.32 -12.60 -16.17
CA ASP A 666 34.59 -12.69 -15.48
C ASP A 666 35.20 -14.08 -15.53
N GLY A 667 34.54 -15.05 -16.15
CA GLY A 667 35.06 -16.39 -16.25
C GLY A 667 34.64 -17.34 -15.15
N LYS A 668 33.49 -17.10 -14.52
CA LYS A 668 33.02 -17.94 -13.44
C LYS A 668 31.64 -18.50 -13.77
N ASN A 669 31.38 -19.71 -13.30
CA ASN A 669 30.12 -20.35 -13.61
C ASN A 669 28.99 -19.76 -12.77
N SER A 670 27.77 -20.15 -13.12
CA SER A 670 26.62 -19.88 -12.28
C SER A 670 26.02 -21.21 -11.84
N CYS A 671 25.68 -21.29 -10.57
CA CYS A 671 24.98 -22.45 -10.04
C CYS A 671 23.54 -22.12 -9.66
N LEU A 672 23.09 -20.92 -10.01
CA LEU A 672 21.78 -20.43 -9.61
C LEU A 672 20.69 -21.09 -10.45
N THR A 673 19.72 -21.70 -9.79
CA THR A 673 18.63 -22.36 -10.50
C THR A 673 17.42 -21.46 -10.67
N THR A 674 16.81 -21.02 -9.57
CA THR A 674 15.68 -20.10 -9.61
C THR A 674 15.85 -19.06 -8.51
N ILE A 675 15.22 -17.90 -8.75
CA ILE A 675 15.01 -16.91 -7.71
C ILE A 675 13.53 -16.51 -7.75
N LYS A 676 12.98 -16.18 -6.58
CA LYS A 676 11.63 -15.64 -6.47
C LYS A 676 11.66 -14.40 -5.59
N ILE A 677 11.08 -13.31 -6.09
CA ILE A 677 11.13 -12.01 -5.44
C ILE A 677 9.74 -11.40 -5.41
N LEU A 678 9.35 -10.82 -4.26
CA LEU A 678 8.11 -10.04 -4.18
C LEU A 678 8.35 -8.71 -3.48
N GLY A 679 9.58 -8.20 -3.49
CA GLY A 679 9.86 -6.93 -2.87
C GLY A 679 10.21 -7.16 -1.42
N ASP A 680 11.48 -6.94 -1.06
CA ASP A 680 12.13 -7.15 0.22
C ASP A 680 12.24 -8.64 0.60
N ASP A 681 11.65 -9.54 -0.18
CA ASP A 681 11.77 -10.99 0.02
C ASP A 681 12.46 -11.60 -1.19
N ILE A 682 13.69 -12.05 -1.00
CA ILE A 682 14.44 -12.74 -2.04
C ILE A 682 14.56 -14.20 -1.61
N MET A 683 14.42 -15.11 -2.57
CA MET A 683 14.58 -16.54 -2.31
C MET A 683 15.49 -17.13 -3.38
N GLU A 684 16.75 -17.38 -3.04
CA GLU A 684 17.74 -17.89 -3.99
C GLU A 684 17.97 -19.37 -3.76
N ILE A 685 18.02 -20.12 -4.86
CA ILE A 685 18.29 -21.56 -4.82
C ILE A 685 19.48 -21.84 -5.73
N PHE A 686 20.56 -22.37 -5.14
CA PHE A 686 21.77 -22.71 -5.87
C PHE A 686 21.92 -24.23 -5.86
N GLN A 687 22.47 -24.78 -6.93
CA GLN A 687 22.72 -26.22 -6.99
C GLN A 687 24.09 -26.50 -7.59
N GLY A 688 24.87 -27.32 -6.89
CA GLY A 688 26.19 -27.71 -7.36
C GLY A 688 27.06 -28.23 -6.24
N ASN A 689 28.34 -27.89 -6.25
CA ASN A 689 29.24 -28.21 -5.15
C ASN A 689 29.14 -27.14 -4.08
N GLU A 690 29.69 -27.44 -2.90
CA GLU A 690 29.66 -26.47 -1.83
C GLU A 690 30.56 -25.28 -2.12
N ASN A 691 31.64 -25.49 -2.86
CA ASN A 691 32.55 -24.40 -3.20
C ASN A 691 31.89 -23.40 -4.14
N ASP A 692 31.27 -23.89 -5.22
CA ASP A 692 30.67 -23.01 -6.20
C ASP A 692 29.44 -22.30 -5.66
N THR A 693 28.61 -23.03 -4.89
CA THR A 693 27.42 -22.42 -4.31
C THR A 693 27.79 -21.39 -3.25
N HIS A 694 28.83 -21.65 -2.46
CA HIS A 694 29.27 -20.67 -1.48
C HIS A 694 29.86 -19.43 -2.15
N ASP A 695 30.63 -19.63 -3.23
CA ASP A 695 31.19 -18.50 -3.97
C ASP A 695 30.11 -17.62 -4.59
N HIS A 696 29.09 -18.24 -5.18
CA HIS A 696 28.05 -17.48 -5.85
C HIS A 696 27.14 -16.78 -4.86
N ALA A 697 26.88 -17.41 -3.71
CA ALA A 697 26.05 -16.76 -2.69
C ALA A 697 26.78 -15.60 -2.02
N VAL A 698 28.09 -15.75 -1.78
CA VAL A 698 28.88 -14.65 -1.23
C VAL A 698 28.97 -13.50 -2.22
N SER A 699 29.03 -13.80 -3.52
CA SER A 699 29.09 -12.73 -4.52
C SER A 699 27.76 -11.98 -4.61
N ASN A 700 26.63 -12.68 -4.48
CA ASN A 700 25.34 -12.01 -4.44
C ASN A 700 25.18 -11.15 -3.20
N ALA A 701 25.66 -11.63 -2.06
CA ALA A 701 25.61 -10.84 -0.84
C ALA A 701 26.47 -9.59 -0.95
N SER A 702 27.66 -9.72 -1.52
CA SER A 702 28.53 -8.56 -1.67
C SER A 702 27.98 -7.56 -2.67
N ILE A 703 27.29 -8.03 -3.71
CA ILE A 703 26.73 -7.08 -4.66
C ILE A 703 25.47 -6.43 -4.12
N LEU A 704 24.79 -7.04 -3.15
CA LEU A 704 23.74 -6.32 -2.45
C LEU A 704 24.33 -5.30 -1.47
N ASN A 705 25.47 -5.62 -0.87
CA ASN A 705 26.12 -4.66 0.02
C ASN A 705 26.68 -3.46 -0.74
N GLU A 706 27.16 -3.68 -1.95
CA GLU A 706 27.62 -2.61 -2.82
C GLU A 706 26.50 -1.71 -3.32
N SER A 707 25.25 -2.16 -3.25
CA SER A 707 24.11 -1.38 -3.68
C SER A 707 23.50 -0.56 -2.56
N GLY A 708 24.09 -0.60 -1.38
CA GLY A 708 23.62 0.22 -0.28
C GLY A 708 22.61 -0.43 0.63
N PHE A 709 22.66 -1.74 0.79
CA PHE A 709 21.74 -2.45 1.67
C PHE A 709 22.53 -3.24 2.69
N ALA A 710 21.91 -3.48 3.85
CA ALA A 710 22.44 -4.40 4.85
C ALA A 710 21.68 -5.71 4.76
N THR A 711 22.41 -6.81 4.73
CA THR A 711 21.81 -8.12 4.54
C THR A 711 22.19 -9.04 5.69
N THR A 712 21.23 -9.83 6.15
CA THR A 712 21.48 -10.97 7.02
C THR A 712 21.35 -12.22 6.18
N ALA A 713 22.39 -13.05 6.17
CA ALA A 713 22.46 -14.21 5.29
C ALA A 713 22.09 -15.46 6.08
N GLU A 714 20.82 -15.83 6.04
CA GLU A 714 20.40 -17.13 6.55
C GLU A 714 20.30 -18.08 5.36
N LEU A 715 21.33 -18.90 5.20
CA LEU A 715 21.44 -19.81 4.07
C LEU A 715 21.66 -21.21 4.61
N SER A 716 20.86 -22.15 4.12
CA SER A 716 20.75 -23.47 4.69
C SER A 716 20.82 -24.53 3.61
N GLN A 717 21.02 -25.76 4.05
CA GLN A 717 20.94 -26.91 3.17
C GLN A 717 19.53 -27.47 3.07
N ASN A 718 18.71 -27.29 4.10
CA ASN A 718 17.44 -28.00 4.11
C ASN A 718 16.27 -27.19 4.63
N SER A 719 16.30 -25.86 4.50
CA SER A 719 15.17 -25.05 4.94
C SER A 719 15.13 -23.76 4.14
N ILE A 720 13.92 -23.33 3.77
CA ILE A 720 13.74 -22.18 2.90
C ILE A 720 12.49 -21.42 3.36
N VAL A 721 12.54 -20.09 3.25
CA VAL A 721 11.47 -19.22 3.71
C VAL A 721 11.08 -18.29 2.57
N LEU A 722 9.79 -18.21 2.27
CA LEU A 722 9.30 -17.17 1.38
C LEU A 722 7.87 -16.83 1.77
N LEU A 723 7.62 -15.53 1.96
CA LEU A 723 6.30 -14.95 2.24
C LEU A 723 5.68 -15.54 3.51
N GLN A 724 6.53 -15.67 4.56
CA GLN A 724 6.18 -16.24 5.87
C GLN A 724 5.60 -17.65 5.75
N GLN A 725 6.13 -18.43 4.82
CA GLN A 725 5.81 -19.85 4.69
C GLN A 725 7.13 -20.61 4.67
N LEU A 726 7.36 -21.41 5.71
CA LEU A 726 8.60 -22.14 5.89
C LEU A 726 8.44 -23.55 5.34
N VAL A 727 9.38 -23.96 4.50
CA VAL A 727 9.45 -25.32 3.98
C VAL A 727 10.78 -25.92 4.43
N VAL A 728 10.71 -27.09 5.07
CA VAL A 728 11.89 -27.81 5.55
C VAL A 728 11.77 -29.24 5.03
N ASN A 729 12.56 -29.57 3.99
CA ASN A 729 12.70 -30.93 3.46
C ASN A 729 11.39 -31.52 2.95
N GLY A 730 10.72 -30.79 2.06
CA GLY A 730 9.48 -31.26 1.50
C GLY A 730 8.30 -31.20 2.45
N THR A 731 8.39 -30.35 3.47
CA THR A 731 7.43 -30.31 4.57
C THR A 731 7.14 -28.87 4.95
N PHE A 732 5.85 -28.53 5.03
CA PHE A 732 5.40 -27.19 5.36
C PHE A 732 5.25 -27.04 6.87
N TRP A 733 6.07 -26.17 7.47
CA TRP A 733 5.92 -25.81 8.88
C TRP A 733 5.10 -24.52 8.93
N GLY A 734 3.82 -24.64 9.26
CA GLY A 734 2.98 -23.47 9.33
C GLY A 734 3.19 -22.66 10.59
N PHE A 735 2.79 -21.39 10.52
CA PHE A 735 3.01 -20.42 11.59
C PHE A 735 1.64 -20.11 12.19
N ALA A 736 1.25 -20.85 13.22
CA ALA A 736 -0.06 -20.69 13.82
C ALA A 736 -0.17 -19.46 14.71
N ASP A 737 0.96 -18.90 15.14
CA ASP A 737 0.94 -17.77 16.05
C ASP A 737 0.98 -16.44 15.30
N ARG A 738 0.71 -16.46 14.01
CA ARG A 738 0.55 -15.26 13.21
C ARG A 738 -0.91 -14.92 12.98
N ILE A 739 -1.82 -15.76 13.46
CA ILE A 739 -3.26 -15.55 13.33
C ILE A 739 -3.80 -15.32 14.73
N SER A 740 -4.44 -14.18 14.93
CA SER A 740 -4.96 -13.80 16.24
C SER A 740 -6.47 -13.92 16.23
N LEU A 741 -6.98 -14.87 17.01
CA LEU A 741 -8.42 -15.03 17.16
C LEU A 741 -9.04 -13.99 18.08
N TRP A 742 -8.25 -13.12 18.70
CA TRP A 742 -8.73 -12.32 19.81
C TRP A 742 -8.48 -10.83 19.70
N THR A 743 -7.50 -10.38 18.90
CA THR A 743 -7.19 -8.96 18.78
C THR A 743 -7.46 -8.49 17.35
N ARG A 744 -7.46 -7.17 17.17
CA ARG A 744 -7.69 -6.57 15.86
C ARG A 744 -6.67 -5.46 15.59
N GLU A 745 -6.74 -4.93 14.37
CA GLU A 745 -5.98 -3.74 14.02
C GLU A 745 -6.72 -2.48 14.46
N ASP A 746 -8.03 -2.44 14.26
CA ASP A 746 -8.85 -1.31 14.64
C ASP A 746 -9.98 -1.76 15.56
N THR A 747 -10.37 -0.86 16.46
CA THR A 747 -11.56 -1.08 17.28
C THR A 747 -12.78 -0.83 16.41
N LYS A 748 -13.68 -1.81 16.36
CA LYS A 748 -14.85 -1.70 15.51
C LYS A 748 -15.99 -2.50 16.14
N ASP A 749 -17.17 -1.90 16.22
CA ASP A 749 -18.36 -2.64 16.60
C ASP A 749 -18.74 -3.60 15.49
N ILE A 750 -19.45 -4.67 15.87
CA ILE A 750 -19.78 -5.72 14.92
C ILE A 750 -21.15 -5.47 14.31
N GLY A 751 -22.18 -5.39 15.14
CA GLY A 751 -23.52 -5.18 14.65
C GLY A 751 -24.17 -6.43 14.08
N ARG A 752 -23.73 -6.85 12.89
CA ARG A 752 -24.50 -7.80 12.11
C ARG A 752 -24.43 -9.21 12.67
N LEU A 753 -23.22 -9.65 13.08
CA LEU A 753 -22.93 -10.84 13.88
C LEU A 753 -23.11 -12.16 13.11
N ASN A 754 -23.66 -12.09 11.89
CA ASN A 754 -23.43 -13.12 10.90
C ASN A 754 -22.06 -12.93 10.27
N LEU A 755 -21.69 -11.66 10.02
CA LEU A 755 -20.34 -11.30 9.61
C LEU A 755 -19.29 -11.68 10.64
N ALA A 756 -19.63 -11.62 11.93
CA ALA A 756 -18.69 -12.04 12.97
C ALA A 756 -18.41 -13.53 12.90
N MET A 757 -19.45 -14.33 12.67
CA MET A 757 -19.24 -15.77 12.51
C MET A 757 -18.50 -16.09 11.22
N MET A 758 -18.72 -15.29 10.17
CA MET A 758 -17.97 -15.51 8.93
C MET A 758 -16.49 -15.20 9.13
N GLU A 759 -16.18 -14.14 9.89
CA GLU A 759 -14.80 -13.81 10.21
C GLU A 759 -14.15 -14.88 11.08
N LEU A 760 -14.90 -15.39 12.06
CA LEU A 760 -14.38 -16.43 12.92
C LEU A 760 -14.13 -17.72 12.15
N ASN A 761 -15.04 -18.07 11.23
CA ASN A 761 -14.85 -19.27 10.42
C ASN A 761 -13.67 -19.12 9.45
N ALA A 762 -13.47 -17.92 8.92
CA ALA A 762 -12.32 -17.70 8.04
C ALA A 762 -11.00 -17.80 8.81
N LEU A 763 -10.96 -17.28 10.05
CA LEU A 763 -9.73 -17.39 10.83
C LEU A 763 -9.46 -18.82 11.30
N ILE A 764 -10.52 -19.56 11.62
CA ILE A 764 -10.40 -20.97 11.98
C ILE A 764 -9.92 -21.78 10.77
N ASP A 765 -10.42 -21.46 9.58
CA ASP A 765 -9.94 -22.14 8.38
C ASP A 765 -8.51 -21.74 8.03
N ASP A 766 -8.08 -20.54 8.39
CA ASP A 766 -6.68 -20.17 8.20
C ASP A 766 -5.76 -20.89 9.17
N LEU A 767 -6.25 -21.24 10.36
CA LEU A 767 -5.46 -21.97 11.34
C LEU A 767 -5.55 -23.48 11.19
N LEU A 768 -5.77 -24.01 10.00
CA LEU A 768 -6.26 -25.39 9.92
C LEU A 768 -5.11 -26.37 9.67
N PHE A 769 -4.23 -26.08 8.72
CA PHE A 769 -3.08 -26.96 8.51
C PHE A 769 -1.84 -26.51 9.26
N ARG A 770 -1.84 -25.32 9.85
CA ARG A 770 -0.70 -24.87 10.62
C ARG A 770 -0.83 -25.21 12.10
N VAL A 771 -1.76 -26.09 12.43
CA VAL A 771 -2.11 -26.41 13.81
C VAL A 771 -1.85 -27.90 14.02
N ARG A 772 -1.78 -28.31 15.28
CA ARG A 772 -1.41 -29.68 15.61
C ARG A 772 -2.58 -30.50 16.12
N ARG A 773 -3.58 -29.88 16.75
CA ARG A 773 -4.80 -30.57 17.17
C ARG A 773 -6.00 -29.72 16.77
N PRO A 774 -6.62 -30.00 15.63
CA PRO A 774 -7.75 -29.18 15.16
C PRO A 774 -9.04 -29.36 15.93
N GLU A 775 -9.19 -30.44 16.70
CA GLU A 775 -10.44 -30.70 17.42
C GLU A 775 -10.61 -29.76 18.60
N GLY A 776 -9.52 -29.51 19.35
CA GLY A 776 -9.56 -28.53 20.40
C GLY A 776 -9.77 -27.13 19.89
N LEU A 777 -9.29 -26.85 18.68
CA LEU A 777 -9.57 -25.59 18.02
C LEU A 777 -11.05 -25.49 17.63
N LYS A 778 -11.67 -26.61 17.29
CA LYS A 778 -13.12 -26.60 17.04
C LYS A 778 -13.89 -26.32 18.32
N MET A 779 -13.44 -26.88 19.44
CA MET A 779 -14.10 -26.59 20.71
C MET A 779 -13.91 -25.14 21.13
N LEU A 780 -12.72 -24.58 20.87
CA LEU A 780 -12.44 -23.19 21.20
C LEU A 780 -13.30 -22.24 20.38
N GLY A 781 -13.48 -22.53 19.08
CA GLY A 781 -14.38 -21.72 18.27
C GLY A 781 -15.83 -21.86 18.67
N PHE A 782 -16.25 -23.06 19.09
CA PHE A 782 -17.61 -23.24 19.60
C PHE A 782 -17.86 -22.41 20.86
N PHE A 783 -16.88 -22.36 21.77
CA PHE A 783 -17.11 -21.57 22.98
C PHE A 783 -16.98 -20.07 22.74
N CYS A 784 -16.16 -19.64 21.77
CA CYS A 784 -16.14 -18.21 21.51
C CYS A 784 -17.36 -17.78 20.70
N GLY A 785 -18.05 -18.73 20.06
CA GLY A 785 -19.36 -18.41 19.54
C GLY A 785 -20.46 -18.48 20.57
N ALA A 786 -20.30 -19.35 21.57
CA ALA A 786 -21.31 -19.54 22.60
C ALA A 786 -21.27 -18.47 23.69
N ILE A 787 -20.13 -17.81 23.87
CA ILE A 787 -20.05 -16.78 24.89
C ILE A 787 -19.94 -15.37 24.31
N CYS A 788 -18.96 -15.17 23.44
CA CYS A 788 -18.70 -13.87 22.81
C CYS A 788 -19.75 -13.30 21.85
N LEU A 789 -20.32 -14.15 21.01
CA LEU A 789 -21.29 -13.69 20.01
C LEU A 789 -22.76 -13.94 20.33
N ARG A 790 -23.07 -14.32 21.57
CA ARG A 790 -24.45 -14.65 21.95
C ARG A 790 -25.40 -13.55 22.42
N ARG A 791 -24.93 -12.30 22.55
CA ARG A 791 -25.80 -11.24 23.06
C ARG A 791 -26.30 -10.20 22.04
N PHE A 792 -27.61 -10.01 22.02
CA PHE A 792 -28.24 -9.04 21.14
C PHE A 792 -29.27 -8.15 21.88
N THR A 793 -29.12 -6.83 21.79
CA THR A 793 -30.06 -5.91 22.40
C THR A 793 -30.74 -5.10 21.32
N LEU A 794 -32.05 -4.94 21.43
CA LEU A 794 -32.82 -4.25 20.42
C LEU A 794 -33.87 -3.37 21.08
N SER A 795 -33.97 -2.12 20.62
CA SER A 795 -34.96 -1.20 21.15
C SER A 795 -36.35 -1.59 20.66
N VAL A 796 -37.28 -1.66 21.59
CA VAL A 796 -38.64 -2.11 21.31
C VAL A 796 -39.62 -1.08 21.86
N ASP A 797 -40.76 -0.95 21.19
CA ASP A 797 -41.72 0.10 21.50
C ASP A 797 -42.50 -0.26 22.77
N ASN A 798 -42.98 0.77 23.46
CA ASN A 798 -43.59 0.58 24.78
C ASN A 798 -44.99 -0.02 24.69
N LYS A 799 -45.81 0.47 23.76
CA LYS A 799 -47.12 -0.12 23.56
C LYS A 799 -47.01 -1.52 22.95
N LEU A 800 -45.92 -1.76 22.21
CA LEU A 800 -45.66 -3.01 21.53
C LEU A 800 -44.69 -3.91 22.31
N TYR A 801 -44.52 -3.66 23.61
CA TYR A 801 -43.49 -4.34 24.40
C TYR A 801 -43.94 -5.74 24.81
N ASP A 802 -45.10 -5.84 25.48
CA ASP A 802 -45.55 -7.09 26.07
C ASP A 802 -45.92 -8.10 25.00
N SER A 803 -46.58 -7.65 23.92
CA SER A 803 -46.99 -8.56 22.87
C SER A 803 -45.82 -9.03 22.02
N THR A 804 -44.71 -8.30 22.03
CA THR A 804 -43.49 -8.80 21.40
C THR A 804 -42.78 -9.79 22.31
N TYR A 805 -42.69 -9.48 23.61
CA TYR A 805 -41.99 -10.33 24.56
C TYR A 805 -42.68 -11.69 24.69
N ASN A 806 -44.00 -11.69 24.83
CA ASN A 806 -44.73 -12.94 25.02
C ASN A 806 -44.72 -13.81 23.78
N ASN A 807 -44.69 -13.19 22.59
CA ASN A 807 -44.61 -13.99 21.37
C ASN A 807 -43.22 -14.56 21.16
N LEU A 808 -42.18 -13.79 21.47
CA LEU A 808 -40.83 -14.28 21.23
C LEU A 808 -40.34 -15.23 22.32
N SER A 809 -40.93 -15.21 23.52
CA SER A 809 -40.40 -16.06 24.57
C SER A 809 -40.79 -17.52 24.45
N LYS A 810 -41.70 -17.88 23.53
CA LYS A 810 -42.05 -19.28 23.34
C LYS A 810 -40.92 -20.07 22.68
N TYR A 811 -40.10 -19.41 21.87
CA TYR A 811 -39.05 -20.09 21.15
C TYR A 811 -37.65 -19.71 21.62
N MET A 812 -37.51 -18.60 22.34
CA MET A 812 -36.21 -18.11 22.78
C MET A 812 -36.28 -17.74 24.25
N THR A 813 -35.13 -17.36 24.79
CA THR A 813 -35.03 -16.83 26.15
C THR A 813 -34.62 -15.37 26.07
N LEU A 814 -35.39 -14.49 26.71
CA LEU A 814 -35.25 -13.06 26.55
C LEU A 814 -35.14 -12.41 27.93
N VAL A 815 -34.27 -11.42 28.04
CA VAL A 815 -34.04 -10.70 29.30
C VAL A 815 -34.71 -9.34 29.18
N LYS A 816 -35.66 -9.08 30.06
CA LYS A 816 -36.49 -7.88 29.97
C LYS A 816 -36.14 -6.89 31.07
N TYR A 817 -36.48 -5.63 30.83
CA TYR A 817 -36.24 -4.56 31.78
C TYR A 817 -37.53 -4.18 32.48
N ASP A 818 -37.40 -3.32 33.51
CA ASP A 818 -38.53 -3.04 34.39
C ASP A 818 -39.50 -2.04 33.78
N LYS A 819 -39.05 -0.81 33.58
CA LYS A 819 -39.88 0.29 33.07
C LYS A 819 -39.04 1.13 32.13
N ASN A 820 -39.64 2.22 31.65
CA ASN A 820 -38.88 3.36 31.09
C ASN A 820 -39.66 4.65 31.30
N PRO A 821 -39.54 5.26 32.48
CA PRO A 821 -40.31 6.48 32.75
C PRO A 821 -39.77 7.69 32.02
N ASP A 822 -38.46 7.82 31.91
CA ASP A 822 -37.85 9.04 31.43
C ASP A 822 -37.93 9.16 29.91
N PHE A 823 -37.86 8.04 29.20
CA PHE A 823 -37.79 8.06 27.74
C PHE A 823 -38.77 7.05 27.17
N ASP A 824 -38.85 7.05 25.85
CA ASP A 824 -39.66 6.10 25.10
C ASP A 824 -38.76 5.03 24.48
N SER A 825 -39.36 3.86 24.22
CA SER A 825 -38.76 2.74 23.48
C SER A 825 -37.48 2.23 24.16
N THR A 826 -37.68 1.61 25.32
CA THR A 826 -36.59 0.92 26.00
C THR A 826 -36.14 -0.31 25.19
N LEU A 827 -34.95 -0.78 25.51
CA LEU A 827 -34.33 -1.84 24.73
C LEU A 827 -34.46 -3.17 25.45
N MET A 828 -34.69 -4.21 24.66
CA MET A 828 -34.91 -5.57 25.15
C MET A 828 -33.72 -6.44 24.82
N SER A 829 -33.27 -7.21 25.81
CA SER A 829 -32.11 -8.08 25.66
C SER A 829 -32.59 -9.48 25.29
N LEU A 830 -32.22 -9.95 24.09
CA LEU A 830 -32.47 -11.33 23.70
C LEU A 830 -31.15 -12.02 23.40
N ILE A 831 -31.04 -13.26 23.84
CA ILE A 831 -29.87 -14.08 23.57
C ILE A 831 -30.27 -15.21 22.64
N LEU A 832 -29.49 -15.41 21.60
CA LEU A 832 -29.81 -16.40 20.60
C LEU A 832 -29.49 -17.81 21.10
N PRO A 833 -30.23 -18.82 20.64
CA PRO A 833 -29.94 -20.19 21.07
C PRO A 833 -28.67 -20.70 20.42
N LEU A 834 -28.15 -21.80 20.98
CA LEU A 834 -26.93 -22.39 20.42
C LEU A 834 -27.16 -23.08 19.10
N ALA A 835 -28.42 -23.36 18.72
CA ALA A 835 -28.68 -23.96 17.42
C ALA A 835 -28.45 -22.99 16.28
N TRP A 836 -28.37 -21.69 16.56
CA TRP A 836 -28.09 -20.69 15.52
C TRP A 836 -26.67 -20.82 14.99
N LEU A 837 -25.76 -21.40 15.77
CA LEU A 837 -24.37 -21.59 15.34
C LEU A 837 -24.23 -22.55 14.17
N PHE A 838 -25.21 -23.40 13.91
CA PHE A 838 -25.03 -24.49 12.97
C PHE A 838 -25.96 -24.39 11.78
N MET A 839 -26.41 -23.20 11.44
CA MET A 839 -27.50 -23.05 10.50
C MET A 839 -27.07 -22.40 9.20
N PRO A 840 -27.80 -22.65 8.10
CA PRO A 840 -27.60 -21.86 6.88
C PRO A 840 -27.95 -20.40 7.14
N ARG A 841 -27.02 -19.52 6.78
CA ARG A 841 -27.01 -18.08 7.03
C ARG A 841 -27.01 -17.74 8.52
N GLY A 842 -26.71 -18.71 9.38
CA GLY A 842 -26.56 -18.46 10.79
C GLY A 842 -25.11 -18.41 11.17
N GLY A 843 -24.64 -19.40 11.92
CA GLY A 843 -23.24 -19.45 12.27
C GLY A 843 -22.41 -20.21 11.27
N GLU A 844 -23.00 -21.25 10.67
CA GLU A 844 -22.35 -22.17 9.73
C GLU A 844 -21.11 -22.80 10.35
N TYR A 845 -21.25 -23.26 11.57
CA TYR A 845 -20.13 -23.82 12.30
C TYR A 845 -20.26 -25.35 12.34
N PRO A 846 -19.14 -26.07 12.34
CA PRO A 846 -19.21 -27.54 12.44
C PRO A 846 -19.78 -28.01 13.77
N ALA A 847 -20.66 -29.01 13.69
CA ALA A 847 -21.47 -29.42 14.82
C ALA A 847 -20.96 -30.70 15.46
N TYR A 848 -21.37 -30.89 16.71
CA TYR A 848 -21.14 -32.10 17.47
C TYR A 848 -22.27 -33.08 17.24
N PRO A 849 -22.13 -34.36 17.63
CA PRO A 849 -23.24 -35.32 17.46
C PRO A 849 -24.51 -34.95 18.22
N PHE A 850 -25.59 -34.78 17.47
CA PHE A 850 -26.93 -34.65 18.03
C PHE A 850 -27.58 -36.02 18.10
N GLU A 851 -28.33 -36.26 19.18
CA GLU A 851 -29.00 -37.55 19.34
C GLU A 851 -30.32 -37.55 18.60
N ARG A 852 -30.60 -38.65 17.90
CA ARG A 852 -31.87 -38.84 17.23
C ARG A 852 -32.87 -39.43 18.21
N ARG A 853 -34.04 -39.80 17.72
CA ARG A 853 -35.04 -40.44 18.56
C ARG A 853 -34.68 -41.89 18.93
N ASP A 854 -33.81 -42.51 18.15
CA ASP A 854 -33.50 -43.92 18.32
C ASP A 854 -32.34 -44.17 19.26
N GLY A 855 -31.64 -43.13 19.70
CA GLY A 855 -30.41 -43.29 20.43
C GLY A 855 -29.17 -43.21 19.58
N THR A 856 -29.32 -43.19 18.26
CA THR A 856 -28.18 -42.98 17.38
C THR A 856 -27.83 -41.50 17.35
N PHE A 857 -26.62 -41.22 16.88
CA PHE A 857 -26.08 -39.88 16.85
C PHE A 857 -25.73 -39.47 15.43
N THR A 858 -25.84 -38.18 15.16
CA THR A 858 -25.29 -37.64 13.93
C THR A 858 -23.77 -37.59 14.01
N GLU A 859 -23.14 -37.19 12.92
CA GLU A 859 -21.70 -37.26 12.82
C GLU A 859 -21.03 -36.02 13.40
N ASP A 860 -19.94 -36.23 14.12
CA ASP A 860 -19.09 -35.15 14.63
C ASP A 860 -18.43 -34.49 13.44
N GLU A 861 -18.95 -33.33 13.04
CA GLU A 861 -18.55 -32.72 11.78
C GLU A 861 -17.13 -32.20 11.87
N SER A 862 -16.30 -32.64 10.93
CA SER A 862 -14.86 -32.44 11.01
C SER A 862 -14.51 -31.03 10.55
N MET A 863 -13.22 -30.74 10.50
CA MET A 863 -12.76 -29.43 10.11
C MET A 863 -12.77 -29.22 8.61
N PHE A 864 -13.21 -30.21 7.84
CA PHE A 864 -13.26 -30.11 6.39
C PHE A 864 -14.68 -30.16 5.86
N THR A 865 -15.66 -29.84 6.69
CA THR A 865 -17.04 -29.90 6.24
C THR A 865 -17.42 -28.64 5.49
N ALA A 866 -18.28 -28.81 4.50
CA ALA A 866 -18.67 -27.72 3.63
C ALA A 866 -19.66 -26.80 4.34
N ARG A 867 -19.68 -25.55 3.90
CA ARG A 867 -20.61 -24.57 4.42
C ARG A 867 -21.55 -24.16 3.30
N GLY A 868 -22.36 -23.14 3.57
CA GLY A 868 -23.35 -22.72 2.61
C GLY A 868 -24.64 -23.46 2.80
N ALA A 869 -25.28 -23.85 1.70
CA ALA A 869 -26.57 -24.54 1.77
C ALA A 869 -26.44 -25.98 2.23
N TYR A 870 -25.23 -26.52 2.33
CA TYR A 870 -25.05 -27.89 2.79
C TYR A 870 -25.30 -28.05 4.28
N LYS A 871 -25.33 -26.95 5.04
CA LYS A 871 -25.65 -27.02 6.46
C LYS A 871 -27.12 -27.31 6.72
N ARG A 872 -27.98 -27.20 5.70
CA ARG A 872 -29.41 -27.48 5.87
C ARG A 872 -29.67 -28.98 5.99
N ARG A 873 -28.72 -29.81 5.57
CA ARG A 873 -28.87 -31.26 5.67
C ARG A 873 -28.85 -31.75 7.12
N LEU A 874 -28.36 -30.94 8.05
CA LEU A 874 -28.38 -31.33 9.47
C LEU A 874 -29.79 -31.39 10.01
N LEU A 875 -30.69 -30.56 9.47
CA LEU A 875 -32.10 -30.60 9.84
C LEU A 875 -32.74 -31.94 9.53
N TYR A 876 -32.32 -32.56 8.43
CA TYR A 876 -32.83 -33.86 8.03
C TYR A 876 -32.05 -35.00 8.66
N ASP A 877 -30.77 -34.79 8.94
CA ASP A 877 -29.97 -35.80 9.62
C ASP A 877 -30.44 -36.01 11.06
N VAL A 878 -30.86 -34.93 11.73
CA VAL A 878 -31.45 -35.08 13.07
C VAL A 878 -32.79 -35.80 12.99
N SER A 879 -33.52 -35.63 11.88
CA SER A 879 -34.82 -36.24 11.69
C SER A 879 -34.77 -37.72 11.27
N ASN A 880 -33.64 -38.39 11.45
CA ASN A 880 -33.41 -39.82 11.15
C ASN A 880 -33.69 -40.11 9.67
N ILE A 881 -32.78 -39.58 8.86
CA ILE A 881 -32.89 -39.56 7.40
C ILE A 881 -32.90 -40.98 6.82
N ARG A 882 -32.23 -41.93 7.49
CA ARG A 882 -32.29 -43.33 7.07
C ARG A 882 -33.69 -43.89 7.26
N GLU A 883 -34.30 -43.63 8.42
CA GLU A 883 -35.68 -44.02 8.66
C GLU A 883 -36.61 -43.26 7.72
N MET A 884 -36.29 -42.00 7.43
CA MET A 884 -37.14 -41.20 6.57
C MET A 884 -37.07 -41.65 5.11
N ILE A 885 -36.00 -42.34 4.71
CA ILE A 885 -35.99 -42.93 3.37
C ILE A 885 -36.38 -44.41 3.36
N GLN A 886 -36.58 -45.04 4.52
CA GLN A 886 -37.06 -46.42 4.47
C GLN A 886 -38.56 -46.58 4.68
N GLN A 887 -39.32 -45.50 4.87
CA GLN A 887 -40.77 -45.57 4.73
C GLN A 887 -41.32 -44.46 3.84
N ASN A 888 -40.47 -43.84 3.01
CA ASN A 888 -40.88 -43.00 1.87
C ASN A 888 -41.66 -41.77 2.32
N SER A 889 -41.11 -41.04 3.28
CA SER A 889 -41.71 -39.82 3.79
C SER A 889 -40.73 -38.67 3.67
N MET A 890 -41.24 -37.45 3.85
CA MET A 890 -40.40 -36.26 3.90
C MET A 890 -40.72 -35.39 5.11
N VAL A 891 -41.22 -36.00 6.18
CA VAL A 891 -41.62 -35.24 7.33
C VAL A 891 -40.49 -34.95 8.27
N LEU A 892 -40.17 -33.66 8.39
CA LEU A 892 -39.16 -33.24 9.34
C LEU A 892 -39.84 -33.45 10.68
N ASP A 893 -39.10 -33.95 11.65
CA ASP A 893 -39.70 -34.18 12.95
C ASP A 893 -39.62 -32.83 13.60
N ASP A 894 -40.67 -32.02 13.46
CA ASP A 894 -40.56 -30.68 14.05
C ASP A 894 -40.55 -30.69 15.57
N ASP A 895 -40.99 -31.77 16.21
CA ASP A 895 -40.99 -31.84 17.66
C ASP A 895 -39.57 -31.95 18.21
N LEU A 896 -38.78 -32.86 17.64
CA LEU A 896 -37.39 -33.01 18.06
C LEU A 896 -36.56 -31.80 17.65
N LEU A 897 -36.90 -31.18 16.52
CA LEU A 897 -36.22 -29.97 16.09
C LEU A 897 -36.59 -28.78 16.98
N HIS A 898 -37.77 -28.83 17.61
CA HIS A 898 -38.17 -27.81 18.58
C HIS A 898 -37.48 -28.00 19.92
N GLU A 899 -37.32 -29.26 20.35
CA GLU A 899 -36.73 -29.52 21.66
C GLU A 899 -35.24 -29.19 21.70
N TYR A 900 -34.56 -29.21 20.55
CA TYR A 900 -33.21 -28.70 20.47
C TYR A 900 -33.15 -27.20 20.19
N GLY A 901 -34.25 -26.60 19.77
CA GLY A 901 -34.27 -25.17 19.55
C GLY A 901 -33.80 -24.72 18.19
N PHE A 902 -33.89 -25.59 17.18
CA PHE A 902 -33.56 -25.18 15.82
C PHE A 902 -34.61 -24.25 15.24
N THR A 903 -35.85 -24.42 15.66
CA THR A 903 -36.95 -23.64 15.09
C THR A 903 -36.91 -22.18 15.54
N GLY A 904 -36.38 -21.91 16.74
CA GLY A 904 -36.17 -20.54 17.14
C GLY A 904 -35.08 -19.86 16.34
N ALA A 905 -34.02 -20.62 16.02
CA ALA A 905 -32.94 -20.08 15.18
C ALA A 905 -33.43 -19.81 13.76
N LEU A 906 -34.25 -20.71 13.22
CA LEU A 906 -34.77 -20.51 11.88
C LEU A 906 -35.82 -19.40 11.83
N LEU A 907 -36.62 -19.27 12.88
CA LEU A 907 -37.53 -18.14 13.00
C LEU A 907 -36.79 -16.82 13.12
N LEU A 908 -35.66 -16.83 13.83
CA LEU A 908 -34.83 -15.62 13.97
C LEU A 908 -34.20 -15.23 12.65
N ILE A 909 -33.64 -16.19 11.91
CA ILE A 909 -33.04 -15.85 10.63
C ILE A 909 -34.10 -15.55 9.57
N ASP A 910 -35.33 -16.03 9.78
CA ASP A 910 -36.43 -15.69 8.88
C ASP A 910 -36.94 -14.27 9.11
N LEU A 911 -37.06 -13.86 10.37
CA LEU A 911 -37.66 -12.57 10.69
C LEU A 911 -36.69 -11.40 10.60
N ASN A 912 -35.40 -11.66 10.34
CA ASN A 912 -34.37 -10.63 10.12
C ASN A 912 -34.23 -9.68 11.31
N ILE A 913 -34.37 -10.23 12.52
CA ILE A 913 -34.27 -9.41 13.72
C ILE A 913 -32.82 -8.99 13.95
N LEU A 914 -31.85 -9.84 13.60
CA LEU A 914 -30.44 -9.53 13.75
C LEU A 914 -29.90 -8.60 12.68
N ASP A 915 -30.75 -8.03 11.81
CA ASP A 915 -30.31 -6.97 10.92
C ASP A 915 -30.54 -5.60 11.54
N LEU A 916 -31.48 -5.50 12.47
CA LEU A 916 -31.87 -4.22 13.07
C LEU A 916 -30.78 -3.78 14.03
N ILE A 917 -29.79 -3.08 13.48
CA ILE A 917 -28.66 -2.58 14.24
C ILE A 917 -28.56 -1.08 14.03
N ASP A 918 -27.64 -0.46 14.76
CA ASP A 918 -27.34 0.94 14.53
C ASP A 918 -26.58 1.11 13.22
N GLU A 919 -26.81 2.23 12.55
CA GLU A 919 -26.28 2.47 11.22
C GLU A 919 -25.76 3.89 11.13
N VAL A 920 -24.50 4.03 10.70
CA VAL A 920 -23.93 5.34 10.46
C VAL A 920 -24.61 5.96 9.25
N LYS A 921 -25.26 7.10 9.46
CA LYS A 921 -26.03 7.75 8.41
C LYS A 921 -25.24 8.90 7.81
N LYS A 922 -25.07 8.88 6.50
CA LYS A 922 -24.37 9.93 5.75
C LYS A 922 -25.40 10.86 5.13
N GLU A 923 -25.06 12.14 5.05
CA GLU A 923 -25.95 13.15 4.48
C GLU A 923 -25.50 13.40 3.05
N ASP A 924 -26.29 12.94 2.09
CA ASP A 924 -25.85 12.84 0.71
C ASP A 924 -25.95 14.18 -0.02
N ILE A 925 -25.24 14.25 -1.15
CA ILE A 925 -25.31 15.39 -2.06
C ILE A 925 -26.52 15.21 -2.98
N SER A 926 -26.86 16.27 -3.72
CA SER A 926 -28.02 16.23 -4.59
C SER A 926 -27.76 15.31 -5.78
N PRO A 927 -28.80 14.60 -6.26
CA PRO A 927 -28.57 13.64 -7.35
C PRO A 927 -28.26 14.27 -8.69
N VAL A 928 -28.69 15.53 -8.92
CA VAL A 928 -28.25 16.28 -10.10
C VAL A 928 -26.74 16.46 -10.08
N LYS A 929 -26.20 16.77 -8.90
CA LYS A 929 -24.75 16.84 -8.72
C LYS A 929 -24.08 15.48 -8.93
N VAL A 930 -24.75 14.39 -8.58
CA VAL A 930 -24.19 13.05 -8.77
C VAL A 930 -24.09 12.73 -10.26
N ASN A 931 -25.17 12.99 -11.01
CA ASN A 931 -25.15 12.80 -12.45
C ASN A 931 -24.11 13.70 -13.13
N GLU A 932 -23.96 14.93 -12.62
CA GLU A 932 -22.99 15.84 -13.21
C GLU A 932 -21.56 15.38 -12.99
N LEU A 933 -21.26 14.89 -11.77
CA LEU A 933 -19.92 14.39 -11.48
C LEU A 933 -19.59 13.13 -12.28
N ALA A 934 -20.56 12.23 -12.42
CA ALA A 934 -20.29 11.00 -13.18
C ALA A 934 -20.20 11.27 -14.68
N THR A 935 -21.02 12.18 -15.19
CA THR A 935 -20.94 12.57 -16.60
C THR A 935 -19.61 13.24 -16.91
N SER A 936 -19.12 14.07 -15.99
CA SER A 936 -17.80 14.68 -16.21
C SER A 936 -16.68 13.67 -16.06
N LEU A 937 -16.85 12.66 -15.22
CA LEU A 937 -15.82 11.64 -15.06
C LEU A 937 -15.72 10.73 -16.26
N GLU A 938 -16.84 10.48 -16.95
CA GLU A 938 -16.82 9.64 -18.15
C GLU A 938 -16.06 10.23 -19.32
N GLN A 939 -15.72 11.53 -19.28
CA GLN A 939 -15.08 12.18 -20.41
C GLN A 939 -13.57 12.13 -20.33
N LEU A 940 -13.00 11.16 -19.63
CA LEU A 940 -11.57 11.16 -19.37
C LEU A 940 -10.81 10.03 -20.04
N GLY A 941 -11.48 9.00 -20.53
CA GLY A 941 -10.82 7.97 -21.31
C GLY A 941 -11.80 6.95 -21.83
N LYS A 942 -11.61 6.48 -23.07
CA LYS A 942 -12.50 5.56 -23.78
C LYS A 942 -13.93 6.11 -23.85
N LEU A 943 -14.06 7.18 -24.62
CA LEU A 943 -15.34 7.85 -24.81
C LEU A 943 -16.36 6.94 -25.47
N GLY A 944 -17.59 6.96 -24.95
CA GLY A 944 -18.73 6.39 -25.63
C GLY A 944 -19.16 5.01 -25.18
N GLU A 945 -18.48 4.40 -24.22
CA GLU A 945 -18.87 3.05 -23.80
C GLU A 945 -20.09 3.07 -22.88
N ARG A 946 -20.23 4.10 -22.07
CA ARG A 946 -21.25 4.11 -21.03
C ARG A 946 -22.55 4.77 -21.48
N GLU A 947 -22.50 5.75 -22.38
CA GLU A 947 -23.73 6.36 -22.86
C GLU A 947 -24.48 5.41 -23.79
N LYS A 948 -23.77 4.52 -24.50
CA LYS A 948 -24.43 3.49 -25.27
C LYS A 948 -25.11 2.46 -24.36
N SER A 949 -24.48 2.16 -23.22
CA SER A 949 -25.08 1.26 -22.26
C SER A 949 -26.33 1.87 -21.63
N ARG A 950 -26.30 3.17 -21.35
CA ARG A 950 -27.48 3.86 -20.83
C ARG A 950 -28.59 3.93 -21.88
N ARG A 951 -28.21 4.14 -23.15
CA ARG A 951 -29.20 4.14 -24.23
C ARG A 951 -29.85 2.78 -24.41
N ALA A 952 -29.06 1.71 -24.36
CA ALA A 952 -29.64 0.37 -24.48
C ALA A 952 -30.45 -0.02 -23.26
N ALA A 953 -30.08 0.48 -22.08
CA ALA A 953 -30.88 0.24 -20.88
C ALA A 953 -32.22 0.95 -20.97
N SER A 954 -32.24 2.18 -21.50
CA SER A 954 -33.50 2.88 -21.71
C SER A 954 -34.34 2.20 -22.80
N ASP A 955 -33.66 1.62 -23.81
CA ASP A 955 -34.36 0.89 -24.86
C ASP A 955 -35.01 -0.38 -24.30
N LEU A 956 -34.33 -1.05 -23.38
CA LEU A 956 -34.96 -2.17 -22.68
C LEU A 956 -36.08 -1.70 -21.74
N LYS A 957 -35.94 -0.50 -21.18
CA LYS A 957 -36.95 0.05 -20.29
C LYS A 957 -38.25 0.33 -21.01
N ILE A 958 -38.19 0.90 -22.21
CA ILE A 958 -39.42 1.28 -22.90
C ILE A 958 -40.15 0.07 -23.48
N ARG A 959 -39.47 -1.05 -23.72
CA ARG A 959 -40.13 -2.27 -24.17
C ARG A 959 -40.67 -3.11 -23.02
N GLY A 960 -40.62 -2.63 -21.79
CA GLY A 960 -41.17 -3.33 -20.66
C GLY A 960 -40.26 -4.32 -19.98
N HIS A 961 -38.94 -4.14 -20.05
CA HIS A 961 -37.99 -5.01 -19.35
C HIS A 961 -36.95 -4.13 -18.68
N ALA A 962 -37.27 -3.70 -17.46
CA ALA A 962 -36.39 -2.79 -16.74
C ALA A 962 -35.24 -3.53 -16.10
N LEU A 963 -34.04 -2.96 -16.21
CA LEU A 963 -32.86 -3.49 -15.55
C LEU A 963 -32.54 -2.65 -14.33
N SER A 964 -32.01 -3.30 -13.30
CA SER A 964 -31.57 -2.58 -12.11
C SER A 964 -30.28 -1.84 -12.42
N ASN A 965 -30.07 -0.72 -11.72
CA ASN A 965 -28.99 0.20 -12.07
C ASN A 965 -27.62 -0.30 -11.64
N ASP A 966 -27.55 -1.30 -10.76
CA ASP A 966 -26.27 -1.86 -10.34
C ASP A 966 -25.75 -2.91 -11.31
N ILE A 967 -26.45 -3.14 -12.41
CA ILE A 967 -26.10 -4.14 -13.40
C ILE A 967 -25.81 -3.42 -14.71
N VAL A 968 -26.45 -2.26 -14.89
CA VAL A 968 -26.21 -1.43 -16.07
C VAL A 968 -24.84 -0.75 -15.93
N TYR A 969 -24.04 -0.81 -16.99
CA TYR A 969 -22.66 -0.35 -16.95
C TYR A 969 -22.53 1.16 -17.08
N GLY A 970 -23.46 1.80 -17.79
CA GLY A 970 -23.46 3.26 -17.85
C GLY A 970 -23.75 3.90 -16.51
N TYR A 971 -24.49 3.19 -15.67
CA TYR A 971 -24.70 3.56 -14.28
C TYR A 971 -23.59 2.92 -13.45
N GLY A 972 -23.74 2.87 -12.13
CA GLY A 972 -22.76 2.20 -11.29
C GLY A 972 -21.61 3.08 -10.86
N LEU A 973 -20.99 3.77 -11.83
CA LEU A 973 -20.08 4.84 -11.49
C LEU A 973 -20.84 5.99 -10.82
N GLN A 974 -22.06 6.24 -11.30
CA GLN A 974 -23.02 7.06 -10.56
C GLN A 974 -23.28 6.49 -9.17
N GLU A 975 -23.43 5.17 -9.08
CA GLU A 975 -23.69 4.54 -7.78
C GLU A 975 -22.48 4.63 -6.87
N LYS A 976 -21.27 4.49 -7.41
CA LYS A 976 -20.06 4.57 -6.60
C LYS A 976 -19.86 5.97 -6.05
N ILE A 977 -20.07 6.99 -6.90
CA ILE A 977 -20.00 8.38 -6.44
C ILE A 977 -21.11 8.67 -5.44
N GLN A 978 -22.31 8.09 -5.63
CA GLN A 978 -23.40 8.31 -4.71
C GLN A 978 -23.15 7.67 -3.35
N LYS A 979 -22.47 6.53 -3.32
CA LYS A 979 -22.13 5.92 -2.04
C LYS A 979 -21.07 6.74 -1.31
N SER A 980 -19.99 7.09 -1.98
CA SER A 980 -18.84 7.60 -1.24
C SER A 980 -18.76 9.12 -1.17
N ALA A 981 -19.86 9.85 -1.35
CA ALA A 981 -19.81 11.30 -1.26
C ALA A 981 -20.82 11.82 -0.23
N MET A 982 -20.47 12.94 0.40
CA MET A 982 -21.30 13.57 1.42
C MET A 982 -21.37 15.07 1.16
N ALA A 983 -22.44 15.70 1.62
CA ALA A 983 -22.57 17.14 1.56
C ALA A 983 -22.15 17.83 2.85
N THR A 984 -21.72 17.08 3.86
CA THR A 984 -21.22 17.64 5.10
C THR A 984 -20.10 16.75 5.62
N LYS A 985 -19.42 17.22 6.66
CA LYS A 985 -18.27 16.50 7.19
C LYS A 985 -18.59 15.63 8.40
N GLU A 986 -19.81 15.68 8.92
CA GLU A 986 -20.18 14.86 10.06
C GLU A 986 -21.29 13.89 9.70
N THR A 987 -21.27 12.73 10.37
CA THR A 987 -22.26 11.69 10.20
C THR A 987 -22.90 11.36 11.54
N THR A 988 -24.14 10.86 11.49
CA THR A 988 -24.90 10.52 12.68
C THR A 988 -25.20 9.03 12.71
N VAL A 989 -25.45 8.53 13.92
CA VAL A 989 -25.78 7.12 14.12
C VAL A 989 -27.28 6.99 14.32
N GLN A 990 -27.93 6.21 13.47
CA GLN A 990 -29.36 5.95 13.55
C GLN A 990 -29.59 4.52 14.01
N SER A 991 -30.30 4.36 15.12
CA SER A 991 -30.66 3.05 15.62
C SER A 991 -31.99 2.60 15.01
N LYS A 992 -32.31 1.33 15.21
CA LYS A 992 -33.52 0.74 14.66
C LYS A 992 -34.33 0.07 15.75
N ARG A 993 -35.64 0.02 15.55
CA ARG A 993 -36.57 -0.52 16.52
C ARG A 993 -37.63 -1.37 15.83
N VAL A 994 -38.43 -2.07 16.64
CA VAL A 994 -39.59 -2.78 16.11
C VAL A 994 -40.77 -1.81 16.09
N SER A 995 -41.54 -1.87 15.01
CA SER A 995 -42.77 -1.10 14.89
C SER A 995 -43.87 -2.04 14.41
N SER A 996 -45.01 -1.48 14.00
CA SER A 996 -46.19 -2.29 13.68
C SER A 996 -45.95 -3.16 12.46
N ARG A 997 -45.14 -2.68 11.51
CA ARG A 997 -44.82 -3.47 10.32
C ARG A 997 -44.02 -4.71 10.67
N LEU A 998 -43.14 -4.62 11.67
CA LEU A 998 -42.39 -5.80 12.08
C LEU A 998 -43.14 -6.58 13.15
N HIS A 999 -43.91 -5.89 14.00
CA HIS A 999 -44.71 -6.56 15.03
C HIS A 999 -45.79 -7.44 14.43
N GLU A 1000 -46.31 -7.07 13.25
CA GLU A 1000 -47.31 -7.88 12.58
C GLU A 1000 -46.77 -9.25 12.20
N VAL A 1001 -45.54 -9.31 11.69
CA VAL A 1001 -44.99 -10.62 11.37
C VAL A 1001 -44.41 -11.32 12.59
N ILE A 1002 -44.07 -10.59 13.66
CA ILE A 1002 -43.80 -11.24 14.95
C ILE A 1002 -45.03 -12.00 15.44
N VAL A 1003 -46.20 -11.38 15.33
CA VAL A 1003 -47.43 -12.03 15.76
C VAL A 1003 -47.80 -13.17 14.81
N ALA A 1004 -47.61 -12.96 13.50
CA ALA A 1004 -48.08 -13.92 12.52
C ALA A 1004 -47.21 -15.17 12.47
N LYS A 1005 -45.89 -15.01 12.50
CA LYS A 1005 -44.98 -16.13 12.30
C LYS A 1005 -44.70 -16.92 13.58
N THR A 1006 -45.28 -16.55 14.71
CA THR A 1006 -44.96 -17.22 15.98
C THR A 1006 -46.17 -17.90 16.59
N ARG A 1007 -47.15 -18.31 15.78
CA ARG A 1007 -48.27 -19.06 16.33
C ARG A 1007 -47.91 -20.54 16.48
N ASP A 1008 -47.64 -21.20 15.37
CA ASP A 1008 -47.15 -22.58 15.37
C ASP A 1008 -45.72 -22.67 14.84
N TYR A 1009 -45.51 -22.13 13.63
CA TYR A 1009 -44.21 -22.05 12.95
C TYR A 1009 -43.59 -23.43 12.76
N LYS A 1010 -44.21 -24.19 11.87
CA LYS A 1010 -43.50 -25.31 11.27
C LYS A 1010 -42.37 -24.78 10.40
N ILE A 1011 -41.29 -25.53 10.34
CA ILE A 1011 -40.16 -25.16 9.48
C ILE A 1011 -40.51 -25.50 8.04
N PRO A 1012 -40.39 -24.56 7.10
CA PRO A 1012 -40.80 -24.85 5.72
C PRO A 1012 -39.77 -25.70 4.99
N THR A 1013 -40.26 -26.50 4.05
CA THR A 1013 -39.43 -27.27 3.14
C THR A 1013 -39.78 -26.88 1.72
N MET A 1014 -38.76 -26.56 0.94
CA MET A 1014 -38.96 -26.32 -0.49
C MET A 1014 -39.09 -27.65 -1.22
N PRO A 1015 -39.54 -27.67 -2.48
CA PRO A 1015 -39.47 -28.92 -3.24
C PRO A 1015 -38.07 -29.34 -3.62
N ALA A 1016 -37.09 -28.43 -3.56
CA ALA A 1016 -35.75 -28.68 -4.05
C ALA A 1016 -34.82 -29.30 -3.02
N ASP A 1017 -35.17 -29.30 -1.75
CA ASP A 1017 -34.29 -29.89 -0.74
C ASP A 1017 -34.58 -31.36 -0.50
N ALA A 1018 -35.19 -32.04 -1.47
CA ALA A 1018 -35.21 -33.49 -1.48
C ALA A 1018 -33.85 -34.07 -1.82
N LEU A 1019 -32.94 -33.26 -2.37
CA LEU A 1019 -31.59 -33.69 -2.68
C LEU A 1019 -30.74 -33.94 -1.45
N HIS A 1020 -31.18 -33.50 -0.27
CA HIS A 1020 -30.45 -33.82 0.94
C HIS A 1020 -30.67 -35.25 1.41
N LEU A 1021 -31.65 -35.96 0.85
CA LEU A 1021 -32.06 -37.26 1.38
C LEU A 1021 -31.23 -38.37 0.75
N TYR A 1022 -30.02 -38.53 1.27
CA TYR A 1022 -29.11 -39.57 0.83
C TYR A 1022 -28.26 -40.03 2.01
N GLU A 1023 -27.95 -41.32 2.04
CA GLU A 1023 -27.15 -41.89 3.10
C GLU A 1023 -26.12 -42.87 2.57
N PHE A 1024 -25.26 -43.32 3.46
CA PHE A 1024 -24.08 -44.11 3.13
C PHE A 1024 -23.96 -45.24 4.12
N GLU A 1025 -23.98 -46.47 3.63
CA GLU A 1025 -23.85 -47.65 4.47
C GLU A 1025 -22.42 -48.17 4.39
N VAL A 1026 -21.97 -48.78 5.48
CA VAL A 1026 -20.60 -49.22 5.59
C VAL A 1026 -20.50 -50.69 5.22
N GLU A 1027 -19.71 -50.99 4.20
CA GLU A 1027 -19.43 -52.34 3.80
C GLU A 1027 -18.20 -52.87 4.55
N ASP A 1028 -18.01 -54.18 4.51
CA ASP A 1028 -16.87 -54.82 5.13
C ASP A 1028 -15.66 -54.91 4.21
N VAL A 1029 -15.71 -54.27 3.05
CA VAL A 1029 -14.59 -54.21 2.12
C VAL A 1029 -13.75 -52.99 2.48
N THR A 1030 -12.46 -53.22 2.74
CA THR A 1030 -11.53 -52.14 3.04
C THR A 1030 -11.00 -51.57 1.73
N VAL A 1031 -11.05 -50.25 1.59
CA VAL A 1031 -10.51 -49.62 0.40
C VAL A 1031 -8.99 -49.64 0.46
N ASP A 1032 -8.38 -49.55 -0.71
CA ASP A 1032 -6.94 -49.41 -0.78
C ASP A 1032 -6.53 -47.95 -0.59
N LEU A 1033 -5.38 -47.76 0.02
CA LEU A 1033 -4.83 -46.43 0.24
C LEU A 1033 -4.02 -46.02 -0.97
N LEU A 1034 -3.82 -44.71 -1.11
CA LEU A 1034 -2.94 -44.20 -2.15
C LEU A 1034 -1.50 -44.64 -1.86
N PRO A 1035 -0.68 -44.80 -2.90
CA PRO A 1035 0.73 -45.17 -2.66
C PRO A 1035 1.55 -44.11 -1.94
N HIS A 1036 1.13 -42.85 -1.95
CA HIS A 1036 1.83 -41.84 -1.15
C HIS A 1036 1.44 -41.86 0.32
N ALA A 1037 0.59 -42.80 0.75
CA ALA A 1037 0.33 -42.95 2.17
C ALA A 1037 1.54 -43.48 2.91
N LYS A 1038 2.38 -44.25 2.23
CA LYS A 1038 3.59 -44.75 2.85
C LYS A 1038 4.72 -43.71 2.79
N HIS A 1039 4.66 -42.80 1.83
CA HIS A 1039 5.73 -41.82 1.69
C HIS A 1039 5.57 -40.65 2.65
N THR A 1040 4.38 -40.47 3.22
CA THR A 1040 4.11 -39.40 4.18
C THR A 1040 4.02 -39.90 5.61
N SER A 1041 4.20 -41.21 5.84
CA SER A 1041 4.21 -41.75 7.18
C SER A 1041 5.49 -41.44 7.93
N TYR A 1042 6.54 -41.05 7.22
CA TYR A 1042 7.77 -40.54 7.81
C TYR A 1042 7.77 -39.04 7.62
N SER A 1043 7.95 -38.28 8.70
CA SER A 1043 8.13 -36.82 8.66
C SER A 1043 6.96 -36.10 8.01
N ASN A 1044 5.83 -36.03 8.71
CA ASN A 1044 4.59 -35.45 8.21
C ASN A 1044 4.77 -34.05 7.62
N LEU A 1045 4.05 -33.79 6.53
CA LEU A 1045 4.23 -32.55 5.78
C LEU A 1045 3.29 -31.45 6.23
N ALA A 1046 2.63 -31.61 7.38
CA ALA A 1046 1.94 -30.54 8.08
C ALA A 1046 1.85 -30.95 9.55
N TYR A 1047 1.58 -29.97 10.42
CA TYR A 1047 1.48 -30.29 11.83
C TYR A 1047 0.24 -31.09 12.17
N ASN A 1048 -0.79 -31.06 11.33
CA ASN A 1048 -1.98 -31.88 11.55
C ASN A 1048 -1.98 -33.18 10.77
N MET A 1049 -0.98 -33.45 9.94
CA MET A 1049 -0.99 -34.59 9.04
C MET A 1049 -0.05 -35.69 9.50
N SER A 1050 0.08 -35.89 10.82
CA SER A 1050 0.93 -36.95 11.34
C SER A 1050 0.31 -38.31 11.08
N PHE A 1051 1.13 -39.35 11.22
CA PHE A 1051 0.73 -40.70 10.90
C PHE A 1051 -0.37 -41.19 11.83
N GLY A 1052 -1.55 -41.42 11.27
CA GLY A 1052 -2.73 -41.81 12.00
C GLY A 1052 -3.79 -40.75 12.08
N SER A 1053 -3.44 -39.49 11.86
CA SER A 1053 -4.37 -38.38 12.01
C SER A 1053 -5.37 -38.36 10.85
N ASP A 1054 -6.38 -37.50 11.00
CA ASP A 1054 -7.46 -37.44 10.01
C ASP A 1054 -7.05 -36.68 8.76
N GLY A 1055 -6.16 -35.70 8.86
CA GLY A 1055 -5.67 -35.04 7.67
C GLY A 1055 -4.78 -35.93 6.83
N TRP A 1056 -3.92 -36.70 7.50
CA TRP A 1056 -3.12 -37.73 6.84
C TRP A 1056 -3.99 -38.76 6.15
N PHE A 1057 -5.04 -39.23 6.82
CA PHE A 1057 -5.86 -40.29 6.27
C PHE A 1057 -6.76 -39.76 5.15
N ALA A 1058 -7.17 -38.49 5.24
CA ALA A 1058 -7.90 -37.87 4.15
C ALA A 1058 -7.02 -37.70 2.92
N PHE A 1059 -5.74 -37.39 3.13
CA PHE A 1059 -4.81 -37.33 2.00
C PHE A 1059 -4.58 -38.71 1.42
N ALA A 1060 -4.50 -39.72 2.28
CA ALA A 1060 -4.33 -41.09 1.85
C ALA A 1060 -5.56 -41.67 1.16
N LEU A 1061 -6.73 -41.09 1.36
CA LEU A 1061 -7.93 -41.56 0.68
C LEU A 1061 -8.24 -40.77 -0.58
N LEU A 1062 -8.26 -39.44 -0.50
CA LEU A 1062 -8.72 -38.62 -1.62
C LEU A 1062 -7.59 -38.21 -2.54
N GLY A 1063 -6.37 -38.12 -2.04
CA GLY A 1063 -5.23 -37.73 -2.84
C GLY A 1063 -4.98 -36.23 -2.77
N GLY A 1064 -4.04 -35.80 -3.60
CA GLY A 1064 -3.62 -34.42 -3.62
C GLY A 1064 -4.34 -33.59 -4.66
N LEU A 1065 -3.96 -32.33 -4.72
CA LEU A 1065 -4.61 -31.36 -5.59
C LEU A 1065 -3.85 -31.25 -6.90
N ASP A 1066 -4.60 -31.07 -7.99
CA ASP A 1066 -4.00 -31.00 -9.32
C ASP A 1066 -4.72 -29.95 -10.15
N ARG A 1067 -3.96 -29.24 -10.98
CA ARG A 1067 -4.50 -28.17 -11.82
C ARG A 1067 -5.00 -28.66 -13.17
N SER A 1068 -4.58 -29.85 -13.60
CA SER A 1068 -4.97 -30.38 -14.90
C SER A 1068 -5.96 -31.53 -14.80
N ALA A 1069 -6.24 -32.02 -13.58
CA ALA A 1069 -7.18 -33.13 -13.41
C ALA A 1069 -8.60 -32.59 -13.21
N ASN A 1070 -9.09 -31.97 -14.26
CA ASN A 1070 -10.48 -31.49 -14.33
C ASN A 1070 -11.28 -32.48 -15.18
N LEU A 1071 -11.76 -33.55 -14.54
CA LEU A 1071 -12.49 -34.59 -15.25
C LEU A 1071 -13.87 -34.09 -15.66
N LEU A 1072 -14.70 -33.73 -14.70
CA LEU A 1072 -15.95 -33.02 -14.94
C LEU A 1072 -15.80 -31.63 -14.35
N ARG A 1073 -15.86 -30.61 -15.19
CA ARG A 1073 -15.68 -29.24 -14.75
C ARG A 1073 -16.93 -28.41 -14.99
N LEU A 1074 -17.59 -28.59 -16.13
CA LEU A 1074 -18.79 -27.81 -16.43
C LEU A 1074 -19.98 -28.33 -15.62
N ASP A 1075 -20.13 -29.66 -15.55
CA ASP A 1075 -21.33 -30.23 -14.95
C ASP A 1075 -21.25 -30.22 -13.42
N VAL A 1076 -20.04 -30.23 -12.87
CA VAL A 1076 -19.88 -30.08 -11.41
C VAL A 1076 -20.15 -28.65 -11.00
N ALA A 1077 -19.40 -27.72 -11.58
CA ALA A 1077 -19.45 -26.33 -11.16
C ALA A 1077 -20.75 -25.66 -11.57
N SER A 1078 -21.48 -26.26 -12.50
CA SER A 1078 -22.81 -25.75 -12.84
C SER A 1078 -23.78 -25.92 -11.69
N ILE A 1079 -23.99 -27.15 -11.24
CA ILE A 1079 -24.94 -27.37 -10.17
C ILE A 1079 -24.36 -26.94 -8.83
N ARG A 1080 -23.04 -26.77 -8.74
CA ARG A 1080 -22.48 -26.17 -7.53
C ARG A 1080 -22.59 -24.64 -7.60
N GLY A 1081 -21.88 -24.03 -8.53
CA GLY A 1081 -21.81 -22.59 -8.59
C GLY A 1081 -22.25 -21.96 -9.89
N ASN A 1082 -21.25 -21.50 -10.65
CA ASN A 1082 -21.41 -20.65 -11.82
C ASN A 1082 -21.35 -21.44 -13.11
N TYR A 1083 -21.42 -20.74 -14.24
CA TYR A 1083 -21.12 -21.38 -15.51
C TYR A 1083 -19.62 -21.38 -15.77
N HIS A 1084 -19.03 -20.20 -15.92
CA HIS A 1084 -17.59 -20.01 -15.75
C HIS A 1084 -17.27 -19.01 -14.66
N LYS A 1085 -17.84 -17.81 -14.74
CA LYS A 1085 -17.80 -16.86 -13.65
C LYS A 1085 -19.17 -16.40 -13.21
N PHE A 1086 -20.13 -16.33 -14.14
CA PHE A 1086 -21.47 -15.86 -13.86
C PHE A 1086 -22.22 -16.89 -13.03
N SER A 1087 -22.43 -16.61 -11.74
CA SER A 1087 -23.25 -17.51 -10.96
C SER A 1087 -24.72 -17.31 -11.27
N TYR A 1088 -25.51 -18.35 -11.02
CA TYR A 1088 -26.94 -18.26 -11.32
C TYR A 1088 -27.64 -17.33 -10.34
N ASP A 1089 -27.12 -17.19 -9.13
CA ASP A 1089 -27.63 -16.22 -8.16
C ASP A 1089 -26.90 -14.88 -8.30
N ASP A 1090 -26.83 -14.39 -9.53
CA ASP A 1090 -26.45 -13.03 -9.84
C ASP A 1090 -27.62 -12.32 -10.51
N PRO A 1091 -27.81 -11.04 -10.26
CA PRO A 1091 -28.87 -10.30 -10.98
C PRO A 1091 -28.60 -10.20 -12.46
N VAL A 1092 -27.34 -10.26 -12.87
CA VAL A 1092 -26.97 -10.28 -14.29
C VAL A 1092 -27.60 -11.48 -14.98
N PHE A 1093 -27.33 -12.69 -14.46
CA PHE A 1093 -27.85 -13.90 -15.08
C PHE A 1093 -29.36 -13.99 -14.94
N LYS A 1094 -29.92 -13.54 -13.82
CA LYS A 1094 -31.35 -13.65 -13.60
C LYS A 1094 -32.13 -12.76 -14.56
N GLN A 1095 -31.73 -11.49 -14.67
CA GLN A 1095 -32.36 -10.59 -15.62
C GLN A 1095 -32.10 -11.02 -17.06
N GLY A 1096 -30.92 -11.59 -17.33
CA GLY A 1096 -30.64 -12.08 -18.67
C GLY A 1096 -31.46 -13.30 -19.03
N TYR A 1097 -31.73 -14.17 -18.06
CA TYR A 1097 -32.52 -15.34 -18.38
C TYR A 1097 -33.99 -15.00 -18.48
N LYS A 1098 -34.42 -13.95 -17.77
CA LYS A 1098 -35.77 -13.42 -17.97
C LYS A 1098 -35.95 -12.85 -19.37
N ILE A 1099 -34.98 -12.06 -19.84
CA ILE A 1099 -35.08 -11.52 -21.20
C ILE A 1099 -34.76 -12.59 -22.25
N TYR A 1100 -34.12 -13.69 -21.85
CA TYR A 1100 -33.89 -14.81 -22.75
C TYR A 1100 -35.17 -15.61 -22.97
N LYS A 1101 -35.92 -15.89 -21.90
CA LYS A 1101 -37.19 -16.59 -22.02
C LYS A 1101 -38.26 -15.75 -22.72
N SER A 1102 -38.11 -14.43 -22.70
CA SER A 1102 -38.97 -13.52 -23.46
C SER A 1102 -38.48 -13.39 -24.90
N ASP A 1103 -38.92 -12.35 -25.59
CA ASP A 1103 -38.52 -12.10 -26.98
C ASP A 1103 -37.01 -11.90 -27.08
N ALA A 1104 -36.44 -12.42 -28.17
CA ALA A 1104 -35.00 -12.44 -28.37
C ALA A 1104 -34.49 -11.21 -29.11
N THR A 1105 -35.38 -10.37 -29.63
CA THR A 1105 -34.94 -9.15 -30.29
C THR A 1105 -34.40 -8.12 -29.31
N LEU A 1106 -34.79 -8.20 -28.05
CA LEU A 1106 -34.29 -7.29 -27.01
C LEU A 1106 -32.98 -7.74 -26.40
N LEU A 1107 -32.56 -8.96 -26.77
CA LEU A 1107 -31.34 -9.60 -26.23
C LEU A 1107 -30.03 -8.89 -26.54
N ASN A 1108 -29.86 -8.47 -27.78
CA ASN A 1108 -28.68 -7.70 -28.16
C ASN A 1108 -28.63 -6.36 -27.43
N ASP A 1109 -29.81 -5.78 -27.15
CA ASP A 1109 -29.87 -4.59 -26.29
C ASP A 1109 -29.43 -4.92 -24.88
N PHE A 1110 -29.72 -6.13 -24.39
CA PHE A 1110 -29.18 -6.57 -23.10
C PHE A 1110 -27.66 -6.64 -23.15
N PHE A 1111 -27.10 -7.17 -24.24
CA PHE A 1111 -25.64 -7.23 -24.37
C PHE A 1111 -25.00 -5.86 -24.43
N VAL A 1112 -25.65 -4.89 -25.09
CA VAL A 1112 -25.09 -3.54 -25.14
C VAL A 1112 -25.24 -2.83 -23.79
N ALA A 1113 -26.34 -3.08 -23.06
CA ALA A 1113 -26.54 -2.44 -21.77
C ALA A 1113 -25.58 -2.99 -20.71
N ILE A 1114 -25.30 -4.29 -20.75
CA ILE A 1114 -24.26 -4.85 -19.89
C ILE A 1114 -22.88 -4.46 -20.41
N SER A 1115 -22.77 -4.18 -21.70
CA SER A 1115 -21.55 -3.76 -22.41
C SER A 1115 -20.44 -4.79 -22.28
N ALA A 1116 -20.80 -6.07 -22.28
CA ALA A 1116 -19.81 -7.13 -22.29
C ALA A 1116 -19.27 -7.33 -23.70
N GLY A 1117 -18.05 -7.87 -23.77
CA GLY A 1117 -17.44 -8.17 -25.05
C GLY A 1117 -18.05 -9.39 -25.70
N PRO A 1118 -17.59 -9.69 -26.92
CA PRO A 1118 -18.19 -10.80 -27.68
C PRO A 1118 -17.86 -12.19 -27.13
N LYS A 1119 -16.69 -12.37 -26.52
CA LYS A 1119 -16.36 -13.66 -25.92
C LYS A 1119 -17.22 -13.94 -24.70
N GLU A 1120 -17.38 -12.92 -23.83
CA GLU A 1120 -18.31 -13.04 -22.71
C GLU A 1120 -19.75 -13.17 -23.18
N GLN A 1121 -20.08 -12.54 -24.31
CA GLN A 1121 -21.39 -12.69 -24.94
C GLN A 1121 -21.68 -14.14 -25.31
N GLY A 1122 -20.71 -14.80 -25.94
CA GLY A 1122 -20.89 -16.20 -26.29
C GLY A 1122 -20.95 -17.12 -25.07
N ILE A 1123 -20.10 -16.84 -24.07
CA ILE A 1123 -20.11 -17.61 -22.83
C ILE A 1123 -21.45 -17.49 -22.12
N LEU A 1124 -22.04 -16.29 -22.17
CA LEU A 1124 -23.28 -16.06 -21.44
C LEU A 1124 -24.50 -16.60 -22.18
N LEU A 1125 -24.47 -16.60 -23.53
CA LEU A 1125 -25.49 -17.33 -24.29
C LEU A 1125 -25.44 -18.83 -24.02
N ARG A 1126 -24.23 -19.41 -23.96
CA ARG A 1126 -24.12 -20.81 -23.61
C ARG A 1126 -24.52 -21.07 -22.16
N ALA A 1127 -24.37 -20.07 -21.29
CA ALA A 1127 -24.84 -20.20 -19.91
C ALA A 1127 -26.36 -20.27 -19.85
N PHE A 1128 -27.06 -19.46 -20.66
CA PHE A 1128 -28.52 -19.57 -20.70
C PHE A 1128 -28.95 -20.91 -21.30
N ALA A 1129 -28.23 -21.37 -22.32
CA ALA A 1129 -28.57 -22.64 -22.95
C ALA A 1129 -28.34 -23.81 -21.99
N TYR A 1130 -27.36 -23.70 -21.10
CA TYR A 1130 -27.14 -24.78 -20.16
C TYR A 1130 -28.05 -24.65 -18.94
N TYR A 1131 -28.58 -23.47 -18.66
CA TYR A 1131 -29.56 -23.39 -17.59
C TYR A 1131 -30.95 -23.84 -18.05
N SER A 1132 -31.28 -23.62 -19.33
CA SER A 1132 -32.60 -24.01 -19.81
C SER A 1132 -32.74 -25.53 -19.94
N LEU A 1133 -31.64 -26.23 -20.19
CA LEU A 1133 -31.62 -27.69 -20.26
C LEU A 1133 -30.74 -28.21 -19.13
N TYR A 1134 -31.35 -28.97 -18.21
CA TYR A 1134 -30.68 -29.59 -17.07
C TYR A 1134 -30.03 -28.56 -16.15
N GLY A 1135 -30.82 -27.57 -15.74
CA GLY A 1135 -30.43 -26.61 -14.72
C GLY A 1135 -31.31 -26.66 -13.50
N ASN A 1136 -32.15 -27.67 -13.37
CA ASN A 1136 -33.12 -27.69 -12.28
C ASN A 1136 -32.50 -28.16 -10.97
N VAL A 1137 -31.58 -29.12 -11.01
CA VAL A 1137 -30.91 -29.53 -9.78
C VAL A 1137 -29.70 -28.63 -9.56
N GLU A 1138 -29.41 -28.36 -8.28
CA GLU A 1138 -28.33 -27.47 -7.88
C GLU A 1138 -28.06 -27.73 -6.41
N TYR A 1139 -26.80 -27.55 -5.99
CA TYR A 1139 -26.57 -28.04 -4.65
C TYR A 1139 -25.90 -27.04 -3.70
N HIS A 1140 -24.97 -26.22 -4.21
CA HIS A 1140 -24.45 -25.02 -3.53
C HIS A 1140 -23.75 -25.32 -2.20
N TYR A 1141 -22.59 -25.94 -2.30
CA TYR A 1141 -21.69 -26.03 -1.16
C TYR A 1141 -20.56 -25.02 -1.28
N VAL A 1142 -19.89 -24.76 -0.15
CA VAL A 1142 -18.78 -23.80 -0.08
C VAL A 1142 -17.65 -24.44 0.72
N LEU A 1143 -16.46 -24.53 0.10
CA LEU A 1143 -15.22 -24.82 0.81
C LEU A 1143 -14.27 -23.63 0.66
N SER A 1144 -13.03 -23.80 1.12
CA SER A 1144 -12.03 -22.76 1.08
C SER A 1144 -10.67 -23.35 0.76
N PRO A 1145 -9.80 -22.60 0.08
CA PRO A 1145 -8.46 -23.13 -0.21
C PRO A 1145 -7.56 -23.28 1.01
N ARG A 1146 -7.71 -22.44 2.03
CA ARG A 1146 -6.98 -22.65 3.27
C ARG A 1146 -7.50 -23.86 4.03
N GLN A 1147 -8.75 -24.24 3.79
CA GLN A 1147 -9.35 -25.39 4.45
C GLN A 1147 -8.89 -26.69 3.78
N LEU A 1148 -8.95 -26.73 2.45
CA LEU A 1148 -8.49 -27.87 1.67
C LEU A 1148 -7.11 -27.57 1.09
N PHE A 1149 -6.12 -27.49 1.97
CA PHE A 1149 -4.81 -26.94 1.60
C PHE A 1149 -3.99 -27.92 0.78
N PHE A 1150 -3.69 -29.10 1.35
CA PHE A 1150 -3.05 -30.17 0.60
C PHE A 1150 -4.04 -31.10 -0.09
N LEU A 1151 -5.33 -31.00 0.21
CA LEU A 1151 -6.31 -31.96 -0.28
C LEU A 1151 -6.93 -31.47 -1.58
N SER A 1152 -7.59 -32.39 -2.27
CA SER A 1152 -8.06 -32.13 -3.63
C SER A 1152 -9.35 -31.34 -3.66
N ASP A 1153 -9.45 -30.46 -4.64
CA ASP A 1153 -10.65 -29.65 -4.87
C ASP A 1153 -11.68 -30.37 -5.72
N ASN A 1154 -11.41 -31.59 -6.14
CA ASN A 1154 -12.25 -32.24 -7.14
C ASN A 1154 -13.12 -33.28 -6.47
N PRO A 1155 -14.44 -33.23 -6.64
CA PRO A 1155 -15.30 -34.29 -6.10
C PRO A 1155 -15.18 -35.62 -6.83
N VAL A 1156 -14.50 -35.67 -7.98
CA VAL A 1156 -14.33 -36.91 -8.72
C VAL A 1156 -13.36 -37.85 -8.00
N SER A 1157 -12.51 -37.31 -7.13
CA SER A 1157 -11.55 -38.12 -6.39
C SER A 1157 -12.19 -39.05 -5.37
N ALA A 1158 -13.49 -38.92 -5.11
CA ALA A 1158 -14.19 -39.80 -4.18
C ALA A 1158 -14.98 -40.90 -4.87
N GLU A 1159 -14.94 -40.99 -6.21
CA GLU A 1159 -15.77 -41.99 -6.88
C GLU A 1159 -15.22 -43.40 -6.74
N ARG A 1160 -13.95 -43.53 -6.34
CA ARG A 1160 -13.39 -44.86 -6.15
C ARG A 1160 -13.73 -45.43 -4.78
N LEU A 1161 -14.32 -44.61 -3.90
CA LEU A 1161 -14.52 -44.98 -2.50
C LEU A 1161 -15.93 -45.44 -2.19
N VAL A 1162 -16.91 -45.11 -3.03
CA VAL A 1162 -18.32 -45.34 -2.74
C VAL A 1162 -18.92 -46.14 -3.89
N ARG A 1163 -19.61 -47.23 -3.54
CA ARG A 1163 -20.29 -48.06 -4.53
C ARG A 1163 -21.72 -47.54 -4.73
N ILE A 1164 -21.99 -47.01 -5.90
CA ILE A 1164 -23.30 -46.48 -6.25
C ILE A 1164 -23.95 -47.46 -7.22
N PRO A 1165 -25.14 -47.98 -6.92
CA PRO A 1165 -25.83 -48.90 -7.84
C PRO A 1165 -26.25 -48.22 -9.11
N PRO A 1166 -26.11 -48.89 -10.27
CA PRO A 1166 -26.31 -48.22 -11.56
C PRO A 1166 -27.76 -47.93 -11.91
N SER A 1167 -28.73 -48.42 -11.12
CA SER A 1167 -30.13 -48.12 -11.38
C SER A 1167 -30.53 -46.71 -10.95
N TYR A 1168 -29.64 -45.96 -10.31
CA TYR A 1168 -29.93 -44.59 -9.92
C TYR A 1168 -29.54 -43.57 -10.98
N TYR A 1169 -28.70 -43.95 -11.94
CA TYR A 1169 -28.25 -43.05 -12.98
C TYR A 1169 -29.38 -42.88 -14.00
N VAL A 1170 -30.23 -41.89 -13.74
CA VAL A 1170 -31.41 -41.64 -14.55
C VAL A 1170 -31.36 -40.30 -15.25
N SER A 1171 -30.25 -39.57 -15.15
CA SER A 1171 -30.12 -38.30 -15.84
C SER A 1171 -28.65 -38.05 -16.13
N THR A 1172 -28.39 -37.13 -17.07
CA THR A 1172 -27.04 -36.81 -17.49
C THR A 1172 -26.24 -36.07 -16.43
N GLN A 1173 -26.90 -35.54 -15.41
CA GLN A 1173 -26.24 -34.83 -14.32
C GLN A 1173 -26.36 -35.57 -13.00
N CYS A 1174 -26.54 -36.89 -13.05
CA CYS A 1174 -26.52 -37.70 -11.85
C CYS A 1174 -25.11 -38.03 -11.39
N ARG A 1175 -24.18 -38.17 -12.33
CA ARG A 1175 -22.85 -38.69 -12.01
C ARG A 1175 -22.06 -37.71 -11.14
N ALA A 1176 -21.98 -36.45 -11.58
CA ALA A 1176 -21.30 -35.41 -10.82
C ALA A 1176 -22.00 -35.10 -9.52
N LEU A 1177 -23.32 -35.15 -9.52
CA LEU A 1177 -24.14 -34.91 -8.34
C LEU A 1177 -23.87 -35.95 -7.26
N TYR A 1178 -23.79 -37.22 -7.65
CA TYR A 1178 -23.52 -38.28 -6.69
C TYR A 1178 -22.05 -38.25 -6.25
N ASN A 1179 -21.16 -37.81 -7.14
CA ASN A 1179 -19.76 -37.61 -6.75
C ASN A 1179 -19.62 -36.53 -5.69
N ILE A 1180 -20.41 -35.46 -5.82
CA ILE A 1180 -20.41 -34.40 -4.82
C ILE A 1180 -20.97 -34.91 -3.50
N PHE A 1181 -22.05 -35.71 -3.56
CA PHE A 1181 -22.60 -36.36 -2.37
C PHE A 1181 -21.56 -37.17 -1.62
N SER A 1182 -20.87 -38.06 -2.34
CA SER A 1182 -19.85 -38.90 -1.74
C SER A 1182 -18.66 -38.09 -1.22
N TYR A 1183 -18.24 -37.06 -1.97
CA TYR A 1183 -17.08 -36.27 -1.61
C TYR A 1183 -17.32 -35.46 -0.34
N LEU A 1184 -18.46 -34.77 -0.27
CA LEU A 1184 -18.78 -33.99 0.91
C LEU A 1184 -19.05 -34.86 2.12
N HIS A 1185 -19.62 -36.06 1.93
CA HIS A 1185 -19.80 -36.95 3.07
C HIS A 1185 -18.49 -37.49 3.59
N ILE A 1186 -17.54 -37.77 2.69
CA ILE A 1186 -16.27 -38.33 3.14
C ILE A 1186 -15.43 -37.25 3.84
N LEU A 1187 -15.43 -36.02 3.33
CA LEU A 1187 -14.75 -34.94 4.05
C LEU A 1187 -15.44 -34.57 5.34
N ARG A 1188 -16.76 -34.73 5.42
CA ARG A 1188 -17.50 -34.30 6.61
C ARG A 1188 -17.26 -35.22 7.80
N SER A 1189 -16.88 -36.48 7.57
CA SER A 1189 -16.87 -37.49 8.61
C SER A 1189 -15.58 -38.30 8.58
N ILE A 1190 -14.43 -37.60 8.59
CA ILE A 1190 -13.15 -38.31 8.54
C ILE A 1190 -12.82 -38.93 9.89
N THR A 1191 -13.42 -38.40 10.96
CA THR A 1191 -13.04 -38.80 12.32
C THR A 1191 -13.49 -40.22 12.64
N SER A 1192 -14.58 -40.67 12.03
CA SER A 1192 -15.04 -42.03 12.29
C SER A 1192 -14.74 -42.95 11.12
N ASN A 1193 -13.97 -42.47 10.15
CA ASN A 1193 -13.66 -43.26 8.96
C ASN A 1193 -12.48 -44.17 9.24
N GLN A 1194 -12.73 -45.48 9.19
CA GLN A 1194 -11.71 -46.49 9.51
C GLN A 1194 -11.22 -47.22 8.27
N GLY A 1195 -11.54 -46.73 7.09
CA GLY A 1195 -11.01 -47.30 5.86
C GLY A 1195 -11.89 -48.31 5.16
N LYS A 1196 -13.19 -48.26 5.38
CA LYS A 1196 -14.13 -49.18 4.74
C LYS A 1196 -14.80 -48.53 3.54
N ARG A 1197 -15.30 -49.37 2.64
CA ARG A 1197 -15.96 -48.86 1.44
C ARG A 1197 -17.42 -48.55 1.76
N LEU A 1198 -17.92 -47.46 1.19
CA LEU A 1198 -19.28 -47.02 1.42
C LEU A 1198 -20.21 -47.46 0.30
N GLY A 1199 -21.49 -47.58 0.63
CA GLY A 1199 -22.53 -47.85 -0.33
C GLY A 1199 -23.66 -46.84 -0.19
N MET A 1200 -24.01 -46.17 -1.28
CA MET A 1200 -24.94 -45.05 -1.21
C MET A 1200 -26.36 -45.52 -1.46
N VAL A 1201 -27.29 -45.08 -0.60
CA VAL A 1201 -28.71 -45.31 -0.79
C VAL A 1201 -29.39 -43.97 -1.00
N LEU A 1202 -30.41 -43.96 -1.85
CA LEU A 1202 -31.10 -42.74 -2.22
C LEU A 1202 -32.59 -42.86 -1.89
N HIS A 1203 -33.25 -41.72 -1.88
CA HIS A 1203 -34.67 -41.57 -1.61
C HIS A 1203 -35.44 -41.52 -2.93
N PRO A 1204 -36.61 -42.15 -3.01
CA PRO A 1204 -37.37 -42.14 -4.26
C PRO A 1204 -37.86 -40.75 -4.67
N GLY A 1205 -38.05 -39.86 -3.70
CA GLY A 1205 -38.31 -38.47 -4.01
C GLY A 1205 -37.12 -37.76 -4.62
N LEU A 1206 -35.90 -38.17 -4.25
CA LEU A 1206 -34.71 -37.62 -4.89
C LEU A 1206 -34.62 -38.04 -6.35
N ILE A 1207 -34.92 -39.32 -6.62
CA ILE A 1207 -34.96 -39.81 -8.00
C ILE A 1207 -36.06 -39.12 -8.79
N ALA A 1208 -37.21 -38.92 -8.17
CA ALA A 1208 -38.33 -38.25 -8.82
C ALA A 1208 -38.04 -36.78 -9.07
N TYR A 1209 -37.25 -36.15 -8.21
CA TYR A 1209 -36.88 -34.76 -8.44
C TYR A 1209 -35.82 -34.62 -9.50
N VAL A 1210 -34.91 -35.59 -9.61
CA VAL A 1210 -33.86 -35.49 -10.62
C VAL A 1210 -34.40 -35.85 -12.00
N ARG A 1211 -35.35 -36.80 -12.09
CA ARG A 1211 -36.01 -37.08 -13.36
C ARG A 1211 -36.82 -35.89 -13.85
N GLY A 1212 -37.48 -35.19 -12.94
CA GLY A 1212 -38.28 -34.03 -13.29
C GLY A 1212 -39.39 -33.73 -12.31
N MET B 1 -7.18 29.35 -35.25
CA MET B 1 -7.67 29.40 -33.87
C MET B 1 -6.60 29.10 -32.84
N PHE B 2 -6.23 30.11 -32.06
CA PHE B 2 -5.22 29.99 -31.03
C PHE B 2 -5.83 29.41 -29.75
N ALA B 3 -4.95 28.89 -28.88
CA ALA B 3 -5.40 28.41 -27.59
C ALA B 3 -5.87 29.55 -26.70
N ILE B 4 -5.26 30.71 -26.84
CA ILE B 4 -5.64 31.92 -26.11
C ILE B 4 -6.07 32.95 -27.14
N ASP B 5 -7.23 33.52 -26.93
CA ASP B 5 -7.85 34.42 -27.90
C ASP B 5 -7.06 35.72 -28.00
N PRO B 6 -6.53 36.09 -29.18
CA PRO B 6 -5.77 37.34 -29.28
C PRO B 6 -6.64 38.58 -29.22
N LEU B 7 -7.92 38.48 -29.57
CA LEU B 7 -8.79 39.64 -29.53
C LEU B 7 -9.19 40.00 -28.10
N LYS B 8 -9.16 39.02 -27.20
CA LYS B 8 -9.42 39.27 -25.78
C LYS B 8 -8.14 39.53 -25.00
N HIS B 9 -7.17 38.62 -25.11
CA HIS B 9 -5.92 38.73 -24.38
C HIS B 9 -4.81 39.28 -25.28
N SER B 10 -5.01 40.50 -25.76
CA SER B 10 -4.06 41.10 -26.68
C SER B 10 -2.75 41.48 -26.00
N LYS B 11 -2.80 41.81 -24.72
CA LYS B 11 -1.60 42.28 -24.02
C LYS B 11 -0.60 41.16 -23.79
N LEU B 12 -1.10 39.93 -23.58
CA LEU B 12 -0.24 38.75 -23.48
C LEU B 12 0.50 38.49 -24.78
N TYR B 13 -0.15 38.71 -25.92
CA TYR B 13 0.53 38.57 -27.18
C TYR B 13 1.46 39.74 -27.46
N GLU B 14 1.16 40.92 -26.92
CA GLU B 14 2.07 42.06 -27.04
C GLU B 14 3.35 41.80 -26.27
N GLU B 15 3.26 41.03 -25.20
CA GLU B 15 4.44 40.64 -24.43
C GLU B 15 5.42 39.82 -25.27
N TYR B 16 4.89 38.94 -26.13
CA TYR B 16 5.71 38.09 -26.98
C TYR B 16 6.30 38.81 -28.18
N GLY B 17 6.02 40.11 -28.35
CA GLY B 17 6.45 40.84 -29.52
C GLY B 17 5.50 40.76 -30.68
N LEU B 18 4.22 40.52 -30.43
CA LEU B 18 3.23 40.26 -31.46
C LEU B 18 2.12 41.29 -31.36
N TYR B 19 1.88 42.01 -32.43
CA TYR B 19 0.88 43.07 -32.47
C TYR B 19 -0.16 42.74 -33.53
N LEU B 20 -1.43 42.94 -33.19
CA LEU B 20 -2.52 42.64 -34.13
C LEU B 20 -2.48 43.58 -35.31
N ARG B 21 -2.66 43.02 -36.49
CA ARG B 21 -2.77 43.79 -37.70
C ARG B 21 -4.13 44.49 -37.73
N PRO B 22 -4.19 45.78 -38.08
CA PRO B 22 -5.43 46.54 -37.88
C PRO B 22 -6.54 46.12 -38.84
N HIS B 23 -7.75 46.49 -38.46
CA HIS B 23 -8.95 46.06 -39.18
C HIS B 23 -9.52 47.18 -40.03
N ALA B 40 -10.77 40.78 -45.69
CA ALA B 40 -9.70 39.81 -45.87
C ALA B 40 -10.03 38.54 -45.10
N PRO B 41 -9.67 37.36 -45.63
CA PRO B 41 -10.14 36.11 -45.01
C PRO B 41 -9.52 35.82 -43.65
N THR B 42 -8.30 36.28 -43.40
CA THR B 42 -7.68 36.10 -42.09
C THR B 42 -8.38 36.95 -41.03
N ILE B 43 -8.81 38.15 -41.41
CA ILE B 43 -9.55 39.04 -40.53
C ILE B 43 -10.90 38.43 -40.14
N ARG B 44 -11.53 37.73 -41.09
CA ARG B 44 -12.76 37.03 -40.75
C ARG B 44 -12.50 35.80 -39.90
N SER B 45 -11.36 35.14 -40.13
CA SER B 45 -11.04 33.91 -39.42
C SER B 45 -10.75 34.15 -37.94
N ILE B 46 -10.13 35.29 -37.61
CA ILE B 46 -9.83 35.54 -36.20
C ILE B 46 -11.10 35.88 -35.42
N LYS B 47 -12.08 36.53 -36.07
CA LYS B 47 -13.35 36.78 -35.41
C LYS B 47 -14.14 35.49 -35.25
N TYR B 48 -14.01 34.58 -36.22
CA TYR B 48 -14.66 33.27 -36.10
C TYR B 48 -14.09 32.49 -34.94
N ALA B 49 -12.77 32.53 -34.76
CA ALA B 49 -12.15 31.86 -33.63
C ALA B 49 -12.55 32.49 -32.30
N SER B 50 -12.74 33.82 -32.27
CA SER B 50 -13.23 34.46 -31.04
C SER B 50 -14.63 34.01 -30.68
N LEU B 51 -15.51 33.87 -31.69
CA LEU B 51 -16.86 33.38 -31.45
C LEU B 51 -16.86 31.93 -30.97
N ILE B 52 -15.94 31.11 -31.50
CA ILE B 52 -15.83 29.73 -31.04
C ILE B 52 -15.35 29.66 -29.59
N HIS B 53 -14.40 30.53 -29.21
CA HIS B 53 -13.95 30.58 -27.82
C HIS B 53 -15.08 30.96 -26.87
N SER B 54 -15.88 31.96 -27.24
CA SER B 54 -16.99 32.37 -26.39
C SER B 54 -18.04 31.27 -26.24
N MET B 55 -18.36 30.59 -27.35
CA MET B 55 -19.33 29.49 -27.32
C MET B 55 -18.82 28.33 -26.48
N LEU B 56 -17.52 28.01 -26.59
CA LEU B 56 -16.95 26.93 -25.81
C LEU B 56 -16.94 27.22 -24.32
N ALA B 57 -16.64 28.47 -23.95
CA ALA B 57 -16.68 28.83 -22.53
C ALA B 57 -18.10 28.77 -21.98
N LYS B 58 -19.09 29.18 -22.78
CA LYS B 58 -20.48 29.08 -22.36
C LYS B 58 -20.92 27.63 -22.17
N HIS B 59 -20.53 26.74 -23.09
CA HIS B 59 -20.94 25.34 -22.93
C HIS B 59 -20.18 24.65 -21.82
N ALA B 60 -18.93 25.03 -21.57
CA ALA B 60 -18.18 24.40 -20.49
C ALA B 60 -18.61 24.87 -19.12
N ALA B 61 -19.17 26.08 -19.01
CA ALA B 61 -19.61 26.55 -17.70
C ALA B 61 -20.83 25.82 -17.15
N ARG B 62 -21.50 24.99 -17.96
CA ARG B 62 -22.73 24.35 -17.50
C ARG B 62 -22.55 22.94 -16.97
N HIS B 63 -21.45 22.24 -17.31
CA HIS B 63 -21.24 20.87 -16.83
C HIS B 63 -19.86 20.76 -16.22
N ASN B 64 -19.73 21.21 -14.97
CA ASN B 64 -18.57 20.95 -14.10
C ASN B 64 -17.24 21.42 -14.72
N GLY B 65 -17.28 22.42 -15.60
CA GLY B 65 -16.08 22.86 -16.27
C GLY B 65 -15.57 21.95 -17.37
N THR B 66 -16.38 20.99 -17.84
CA THR B 66 -15.97 20.03 -18.85
C THR B 66 -16.87 20.12 -20.07
N LEU B 67 -16.42 19.48 -21.15
CA LEU B 67 -17.19 19.35 -22.37
C LEU B 67 -17.67 17.91 -22.52
N ILE B 68 -18.89 17.74 -23.02
CA ILE B 68 -19.59 16.47 -22.91
C ILE B 68 -19.13 15.47 -23.97
N ASN B 69 -18.57 15.94 -25.08
CA ASN B 69 -17.96 15.02 -26.05
C ASN B 69 -16.83 15.75 -26.74
N PRO B 70 -15.64 15.74 -26.14
CA PRO B 70 -14.53 16.54 -26.69
C PRO B 70 -14.00 16.04 -28.03
N ARG B 71 -14.18 14.77 -28.37
CA ARG B 71 -13.81 14.32 -29.71
C ARG B 71 -14.76 14.91 -30.75
N MET B 72 -16.05 15.02 -30.43
CA MET B 72 -17.02 15.61 -31.33
C MET B 72 -16.76 17.09 -31.53
N TYR B 73 -16.52 17.83 -30.44
CA TYR B 73 -16.16 19.24 -30.53
C TYR B 73 -14.87 19.45 -31.30
N ALA B 74 -13.89 18.57 -31.08
CA ALA B 74 -12.61 18.68 -31.78
C ALA B 74 -12.78 18.47 -33.27
N ASP B 75 -13.61 17.50 -33.67
CA ASP B 75 -13.86 17.27 -35.09
C ASP B 75 -14.60 18.43 -35.73
N MET B 76 -15.62 18.96 -35.04
CA MET B 76 -16.42 20.06 -35.59
C MET B 76 -15.60 21.33 -35.75
N ILE B 77 -14.69 21.61 -34.81
CA ILE B 77 -13.94 22.85 -34.92
C ILE B 77 -12.73 22.68 -35.83
N THR B 78 -11.92 21.64 -35.59
CA THR B 78 -10.64 21.53 -36.27
C THR B 78 -10.77 20.89 -37.64
N LEU B 79 -11.61 19.87 -37.78
CA LEU B 79 -11.80 19.25 -39.08
C LEU B 79 -12.91 19.92 -39.86
N GLY B 80 -13.96 20.37 -39.18
CA GLY B 80 -15.07 21.02 -39.84
C GLY B 80 -15.92 20.10 -40.69
N ASN B 81 -16.03 18.83 -40.32
CA ASN B 81 -16.71 17.85 -41.16
C ASN B 81 -17.99 17.28 -40.55
N THR B 82 -18.53 17.89 -39.50
CA THR B 82 -19.63 17.29 -38.77
C THR B 82 -20.78 18.29 -38.66
N LYS B 83 -21.97 17.86 -39.05
CA LYS B 83 -23.20 18.63 -38.89
C LYS B 83 -24.13 17.87 -37.96
N VAL B 84 -24.53 18.50 -36.86
CA VAL B 84 -25.49 17.92 -35.93
C VAL B 84 -26.76 18.74 -36.04
N THR B 85 -27.86 18.09 -36.40
CA THR B 85 -29.09 18.79 -36.74
C THR B 85 -30.28 18.03 -36.19
N VAL B 86 -31.18 18.74 -35.52
CA VAL B 86 -32.41 18.15 -35.00
C VAL B 86 -33.41 18.02 -36.13
N THR B 87 -33.88 16.80 -36.37
CA THR B 87 -34.82 16.52 -37.45
C THR B 87 -36.20 16.18 -36.91
N ASP B 131 -31.41 11.80 -27.16
CA ASP B 131 -32.12 13.00 -26.73
C ASP B 131 -31.72 14.25 -27.50
N ILE B 132 -32.66 15.19 -27.59
CA ILE B 132 -32.34 16.52 -28.05
C ILE B 132 -31.58 17.28 -26.95
N VAL B 133 -31.82 16.92 -25.69
CA VAL B 133 -31.21 17.61 -24.57
C VAL B 133 -29.72 17.27 -24.47
N THR B 134 -29.36 16.02 -24.75
CA THR B 134 -27.96 15.62 -24.70
C THR B 134 -27.13 16.19 -25.85
N TYR B 135 -27.77 16.55 -26.96
CA TYR B 135 -27.10 17.05 -28.15
C TYR B 135 -27.43 18.50 -28.46
N LYS B 136 -27.94 19.25 -27.49
CA LYS B 136 -28.38 20.62 -27.77
C LYS B 136 -27.18 21.55 -28.00
N ALA B 137 -26.14 21.40 -27.18
CA ALA B 137 -24.95 22.22 -27.31
C ALA B 137 -24.20 21.92 -28.62
N LEU B 138 -24.20 20.66 -29.04
CA LEU B 138 -23.58 20.31 -30.31
C LEU B 138 -24.36 20.85 -31.50
N THR B 139 -25.69 20.94 -31.39
CA THR B 139 -26.47 21.59 -32.45
C THR B 139 -26.19 23.07 -32.53
N GLU B 140 -26.02 23.72 -31.37
CA GLU B 140 -25.70 25.15 -31.37
C GLU B 140 -24.33 25.42 -31.98
N MET B 141 -23.33 24.62 -31.59
CA MET B 141 -22.00 24.72 -32.20
C MET B 141 -22.02 24.38 -33.69
N SER B 142 -22.90 23.45 -34.09
CA SER B 142 -23.00 23.09 -35.51
C SER B 142 -23.59 24.21 -36.33
N THR B 143 -24.62 24.88 -35.83
CA THR B 143 -25.18 26.01 -36.56
C THR B 143 -24.23 27.20 -36.56
N LEU B 144 -23.35 27.32 -35.56
CA LEU B 144 -22.38 28.39 -35.62
C LEU B 144 -21.26 28.10 -36.63
N ILE B 145 -20.75 26.88 -36.65
CA ILE B 145 -19.63 26.54 -37.54
C ILE B 145 -20.10 26.42 -38.98
N GLU B 146 -21.35 25.98 -39.20
CA GLU B 146 -21.89 25.85 -40.55
C GLU B 146 -22.00 27.19 -41.27
N SER B 147 -22.29 28.25 -40.53
CA SER B 147 -22.47 29.57 -41.12
C SER B 147 -21.16 30.27 -41.44
N PHE B 148 -20.01 29.72 -41.02
CA PHE B 148 -18.74 30.33 -41.36
C PHE B 148 -18.39 30.13 -42.83
N ARG B 149 -18.80 28.99 -43.39
CA ARG B 149 -18.59 28.62 -44.80
C ARG B 149 -17.11 28.64 -45.18
N LEU B 150 -16.34 27.99 -44.42
CA LEU B 150 -14.91 27.82 -44.56
C LEU B 150 -14.62 26.55 -45.37
N PRO B 151 -13.56 26.56 -46.19
CA PRO B 151 -13.27 25.36 -46.99
C PRO B 151 -12.67 24.23 -46.19
N SER B 152 -12.16 24.51 -45.00
CA SER B 152 -11.65 23.49 -44.09
C SER B 152 -11.93 23.98 -42.68
N GLY B 153 -11.26 23.39 -41.70
CA GLY B 153 -11.45 23.77 -40.31
C GLY B 153 -10.38 24.72 -39.80
N LEU B 154 -10.52 25.06 -38.52
CA LEU B 154 -9.58 25.94 -37.82
C LEU B 154 -8.67 25.10 -36.95
N ALA B 155 -7.38 25.11 -37.25
CA ALA B 155 -6.41 24.33 -36.50
C ALA B 155 -6.09 24.98 -35.17
N LEU B 156 -5.96 24.16 -34.13
CA LEU B 156 -5.67 24.67 -32.79
C LEU B 156 -4.18 24.96 -32.68
N ILE B 157 -3.84 26.15 -32.18
CA ILE B 157 -2.49 26.68 -32.26
C ILE B 157 -1.98 26.97 -30.85
N ILE B 158 -0.83 26.39 -30.50
CA ILE B 158 -0.23 26.50 -29.18
C ILE B 158 1.20 27.01 -29.34
N PHE B 159 1.61 27.94 -28.48
CA PHE B 159 3.02 28.29 -28.38
C PHE B 159 3.74 27.27 -27.50
N ASP B 160 5.04 27.11 -27.71
CA ASP B 160 5.82 26.14 -26.96
C ASP B 160 6.50 26.78 -25.74
N ASP B 161 5.86 27.80 -25.16
CA ASP B 161 6.31 28.48 -23.97
C ASP B 161 5.54 27.94 -22.77
N GLU B 162 6.14 28.01 -21.59
CA GLU B 162 5.48 27.50 -20.40
C GLU B 162 4.49 28.52 -19.84
N LYS B 163 4.85 29.80 -19.88
CA LYS B 163 3.95 30.88 -19.49
C LYS B 163 2.71 30.94 -20.38
N TYR B 164 2.85 30.55 -21.65
CA TYR B 164 1.69 30.46 -22.51
C TYR B 164 0.82 29.26 -22.14
N GLN B 165 1.44 28.12 -21.83
CA GLN B 165 0.69 26.90 -21.57
C GLN B 165 -0.01 26.94 -20.22
N SER B 166 0.49 27.73 -19.27
CA SER B 166 -0.20 27.88 -18.01
C SER B 166 -1.48 28.68 -18.14
N LEU B 167 -1.59 29.51 -19.17
CA LEU B 167 -2.72 30.40 -19.37
C LEU B 167 -3.75 29.84 -20.33
N ILE B 168 -3.56 28.64 -20.85
CA ILE B 168 -4.56 28.03 -21.72
C ILE B 168 -5.78 27.64 -20.90
N PRO B 169 -7.00 27.94 -21.35
CA PRO B 169 -8.20 27.53 -20.62
C PRO B 169 -8.36 26.02 -20.56
N ASN B 170 -9.27 25.59 -19.68
CA ASN B 170 -9.44 24.16 -19.42
C ASN B 170 -10.08 23.44 -20.60
N TYR B 171 -11.07 24.07 -21.23
CA TYR B 171 -11.77 23.41 -22.34
C TYR B 171 -10.87 23.27 -23.57
N ILE B 172 -9.93 24.19 -23.78
CA ILE B 172 -8.96 24.03 -24.84
C ILE B 172 -8.02 22.86 -24.55
N ASN B 173 -7.62 22.70 -23.29
CA ASN B 173 -6.83 21.54 -22.88
C ASN B 173 -7.61 20.23 -23.06
N GLN B 174 -8.93 20.27 -22.88
CA GLN B 174 -9.75 19.11 -23.15
C GLN B 174 -9.80 18.81 -24.65
N LEU B 175 -9.70 19.85 -25.49
CA LEU B 175 -9.70 19.62 -26.93
C LEU B 175 -8.35 19.17 -27.48
N ILE B 176 -7.25 19.45 -26.78
CA ILE B 176 -5.90 19.09 -27.27
C ILE B 176 -5.75 17.58 -27.44
N ALA B 177 -6.37 16.80 -26.56
CA ALA B 177 -6.21 15.35 -26.56
C ALA B 177 -6.84 14.66 -27.77
N TYR B 178 -7.69 15.35 -28.53
CA TYR B 178 -8.39 14.75 -29.66
C TYR B 178 -8.14 15.53 -30.93
N THR B 179 -6.97 16.15 -31.03
CA THR B 179 -6.61 17.07 -32.10
C THR B 179 -5.12 16.93 -32.32
N GLN B 180 -4.69 17.07 -33.57
CA GLN B 180 -3.28 17.35 -33.83
C GLN B 180 -3.09 18.86 -33.82
N PRO B 181 -2.50 19.45 -32.77
CA PRO B 181 -2.36 20.89 -32.71
C PRO B 181 -1.16 21.33 -33.54
N HIS B 182 -1.09 22.64 -33.77
CA HIS B 182 0.03 23.23 -34.47
C HIS B 182 0.90 23.94 -33.45
N ILE B 183 2.07 23.36 -33.17
CA ILE B 183 2.93 23.83 -32.10
C ILE B 183 4.01 24.73 -32.68
N ILE B 184 4.12 25.94 -32.15
CA ILE B 184 5.06 26.94 -32.65
C ILE B 184 6.26 26.97 -31.71
N PRO B 185 7.47 26.72 -32.19
CA PRO B 185 8.63 26.71 -31.31
C PRO B 185 9.05 28.11 -30.90
N THR B 186 9.68 28.19 -29.73
CA THR B 186 10.18 29.44 -29.17
C THR B 186 11.69 29.31 -29.00
N TRP B 187 12.44 30.30 -29.48
CA TRP B 187 13.90 30.21 -29.47
C TRP B 187 14.45 30.47 -28.07
N GLN B 188 14.24 31.68 -27.56
CA GLN B 188 14.59 32.03 -26.19
C GLN B 188 13.41 32.68 -25.50
N GLY B 189 12.26 32.02 -25.58
CA GLY B 189 11.01 32.56 -25.10
C GLY B 189 10.26 33.40 -26.11
N ILE B 190 10.75 33.49 -27.34
CA ILE B 190 10.12 34.27 -28.39
C ILE B 190 9.77 33.33 -29.52
N ALA B 191 8.49 33.29 -29.89
CA ALA B 191 8.05 32.43 -30.97
C ALA B 191 8.55 32.98 -32.30
N ASP B 192 8.91 32.09 -33.21
CA ASP B 192 9.50 32.52 -34.47
C ASP B 192 8.46 33.17 -35.37
N PHE B 193 8.77 34.37 -35.84
CA PHE B 193 7.83 35.23 -36.53
C PHE B 193 7.59 34.80 -37.98
N SER B 194 8.29 33.78 -38.46
CA SER B 194 8.15 33.34 -39.84
C SER B 194 7.12 32.24 -40.01
N ASP B 195 6.35 31.94 -38.98
CA ASP B 195 5.26 30.99 -39.12
C ASP B 195 4.15 31.59 -39.97
N THR B 196 3.34 30.71 -40.55
CA THR B 196 2.24 31.13 -41.43
C THR B 196 1.20 31.94 -40.67
N TYR B 197 0.80 31.46 -39.49
CA TYR B 197 -0.24 32.13 -38.73
C TYR B 197 0.26 33.41 -38.10
N LEU B 198 1.49 33.43 -37.63
CA LEU B 198 2.04 34.64 -37.03
C LEU B 198 2.38 35.69 -38.08
N ARG B 199 2.62 35.28 -39.33
CA ARG B 199 2.78 36.26 -40.41
C ARG B 199 1.44 36.77 -40.89
N SER B 200 0.42 35.90 -40.91
CA SER B 200 -0.88 36.29 -41.45
C SER B 200 -1.71 37.11 -40.48
N TYR B 201 -1.59 36.86 -39.17
CA TYR B 201 -2.44 37.52 -38.19
C TYR B 201 -1.80 38.71 -37.50
N PHE B 202 -0.48 38.72 -37.38
CA PHE B 202 0.21 39.74 -36.61
C PHE B 202 1.10 40.60 -37.49
N LYS B 203 1.56 41.71 -36.93
CA LYS B 203 2.56 42.52 -37.60
C LYS B 203 3.92 41.82 -37.56
N ARG B 204 4.62 41.84 -38.67
CA ARG B 204 5.94 41.21 -38.72
C ARG B 204 6.99 42.20 -38.24
N PRO B 205 7.82 41.84 -37.26
CA PRO B 205 8.80 42.79 -36.73
C PRO B 205 9.93 43.10 -37.71
N PHE B 206 10.51 44.29 -37.54
CA PHE B 206 11.66 44.72 -38.30
C PHE B 206 12.69 45.29 -37.34
N GLU B 207 13.90 44.76 -37.38
CA GLU B 207 14.95 45.12 -36.43
C GLU B 207 15.79 46.26 -36.97
N LEU B 208 15.83 47.37 -36.24
CA LEU B 208 16.77 48.45 -36.51
C LEU B 208 18.03 48.21 -35.71
N THR B 209 19.17 48.14 -36.38
CA THR B 209 20.46 48.04 -35.71
C THR B 209 21.27 49.28 -36.05
N ALA B 210 22.54 49.28 -35.62
CA ALA B 210 23.41 50.43 -35.86
C ALA B 210 23.83 50.54 -37.32
N SER B 211 23.84 49.45 -38.06
CA SER B 211 24.16 49.48 -39.48
C SER B 211 22.92 49.54 -40.36
N ASN B 212 21.79 49.04 -39.86
CA ASN B 212 20.55 48.98 -40.60
C ASN B 212 19.85 50.33 -40.67
N LEU B 213 20.22 51.25 -39.79
CA LEU B 213 19.38 52.38 -39.43
C LEU B 213 19.26 53.41 -40.54
N ALA B 214 18.03 53.65 -40.98
CA ALA B 214 17.70 54.69 -41.95
C ALA B 214 16.23 55.03 -41.78
N ALA B 215 15.75 55.95 -42.61
CA ALA B 215 14.34 56.30 -42.65
C ALA B 215 13.52 55.12 -43.17
N PRO B 216 12.25 54.98 -42.76
CA PRO B 216 11.47 53.82 -43.19
C PRO B 216 11.07 53.85 -44.66
N GLN B 217 11.25 54.97 -45.36
CA GLN B 217 10.99 55.00 -46.79
C GLN B 217 12.07 54.31 -47.60
N LYS B 218 13.24 54.06 -47.00
CA LYS B 218 14.28 53.33 -47.71
C LYS B 218 13.90 51.87 -47.91
N TYR B 219 13.15 51.31 -46.97
CA TYR B 219 12.61 49.98 -47.10
C TYR B 219 11.14 50.11 -47.46
N ASN B 220 10.48 48.99 -47.73
CA ASN B 220 9.05 49.05 -48.05
C ASN B 220 8.20 48.93 -46.80
N LEU B 221 8.45 49.78 -45.82
CA LEU B 221 7.81 49.64 -44.53
C LEU B 221 6.59 50.54 -44.45
N SER B 222 5.59 50.09 -43.70
CA SER B 222 4.32 50.78 -43.55
C SER B 222 3.85 50.58 -42.12
N PRO B 223 3.05 51.51 -41.56
CA PRO B 223 2.59 51.33 -40.18
C PRO B 223 1.66 50.15 -40.01
N MET B 224 0.86 49.84 -41.01
CA MET B 224 -0.18 48.83 -40.90
C MET B 224 0.33 47.42 -41.13
N THR B 225 1.61 47.23 -41.29
CA THR B 225 2.13 45.91 -41.60
C THR B 225 3.27 45.48 -40.68
N ARG B 226 4.13 46.40 -40.28
CA ARG B 226 5.35 46.05 -39.58
C ARG B 226 5.40 46.70 -38.20
N SER B 227 6.04 46.03 -37.27
CA SER B 227 6.37 46.59 -35.97
C SER B 227 7.88 46.72 -35.87
N ILE B 228 8.33 47.50 -34.89
CA ILE B 228 9.71 47.94 -34.84
C ILE B 228 10.39 47.38 -33.60
N PHE B 229 11.52 46.72 -33.80
CA PHE B 229 12.40 46.30 -32.72
C PHE B 229 13.64 47.18 -32.72
N ASN B 230 13.68 48.12 -31.77
CA ASN B 230 14.78 49.07 -31.65
C ASN B 230 15.96 48.38 -30.98
N ASN B 231 17.02 48.16 -31.75
CA ASN B 231 18.25 47.55 -31.25
C ASN B 231 19.44 48.41 -31.68
N THR B 232 19.27 49.72 -31.64
CA THR B 232 20.30 50.64 -32.08
C THR B 232 21.15 51.18 -30.93
N GLY B 233 20.75 50.92 -29.69
CA GLY B 233 21.43 51.51 -28.56
C GLY B 233 21.06 52.93 -28.28
N ARG B 234 20.00 53.43 -28.89
CA ARG B 234 19.57 54.81 -28.76
C ARG B 234 18.13 54.84 -28.25
N GLU B 235 17.68 56.02 -27.86
CA GLU B 235 16.36 56.17 -27.26
C GLU B 235 15.28 56.01 -28.31
N ASP B 236 14.14 55.46 -27.89
CA ASP B 236 13.00 55.29 -28.79
C ASP B 236 12.44 56.62 -29.24
N ALA B 237 12.55 57.67 -28.43
CA ALA B 237 12.06 58.98 -28.83
C ALA B 237 12.94 59.59 -29.92
N VAL B 238 14.26 59.34 -29.84
CA VAL B 238 15.18 59.87 -30.83
C VAL B 238 14.97 59.21 -32.18
N ILE B 239 14.78 57.89 -32.18
CA ILE B 239 14.47 57.16 -33.41
C ILE B 239 13.09 57.55 -33.93
N ARG B 240 12.16 57.85 -33.03
CA ARG B 240 10.79 58.13 -33.44
C ARG B 240 10.64 59.53 -34.02
N LYS B 241 11.41 60.51 -33.55
CA LYS B 241 11.29 61.87 -34.08
C LYS B 241 12.38 62.26 -35.06
N LEU B 242 13.49 61.53 -35.09
CA LEU B 242 14.65 61.93 -35.87
C LEU B 242 14.77 61.16 -37.17
N TYR B 243 14.21 59.96 -37.23
CA TYR B 243 14.26 59.14 -38.44
C TYR B 243 12.87 58.88 -39.02
N GLY B 244 11.84 59.49 -38.47
CA GLY B 244 10.52 59.39 -39.08
C GLY B 244 9.76 58.11 -38.78
N TYR B 245 9.92 57.57 -37.58
CA TYR B 245 9.21 56.37 -37.16
C TYR B 245 8.06 56.70 -36.21
N GLY B 246 7.38 57.83 -36.48
CA GLY B 246 6.37 58.32 -35.56
C GLY B 246 5.09 57.52 -35.57
N GLU B 247 4.65 57.06 -36.73
CA GLU B 247 3.41 56.31 -36.81
C GLU B 247 3.58 54.83 -36.54
N TYR B 248 4.78 54.36 -36.26
CA TYR B 248 4.97 52.94 -36.07
C TYR B 248 4.86 52.60 -34.59
N VAL B 249 4.64 51.33 -34.31
CA VAL B 249 4.57 50.83 -32.94
C VAL B 249 5.85 50.05 -32.65
N PHE B 250 6.41 50.27 -31.47
CA PHE B 250 7.68 49.67 -31.11
C PHE B 250 7.42 48.52 -30.15
N ILE B 251 8.07 47.39 -30.37
CA ILE B 251 7.92 46.28 -29.44
C ILE B 251 8.83 46.54 -28.24
N ARG B 252 8.39 46.10 -27.06
CA ARG B 252 9.02 46.47 -25.80
C ARG B 252 9.46 45.22 -25.06
N TYR B 253 10.75 45.12 -24.81
CA TYR B 253 11.31 44.03 -24.01
C TYR B 253 11.94 44.61 -22.76
N GLU B 254 11.95 43.83 -21.69
CA GLU B 254 12.36 44.33 -20.40
C GLU B 254 13.66 43.74 -19.89
N GLY B 255 14.15 42.66 -20.49
CA GLY B 255 15.38 42.03 -20.07
C GLY B 255 16.53 42.29 -21.03
N CYS B 256 17.57 41.47 -20.91
CA CYS B 256 18.74 41.57 -21.76
C CYS B 256 19.18 40.20 -22.21
N LEU B 257 19.88 40.17 -23.34
CA LEU B 257 20.58 38.98 -23.79
C LEU B 257 22.01 39.39 -24.11
N ILE B 258 22.96 38.73 -23.48
CA ILE B 258 24.37 39.07 -23.59
C ILE B 258 25.08 37.89 -24.25
N THR B 259 25.98 38.18 -25.18
CA THR B 259 26.89 37.17 -25.71
C THR B 259 28.30 37.47 -25.24
N TRP B 260 28.97 36.46 -24.72
CA TRP B 260 30.25 36.60 -24.05
C TRP B 260 31.33 35.92 -24.88
N THR B 261 32.57 36.00 -24.38
CA THR B 261 33.66 35.21 -24.91
C THR B 261 33.91 34.04 -23.98
N GLY B 262 34.03 32.85 -24.53
CA GLY B 262 34.19 31.66 -23.73
C GLY B 262 35.53 31.00 -23.91
N ILE B 263 35.79 30.02 -23.05
CA ILE B 263 36.93 29.14 -23.25
C ILE B 263 36.73 28.29 -24.49
N TYR B 264 35.51 27.81 -24.71
CA TYR B 264 35.25 26.86 -25.77
C TYR B 264 34.52 27.49 -26.95
N GLY B 265 34.26 28.80 -26.92
CA GLY B 265 33.46 29.43 -27.94
C GLY B 265 32.86 30.73 -27.48
N GLU B 266 31.55 30.92 -27.67
CA GLU B 266 30.85 32.06 -27.12
C GLU B 266 29.62 31.60 -26.36
N VAL B 267 29.24 32.38 -25.35
CA VAL B 267 28.23 31.99 -24.38
C VAL B 267 27.13 33.04 -24.37
N THR B 268 25.88 32.59 -24.45
CA THR B 268 24.72 33.49 -24.39
C THR B 268 24.05 33.43 -23.02
N MET B 269 23.71 34.61 -22.49
CA MET B 269 23.16 34.75 -21.15
C MET B 269 21.91 35.62 -21.17
N MET B 270 20.80 35.08 -20.66
CA MET B 270 19.56 35.84 -20.50
C MET B 270 19.52 36.43 -19.10
N VAL B 271 19.22 37.72 -19.01
CA VAL B 271 19.25 38.47 -17.76
C VAL B 271 17.91 39.18 -17.58
N ASN B 272 17.37 39.15 -16.36
CA ASN B 272 16.10 39.80 -16.04
C ASN B 272 16.28 41.23 -15.57
N LEU B 273 17.28 41.93 -16.06
CA LEU B 273 17.42 43.36 -15.82
C LEU B 273 17.45 44.09 -17.14
N SER B 274 17.08 45.37 -17.10
CA SER B 274 17.18 46.23 -18.26
C SER B 274 18.64 46.60 -18.53
N LYS B 275 18.88 47.13 -19.72
CA LYS B 275 20.22 47.54 -20.09
C LYS B 275 20.65 48.82 -19.38
N ARG B 276 19.69 49.61 -18.92
CA ARG B 276 20.00 50.78 -18.10
C ARG B 276 20.37 50.37 -16.68
N ASP B 277 19.60 49.46 -16.08
CA ASP B 277 19.87 49.04 -14.71
C ASP B 277 21.15 48.24 -14.62
N LEU B 278 21.29 47.24 -15.49
CA LEU B 278 22.53 46.49 -15.61
C LEU B 278 23.53 47.34 -16.38
N GLY B 279 24.39 48.04 -15.66
CA GLY B 279 25.27 49.01 -16.29
C GLY B 279 26.45 48.40 -17.00
N LEU B 280 26.22 47.77 -18.15
CA LEU B 280 27.25 47.07 -18.89
C LEU B 280 27.23 47.49 -20.35
N ASP B 281 28.41 47.58 -20.94
CA ASP B 281 28.59 47.90 -22.35
C ASP B 281 29.40 46.79 -23.01
N VAL B 282 29.56 46.89 -24.32
CA VAL B 282 30.35 45.91 -25.07
C VAL B 282 31.81 46.09 -24.73
N GLY B 283 32.44 45.01 -24.24
CA GLY B 283 33.83 45.03 -23.85
C GLY B 283 34.06 44.96 -22.36
N ASP B 284 33.00 45.04 -21.56
CA ASP B 284 33.15 45.03 -20.12
C ASP B 284 33.50 43.65 -19.62
N ASP B 285 34.18 43.63 -18.48
CA ASP B 285 34.70 42.42 -17.86
C ASP B 285 33.56 41.64 -17.19
N TYR B 286 33.80 40.35 -17.01
CA TYR B 286 32.84 39.49 -16.34
C TYR B 286 32.71 39.82 -14.86
N LEU B 287 33.78 40.26 -14.22
CA LEU B 287 33.73 40.56 -12.80
C LEU B 287 33.12 41.92 -12.51
N LYS B 288 33.12 42.82 -13.47
CA LYS B 288 32.33 44.04 -13.36
C LYS B 288 30.85 43.69 -13.37
N GLU B 289 30.11 44.19 -12.38
CA GLU B 289 28.68 43.94 -12.19
C GLU B 289 28.37 42.44 -12.07
N TYR B 290 29.26 41.71 -11.39
CA TYR B 290 29.13 40.26 -11.27
C TYR B 290 27.91 39.85 -10.47
N LYS B 291 27.59 40.58 -9.40
CA LYS B 291 26.56 40.15 -8.48
C LYS B 291 25.16 40.29 -9.09
N LYS B 292 24.96 41.30 -9.93
CA LYS B 292 23.68 41.44 -10.64
C LYS B 292 23.50 40.32 -11.65
N LEU B 293 24.57 39.93 -12.34
CA LEU B 293 24.52 38.80 -13.26
C LEU B 293 24.24 37.50 -12.52
N LEU B 294 24.86 37.32 -11.35
CA LEU B 294 24.62 36.12 -10.56
C LEU B 294 23.19 36.08 -10.03
N PHE B 295 22.64 37.22 -9.62
CA PHE B 295 21.30 37.22 -9.06
C PHE B 295 20.23 37.16 -10.14
N TYR B 296 20.53 37.54 -11.38
CA TYR B 296 19.47 37.66 -12.37
C TYR B 296 19.77 37.01 -13.72
N GLY B 297 20.77 36.14 -13.83
CA GLY B 297 21.17 35.59 -15.11
C GLY B 297 21.03 34.08 -15.17
N VAL B 298 20.82 33.57 -16.38
CA VAL B 298 20.78 32.13 -16.68
C VAL B 298 21.53 31.91 -17.99
N ILE B 299 22.53 31.03 -17.97
CA ILE B 299 23.24 30.68 -19.18
C ILE B 299 22.46 29.64 -19.97
N THR B 300 22.24 29.91 -21.26
CA THR B 300 21.39 29.09 -22.10
C THR B 300 22.17 28.04 -22.89
N ASP B 301 23.33 27.63 -22.42
CA ASP B 301 24.18 26.68 -23.13
C ASP B 301 24.30 25.40 -22.34
N ALA B 302 24.89 24.39 -22.98
CA ALA B 302 25.10 23.11 -22.33
C ALA B 302 26.22 23.22 -21.31
N ILE B 303 26.18 22.34 -20.31
CA ILE B 303 27.25 22.28 -19.32
C ILE B 303 28.28 21.26 -19.80
N PRO B 304 29.57 21.58 -19.76
CA PRO B 304 30.18 22.84 -19.33
C PRO B 304 30.16 23.95 -20.38
N SER B 305 29.68 25.11 -19.98
CA SER B 305 29.80 26.31 -20.80
C SER B 305 30.98 27.12 -20.31
N GLY B 306 31.96 27.34 -21.17
CA GLY B 306 33.23 27.88 -20.72
C GLY B 306 33.28 29.36 -20.38
N ILE B 307 32.30 29.83 -19.60
CA ILE B 307 32.34 31.18 -19.06
C ILE B 307 33.40 31.21 -17.96
N SER B 308 34.07 32.35 -17.81
CA SER B 308 35.16 32.46 -16.85
C SER B 308 35.31 33.92 -16.45
N ALA B 309 36.28 34.19 -15.58
CA ALA B 309 36.54 35.54 -15.13
C ALA B 309 37.18 36.41 -16.22
N ARG B 310 37.68 35.79 -17.29
CA ARG B 310 38.32 36.50 -18.39
C ARG B 310 37.36 36.79 -19.52
N SER B 311 36.06 36.58 -19.33
CA SER B 311 35.08 36.80 -20.37
C SER B 311 34.74 38.27 -20.51
N THR B 312 34.60 38.72 -21.75
CA THR B 312 34.16 40.07 -22.07
C THR B 312 32.89 40.01 -22.90
N ILE B 313 32.22 41.13 -23.03
CA ILE B 313 30.93 41.20 -23.70
C ILE B 313 31.14 41.44 -25.18
N MET B 314 30.55 40.58 -26.02
CA MET B 314 30.55 40.79 -27.45
C MET B 314 29.34 41.58 -27.93
N LYS B 315 28.19 41.43 -27.29
CA LYS B 315 26.94 42.04 -27.75
C LYS B 315 25.91 41.99 -26.64
N ILE B 316 25.17 43.10 -26.45
CA ILE B 316 24.02 43.16 -25.56
C ILE B 316 22.84 43.71 -26.33
N SER B 317 21.73 42.98 -26.34
CA SER B 317 20.49 43.42 -26.94
C SER B 317 19.36 43.30 -25.94
N PRO B 318 18.31 44.11 -26.06
CA PRO B 318 17.11 43.90 -25.24
C PRO B 318 16.41 42.60 -25.63
N HIS B 319 15.91 41.89 -24.62
CA HIS B 319 15.31 40.59 -24.85
C HIS B 319 14.18 40.44 -23.85
N LYS B 320 13.29 39.48 -24.11
CA LYS B 320 12.16 39.22 -23.22
C LYS B 320 12.64 38.64 -21.89
N MET B 321 11.99 39.05 -20.80
CA MET B 321 12.29 38.49 -19.49
C MET B 321 11.83 37.04 -19.37
N MET B 322 12.65 36.26 -18.66
CA MET B 322 12.32 34.89 -18.35
C MET B 322 11.19 34.80 -17.34
N ASN B 323 10.40 33.76 -17.45
CA ASN B 323 9.38 33.49 -16.47
C ASN B 323 9.83 32.32 -15.59
N PRO B 324 9.59 32.40 -14.29
CA PRO B 324 10.02 31.31 -13.40
C PRO B 324 9.20 30.04 -13.59
N SER B 325 9.83 28.92 -13.28
CA SER B 325 9.21 27.61 -13.42
C SER B 325 8.12 27.41 -12.38
N GLY B 326 7.17 26.54 -12.71
CA GLY B 326 6.06 26.28 -11.81
C GLY B 326 6.42 25.40 -10.65
N GLY B 327 7.23 24.37 -10.89
CA GLY B 327 7.62 23.47 -9.81
C GLY B 327 8.58 24.12 -8.84
N ALA B 328 9.46 24.99 -9.35
CA ALA B 328 10.38 25.73 -8.49
C ALA B 328 9.62 26.63 -7.53
N LEU B 329 8.71 27.45 -8.07
CA LEU B 329 7.88 28.31 -7.24
C LEU B 329 6.98 27.51 -6.32
N ALA B 330 6.56 26.31 -6.73
CA ALA B 330 5.75 25.45 -5.89
C ALA B 330 6.50 24.98 -4.65
N VAL B 331 7.72 24.49 -4.84
CA VAL B 331 8.51 24.00 -3.70
C VAL B 331 8.96 25.16 -2.82
N LEU B 332 9.28 26.30 -3.43
CA LEU B 332 9.67 27.46 -2.64
C LEU B 332 8.50 28.04 -1.85
N SER B 333 7.30 28.03 -2.43
CA SER B 333 6.13 28.49 -1.68
C SER B 333 5.70 27.50 -0.62
N LYS B 334 6.01 26.21 -0.82
CA LYS B 334 5.84 25.22 0.25
C LYS B 334 6.74 25.55 1.44
N PHE B 335 7.98 25.96 1.16
CA PHE B 335 8.87 26.41 2.22
C PHE B 335 8.37 27.69 2.88
N LEU B 336 7.82 28.62 2.10
CA LEU B 336 7.34 29.87 2.70
C LEU B 336 6.09 29.65 3.55
N GLU B 337 5.24 28.70 3.16
CA GLU B 337 4.13 28.28 4.00
C GLU B 337 4.62 27.67 5.30
N ALA B 338 5.72 26.92 5.26
CA ALA B 338 6.30 26.41 6.51
C ALA B 338 6.91 27.53 7.35
N VAL B 339 7.44 28.57 6.71
CA VAL B 339 8.01 29.71 7.45
C VAL B 339 6.92 30.49 8.16
N VAL B 340 5.78 30.69 7.52
CA VAL B 340 4.73 31.52 8.10
C VAL B 340 4.00 30.80 9.23
N SER B 341 3.68 29.52 9.05
CA SER B 341 2.66 28.86 9.87
C SER B 341 3.12 28.62 11.30
N THR B 342 2.18 28.78 12.24
CA THR B 342 2.43 28.61 13.66
C THR B 342 2.32 27.17 14.13
N ASN B 343 1.90 26.25 13.25
CA ASN B 343 1.81 24.85 13.60
C ASN B 343 3.14 24.13 13.41
N VAL B 344 4.10 24.76 12.77
CA VAL B 344 5.41 24.17 12.50
C VAL B 344 6.40 24.77 13.48
N ILE B 345 7.11 23.91 14.21
CA ILE B 345 8.06 24.42 15.19
C ILE B 345 9.36 24.85 14.51
N ASN B 346 9.94 24.01 13.66
CA ASN B 346 11.17 24.35 12.95
C ASN B 346 10.96 24.18 11.45
N ALA B 347 11.41 25.17 10.68
CA ALA B 347 11.31 25.14 9.22
C ALA B 347 12.71 25.27 8.64
N THR B 348 13.05 24.39 7.70
CA THR B 348 14.40 24.33 7.16
C THR B 348 14.34 24.13 5.66
N LEU B 349 15.15 24.88 4.91
CA LEU B 349 15.31 24.70 3.48
C LEU B 349 16.70 24.16 3.21
N VAL B 350 16.76 22.99 2.57
CA VAL B 350 18.03 22.40 2.16
C VAL B 350 18.28 22.78 0.71
N VAL B 351 19.42 23.38 0.44
CA VAL B 351 19.79 23.84 -0.90
C VAL B 351 21.07 23.13 -1.32
N TYR B 352 20.97 22.29 -2.35
CA TYR B 352 22.14 21.64 -2.91
C TYR B 352 22.66 22.43 -4.11
N ALA B 353 23.98 22.41 -4.27
CA ALA B 353 24.61 23.10 -5.37
C ALA B 353 25.96 22.46 -5.63
N GLU B 354 26.46 22.64 -6.84
CA GLU B 354 27.81 22.19 -7.16
C GLU B 354 28.83 23.08 -6.47
N LYS B 355 29.95 22.47 -6.11
CA LYS B 355 31.03 23.15 -5.41
C LYS B 355 31.73 24.09 -6.37
N GLY B 356 31.42 25.37 -6.27
CA GLY B 356 31.99 26.35 -7.17
C GLY B 356 30.95 27.27 -7.78
N ALA B 357 29.71 27.14 -7.33
CA ALA B 357 28.59 27.86 -7.91
C ALA B 357 28.40 29.25 -7.31
N GLY B 358 29.08 29.57 -6.21
CA GLY B 358 28.89 30.85 -5.56
C GLY B 358 27.55 30.92 -4.85
N LYS B 359 27.22 29.85 -4.12
CA LYS B 359 25.90 29.73 -3.52
C LYS B 359 25.79 30.39 -2.15
N THR B 360 26.89 30.56 -1.44
CA THR B 360 26.83 31.26 -0.16
C THR B 360 26.56 32.73 -0.34
N SER B 361 27.14 33.32 -1.39
CA SER B 361 26.95 34.74 -1.66
C SER B 361 25.51 35.06 -2.02
N PHE B 362 24.82 34.14 -2.72
CA PHE B 362 23.41 34.37 -2.97
C PHE B 362 22.56 34.08 -1.74
N LEU B 363 22.83 32.97 -1.05
CA LEU B 363 21.94 32.56 0.03
C LEU B 363 22.06 33.44 1.27
N SER B 364 23.16 34.19 1.42
CA SER B 364 23.22 35.20 2.46
C SER B 364 22.23 36.33 2.21
N THR B 365 22.19 36.83 0.97
CA THR B 365 21.24 37.87 0.60
C THR B 365 19.81 37.34 0.63
N TYR B 366 19.63 36.07 0.26
CA TYR B 366 18.31 35.44 0.35
C TYR B 366 17.82 35.38 1.79
N ALA B 367 18.72 35.03 2.72
CA ALA B 367 18.36 34.98 4.14
C ALA B 367 18.04 36.36 4.69
N GLU B 368 18.78 37.38 4.25
CA GLU B 368 18.49 38.75 4.67
C GLU B 368 17.12 39.21 4.16
N GLN B 369 16.80 38.93 2.89
CA GLN B 369 15.52 39.33 2.33
C GLN B 369 14.37 38.57 2.95
N LEU B 370 14.60 37.32 3.35
CA LEU B 370 13.55 36.57 4.00
C LEU B 370 13.31 37.07 5.42
N SER B 371 14.37 37.48 6.11
CA SER B 371 14.21 38.11 7.42
C SER B 371 13.46 39.43 7.32
N LEU B 372 13.73 40.21 6.28
CA LEU B 372 13.06 41.50 6.15
C LEU B 372 11.60 41.34 5.74
N ALA B 373 11.31 40.44 4.81
CA ALA B 373 9.93 40.24 4.39
C ALA B 373 9.12 39.44 5.39
N SER B 374 9.77 38.70 6.27
CA SER B 374 9.11 37.82 7.22
C SER B 374 9.01 38.41 8.62
N GLY B 375 10.03 39.12 9.07
CA GLY B 375 10.06 39.63 10.43
C GLY B 375 10.64 38.69 11.44
N GLN B 376 11.24 37.58 11.01
CA GLN B 376 11.82 36.59 11.90
C GLN B 376 13.32 36.51 11.66
N VAL B 377 13.99 35.78 12.55
CA VAL B 377 15.42 35.56 12.44
C VAL B 377 15.67 34.32 11.59
N VAL B 378 16.50 34.46 10.56
CA VAL B 378 16.82 33.36 9.65
C VAL B 378 18.28 32.98 9.87
N GLY B 379 18.53 31.71 10.17
CA GLY B 379 19.87 31.20 10.25
C GLY B 379 20.36 30.61 8.94
N HIS B 380 21.67 30.68 8.72
CA HIS B 380 22.25 30.22 7.47
C HIS B 380 23.58 29.54 7.76
N LEU B 381 23.58 28.21 7.72
CA LEU B 381 24.80 27.43 7.79
C LEU B 381 25.38 27.25 6.41
N SER B 382 26.70 27.33 6.30
CA SER B 382 27.38 27.10 5.04
C SER B 382 27.40 25.60 4.71
N SER B 383 27.94 25.28 3.54
CA SER B 383 28.02 23.89 3.14
C SER B 383 29.23 23.19 3.75
N ASP B 384 30.23 23.96 4.17
CA ASP B 384 31.40 23.43 4.87
C ASP B 384 31.28 23.61 6.38
N ALA B 385 30.07 23.56 6.93
CA ALA B 385 29.89 23.82 8.35
C ALA B 385 30.35 22.64 9.20
N TYR B 386 29.89 21.45 8.86
CA TYR B 386 30.29 20.25 9.58
C TYR B 386 31.76 19.95 9.40
N GLY B 387 32.32 20.25 8.23
CA GLY B 387 33.75 20.02 8.02
C GLY B 387 34.62 20.94 8.85
N ARG B 388 34.29 22.23 8.89
CA ARG B 388 35.05 23.16 9.70
C ARG B 388 34.79 22.98 11.19
N TRP B 389 33.67 22.37 11.56
CA TRP B 389 33.45 21.98 12.95
C TRP B 389 34.31 20.78 13.33
N LEU B 390 34.28 19.74 12.51
CA LEU B 390 34.98 18.50 12.81
C LEU B 390 36.48 18.64 12.67
N ALA B 391 36.97 19.63 11.94
CA ALA B 391 38.40 19.87 11.90
C ALA B 391 38.93 20.43 13.22
N LYS B 392 38.06 21.00 14.05
CA LYS B 392 38.43 21.45 15.38
C LYS B 392 38.06 20.46 16.48
N ASN B 393 36.89 19.84 16.39
CA ASN B 393 36.29 19.15 17.52
C ASN B 393 36.27 17.63 17.40
N LYS B 394 37.15 17.05 16.58
CA LYS B 394 37.12 15.60 16.42
C LYS B 394 37.82 14.86 17.55
N ASP B 395 38.44 15.57 18.49
CA ASP B 395 39.09 14.94 19.63
C ASP B 395 38.40 15.24 20.96
N VAL B 396 37.61 16.30 21.04
CA VAL B 396 36.88 16.60 22.27
C VAL B 396 35.76 15.59 22.44
N GLU B 397 35.67 15.00 23.64
CA GLU B 397 34.67 13.96 23.89
C GLU B 397 33.25 14.55 23.93
N GLU B 398 33.08 15.70 24.58
CA GLU B 398 31.80 16.42 24.57
C GLU B 398 32.02 17.80 23.97
N PRO B 399 31.94 17.94 22.66
CA PRO B 399 32.15 19.24 22.04
C PRO B 399 30.86 20.05 22.06
N SER B 400 31.01 21.34 21.79
CA SER B 400 29.88 22.27 21.81
C SER B 400 29.09 22.17 20.52
N PHE B 401 27.79 22.42 20.61
CA PHE B 401 26.91 22.47 19.46
C PHE B 401 26.12 23.77 19.42
N ALA B 402 26.64 24.81 20.06
CA ALA B 402 25.94 26.09 20.09
C ALA B 402 25.99 26.76 18.73
N TYR B 403 24.90 27.45 18.38
CA TYR B 403 24.76 28.00 17.04
C TYR B 403 25.76 29.13 16.77
N ASP B 404 26.09 29.92 17.80
CA ASP B 404 27.04 31.00 17.59
C ASP B 404 28.47 30.48 17.44
N TYR B 405 28.81 29.37 18.09
CA TYR B 405 30.13 28.78 17.95
C TYR B 405 30.31 28.13 16.57
N VAL B 406 29.32 27.35 16.14
CA VAL B 406 29.33 26.75 14.81
C VAL B 406 29.29 27.83 13.73
N LEU B 407 28.57 28.92 14.01
CA LEU B 407 28.50 30.02 13.06
C LEU B 407 29.82 30.80 13.01
N SER B 408 30.54 30.83 14.13
CA SER B 408 31.87 31.44 14.15
C SER B 408 32.89 30.57 13.44
N LEU B 409 32.66 29.25 13.37
CA LEU B 409 33.56 28.38 12.64
C LEU B 409 33.29 28.35 11.13
N ASP B 410 32.28 29.06 10.64
CA ASP B 410 31.96 29.06 9.21
C ASP B 410 32.74 30.07 8.41
N THR B 411 33.88 30.54 8.88
CA THR B 411 34.60 31.55 8.12
C THR B 411 35.46 30.88 7.05
N ASP B 412 35.98 31.72 6.14
CA ASP B 412 36.75 31.23 5.01
C ASP B 412 38.14 30.75 5.43
N ASP B 413 38.67 31.29 6.51
CA ASP B 413 40.04 30.96 6.93
C ASP B 413 40.11 29.75 7.84
N ASN B 414 39.07 28.94 7.92
CA ASN B 414 39.13 27.67 8.64
C ASN B 414 39.16 26.52 7.63
N GLU B 415 40.09 25.60 7.84
CA GLU B 415 40.22 24.46 6.93
C GLU B 415 39.22 23.38 7.31
N SER B 416 38.72 22.67 6.31
CA SER B 416 37.73 21.62 6.51
C SER B 416 38.39 20.27 6.68
N TYR B 417 37.64 19.34 7.30
CA TYR B 417 38.15 18.00 7.55
C TYR B 417 38.27 17.19 6.27
N TYR B 418 37.26 17.28 5.41
CA TYR B 418 37.29 16.52 4.16
C TYR B 418 38.34 17.06 3.20
N GLU B 419 38.67 18.34 3.30
CA GLU B 419 39.74 18.90 2.47
C GLU B 419 41.09 18.34 2.88
N GLN B 420 41.30 18.15 4.19
CA GLN B 420 42.52 17.54 4.69
C GLN B 420 42.63 16.08 4.27
N LYS B 421 41.52 15.34 4.37
CA LYS B 421 41.55 13.93 3.97
C LYS B 421 41.77 13.78 2.47
N ALA B 422 41.15 14.65 1.66
CA ALA B 422 41.34 14.59 0.21
C ALA B 422 42.74 15.03 -0.19
N SER B 423 43.33 15.98 0.55
CA SER B 423 44.69 16.41 0.24
C SER B 423 45.70 15.31 0.57
N GLU B 424 45.50 14.61 1.69
CA GLU B 424 46.35 13.46 2.00
C GLU B 424 46.17 12.34 0.98
N LEU B 425 44.94 12.16 0.50
CA LEU B 425 44.66 11.14 -0.51
C LEU B 425 45.32 11.49 -1.84
N LEU B 426 45.41 12.79 -2.17
CA LEU B 426 46.06 13.19 -3.40
C LEU B 426 47.59 13.08 -3.28
N ILE B 427 48.14 13.38 -2.11
CA ILE B 427 49.57 13.22 -1.90
C ILE B 427 49.96 11.74 -1.98
N SER B 428 49.08 10.84 -1.52
CA SER B 428 49.38 9.41 -1.57
C SER B 428 49.45 8.85 -2.99
N HIS B 429 48.91 9.55 -3.98
CA HIS B 429 49.05 9.16 -5.38
C HIS B 429 50.01 10.04 -6.14
N GLY B 430 50.78 10.89 -5.46
CA GLY B 430 51.72 11.74 -6.13
C GLY B 430 51.11 12.90 -6.87
N ILE B 431 49.86 13.25 -6.56
CA ILE B 431 49.16 14.37 -7.20
C ILE B 431 49.44 15.62 -6.37
N SER B 432 49.92 16.65 -7.02
CA SER B 432 50.14 17.94 -6.37
C SER B 432 49.65 19.13 -7.17
N GLU B 433 49.38 18.96 -8.47
CA GLU B 433 49.12 20.06 -9.37
C GLU B 433 47.83 19.82 -10.13
N VAL B 434 47.28 20.91 -10.67
CA VAL B 434 46.09 20.81 -11.52
C VAL B 434 46.45 20.15 -12.85
N ALA B 435 47.65 20.44 -13.36
CA ALA B 435 48.10 19.84 -14.60
C ALA B 435 48.34 18.34 -14.44
N GLN B 436 48.71 17.90 -13.24
CA GLN B 436 48.85 16.48 -12.99
C GLN B 436 47.49 15.80 -12.91
N TYR B 437 46.52 16.48 -12.29
CA TYR B 437 45.21 15.87 -12.06
C TYR B 437 44.40 15.80 -13.34
N GLU B 438 44.45 16.87 -14.16
CA GLU B 438 43.73 16.88 -15.43
C GLU B 438 44.27 15.88 -16.43
N LEU B 439 45.51 15.43 -16.27
CA LEU B 439 46.17 14.57 -17.22
C LEU B 439 45.82 13.09 -17.01
N LEU B 440 45.04 12.75 -15.99
CA LEU B 440 44.68 11.38 -15.73
C LEU B 440 43.54 10.93 -16.63
N SER B 441 43.35 9.62 -16.71
CA SER B 441 42.20 9.06 -17.38
C SER B 441 41.00 9.06 -16.44
N VAL B 442 39.85 8.64 -16.95
CA VAL B 442 38.63 8.69 -16.16
C VAL B 442 38.61 7.58 -15.11
N ARG B 443 39.10 6.39 -15.48
CA ARG B 443 39.16 5.26 -14.55
C ARG B 443 40.13 5.54 -13.41
N LYS B 444 41.23 6.22 -13.71
CA LYS B 444 42.20 6.60 -12.69
C LYS B 444 41.61 7.60 -11.70
N LYS B 445 40.71 8.48 -12.17
CA LYS B 445 40.07 9.42 -11.27
C LYS B 445 39.01 8.75 -10.42
N ILE B 446 38.21 7.87 -11.03
CA ILE B 446 37.14 7.17 -10.31
C ILE B 446 37.71 6.22 -9.25
N LYS B 447 38.90 5.67 -9.50
CA LYS B 447 39.56 4.81 -8.50
C LYS B 447 39.93 5.60 -7.24
N MET B 448 40.20 6.90 -7.37
CA MET B 448 40.47 7.76 -6.24
C MET B 448 39.21 8.31 -5.60
N MET B 449 38.18 8.56 -6.40
CA MET B 449 36.91 9.01 -5.87
C MET B 449 36.20 7.93 -5.07
N ASP B 450 36.49 6.65 -5.35
CA ASP B 450 35.95 5.58 -4.50
C ASP B 450 36.57 5.62 -3.12
N GLU B 451 37.87 5.94 -3.03
CA GLU B 451 38.51 6.11 -1.73
C GLU B 451 37.99 7.33 -1.00
N MET B 452 37.68 8.40 -1.75
CA MET B 452 37.04 9.55 -1.14
C MET B 452 35.62 9.22 -0.66
N ASN B 453 34.89 8.35 -1.36
CA ASN B 453 33.59 7.92 -0.85
C ASN B 453 33.75 7.04 0.39
N GLU B 454 34.84 6.29 0.49
CA GLU B 454 35.12 5.55 1.71
C GLU B 454 35.43 6.47 2.89
N VAL B 455 36.04 7.62 2.64
CA VAL B 455 36.25 8.52 3.78
C VAL B 455 35.01 9.37 4.04
N LEU B 456 34.09 9.47 3.07
CA LEU B 456 32.83 10.17 3.32
C LEU B 456 31.83 9.31 4.08
N ILE B 457 31.81 8.00 3.82
CA ILE B 457 30.77 7.13 4.37
C ILE B 457 30.87 6.96 5.89
N ALA B 458 32.06 7.16 6.46
CA ALA B 458 32.25 6.98 7.90
C ALA B 458 31.55 8.04 8.74
N GLN B 459 31.18 9.16 8.13
CA GLN B 459 30.57 10.27 8.85
C GLN B 459 29.06 10.34 8.63
N LEU B 460 28.50 9.43 7.83
CA LEU B 460 27.07 9.40 7.56
C LEU B 460 26.43 8.09 7.95
N GLU B 461 27.22 7.12 8.44
CA GLU B 461 26.78 5.75 8.56
C GLU B 461 26.04 5.48 9.86
N ASN B 462 26.34 6.24 10.91
CA ASN B 462 25.78 5.98 12.23
C ASN B 462 25.35 7.27 12.92
N ALA B 463 25.01 7.18 14.20
CA ALA B 463 24.70 8.36 15.02
C ALA B 463 25.60 8.30 16.24
N ASP B 464 26.83 8.76 16.09
CA ASP B 464 27.75 8.95 17.19
C ASP B 464 27.77 10.42 17.55
N THR B 465 28.57 10.80 18.54
CA THR B 465 28.57 12.19 18.97
C THR B 465 29.25 13.11 17.97
N HIS B 466 30.16 12.59 17.15
CA HIS B 466 30.80 13.39 16.10
C HIS B 466 30.21 13.11 14.74
N SER B 467 29.11 12.37 14.68
CA SER B 467 28.45 12.07 13.43
C SER B 467 27.82 13.34 12.85
N GLU B 468 27.57 13.30 11.55
CA GLU B 468 26.99 14.46 10.89
C GLU B 468 25.50 14.55 11.14
N ARG B 469 24.83 13.40 11.25
CA ARG B 469 23.42 13.36 11.59
C ARG B 469 23.17 13.93 12.98
N ASN B 470 24.02 13.57 13.94
CA ASN B 470 23.91 14.16 15.27
C ASN B 470 24.31 15.63 15.28
N PHE B 471 25.24 16.02 14.42
CA PHE B 471 25.62 17.43 14.31
C PHE B 471 24.45 18.30 13.90
N TYR B 472 23.75 17.92 12.83
CA TYR B 472 22.60 18.71 12.43
C TYR B 472 21.41 18.53 13.38
N TYR B 473 21.34 17.41 14.11
CA TYR B 473 20.33 17.27 15.15
C TYR B 473 20.56 18.23 16.31
N MET B 474 21.79 18.29 16.82
CA MET B 474 22.10 19.14 17.95
C MET B 474 22.22 20.61 17.60
N VAL B 475 22.38 20.94 16.31
CA VAL B 475 22.28 22.34 15.92
C VAL B 475 20.82 22.73 15.68
N SER B 476 20.04 21.86 15.05
CA SER B 476 18.68 22.21 14.67
C SER B 476 17.74 22.27 15.88
N THR B 477 17.95 21.40 16.86
CA THR B 477 17.07 21.33 18.02
C THR B 477 17.71 21.99 19.25
N GLY B 478 18.54 23.00 19.04
CA GLY B 478 19.13 23.72 20.15
C GLY B 478 18.17 24.71 20.77
N LYS B 479 18.66 25.36 21.83
CA LYS B 479 17.90 26.41 22.51
C LYS B 479 17.99 27.73 21.78
N THR B 480 19.22 28.20 21.52
CA THR B 480 19.45 29.52 20.97
C THR B 480 19.52 29.53 19.45
N THR B 481 19.23 28.41 18.80
CA THR B 481 19.26 28.38 17.36
C THR B 481 17.99 29.03 16.80
N PRO B 482 18.07 29.71 15.66
CA PRO B 482 16.89 30.35 15.10
C PRO B 482 15.88 29.34 14.58
N ARG B 483 14.65 29.82 14.43
CA ARG B 483 13.55 28.93 14.06
C ARG B 483 13.66 28.50 12.60
N THR B 484 13.96 29.43 11.71
CA THR B 484 14.07 29.15 10.27
C THR B 484 15.54 29.06 9.90
N LEU B 485 15.96 27.89 9.42
CA LEU B 485 17.32 27.65 8.98
C LEU B 485 17.38 27.46 7.48
N ILE B 486 18.52 27.83 6.90
CA ILE B 486 18.85 27.54 5.51
C ILE B 486 20.19 26.82 5.53
N VAL B 487 20.18 25.54 5.16
CA VAL B 487 21.34 24.69 5.26
C VAL B 487 21.76 24.29 3.85
N GLU B 488 23.06 24.39 3.56
CA GLU B 488 23.61 24.00 2.27
C GLU B 488 24.22 22.61 2.36
N GLY B 489 24.22 21.90 1.24
CA GLY B 489 24.76 20.57 1.17
C GLY B 489 25.55 20.36 -0.10
N HIS B 490 26.33 19.29 -0.13
CA HIS B 490 27.11 18.97 -1.31
C HIS B 490 26.57 17.83 -2.16
N PHE B 491 25.83 16.90 -1.58
CA PHE B 491 25.39 15.73 -2.34
C PHE B 491 24.17 15.10 -1.70
N ASN B 492 23.45 14.31 -2.50
CA ASN B 492 22.13 13.83 -2.13
C ASN B 492 22.13 12.77 -1.04
N ALA B 493 23.28 12.21 -0.67
CA ALA B 493 23.27 11.24 0.42
C ALA B 493 23.13 11.89 1.77
N GLN B 494 23.26 13.21 1.84
CA GLN B 494 23.01 13.96 3.06
C GLN B 494 21.53 14.19 3.32
N ASP B 495 20.65 13.70 2.45
CA ASP B 495 19.21 13.78 2.70
C ASP B 495 18.79 12.97 3.90
N ALA B 496 19.52 11.90 4.21
CA ALA B 496 19.29 11.12 5.41
C ALA B 496 19.96 11.73 6.64
N THR B 497 20.66 12.83 6.48
CA THR B 497 21.55 13.35 7.50
C THR B 497 21.26 14.79 7.91
N ILE B 498 20.98 15.67 6.94
CA ILE B 498 20.51 17.02 7.27
C ILE B 498 19.13 16.89 7.90
N ALA B 499 18.78 17.86 8.74
CA ALA B 499 17.57 17.84 9.56
C ALA B 499 16.30 17.72 8.71
N ARG B 500 15.23 17.34 9.40
CA ARG B 500 14.01 16.89 8.75
C ARG B 500 13.26 18.04 8.08
N THR B 501 13.17 17.98 6.76
CA THR B 501 12.55 18.99 5.93
C THR B 501 11.47 18.37 5.07
N ASP B 502 10.80 19.21 4.31
CA ASP B 502 9.91 18.75 3.26
C ASP B 502 10.23 19.45 1.96
N THR B 503 11.19 20.37 1.96
CA THR B 503 11.53 21.19 0.79
C THR B 503 13.03 21.17 0.60
N THR B 504 13.50 20.42 -0.38
CA THR B 504 14.89 20.46 -0.80
C THR B 504 14.97 20.73 -2.28
N VAL B 505 15.76 21.73 -2.65
CA VAL B 505 15.91 22.18 -4.03
C VAL B 505 17.36 22.03 -4.43
N LEU B 506 17.62 22.17 -5.72
CA LEU B 506 18.97 22.19 -6.26
C LEU B 506 19.18 23.51 -6.97
N LEU B 507 20.30 24.15 -6.69
CA LEU B 507 20.62 25.47 -7.21
C LEU B 507 21.59 25.39 -8.38
N ARG B 508 21.29 26.14 -9.43
CA ARG B 508 22.20 26.35 -10.55
C ARG B 508 22.45 27.83 -10.70
N THR B 509 23.69 28.21 -11.03
CA THR B 509 24.06 29.60 -11.25
C THR B 509 24.74 29.75 -12.61
N ILE B 510 25.21 30.97 -12.88
CA ILE B 510 26.01 31.23 -14.07
C ILE B 510 27.48 31.02 -13.76
N ASN B 511 27.88 29.76 -13.59
CA ASN B 511 29.25 29.50 -13.18
C ASN B 511 29.67 28.16 -13.74
N ASP B 512 30.73 28.18 -14.53
CA ASP B 512 31.38 26.94 -14.91
C ASP B 512 32.19 26.53 -13.69
N THR B 513 31.67 25.55 -12.95
CA THR B 513 32.22 25.21 -11.64
C THR B 513 33.62 24.64 -11.75
N THR B 514 33.87 23.85 -12.80
CA THR B 514 35.20 23.31 -13.03
C THR B 514 36.17 24.37 -13.55
N GLN B 515 35.68 25.53 -13.99
CA GLN B 515 36.54 26.64 -14.39
C GLN B 515 36.76 27.62 -13.25
N ALA B 516 35.76 27.77 -12.38
CA ALA B 516 35.93 28.51 -11.15
C ALA B 516 36.89 27.82 -10.20
N MET B 517 36.92 26.49 -10.21
CA MET B 517 37.84 25.79 -9.33
C MET B 517 39.28 25.79 -9.83
N ARG B 518 39.50 25.79 -11.14
CA ARG B 518 40.87 25.84 -11.63
C ARG B 518 41.44 27.24 -11.67
N ASP B 519 40.62 28.27 -11.44
CA ASP B 519 41.07 29.66 -11.46
C ASP B 519 41.14 30.26 -10.07
N ARG B 520 41.55 29.47 -9.07
CA ARG B 520 41.64 29.96 -7.71
C ARG B 520 42.82 29.28 -7.01
N GLN B 521 43.09 29.74 -5.80
CA GLN B 521 44.27 29.35 -5.03
C GLN B 521 43.83 28.66 -3.75
N ARG B 522 44.81 28.46 -2.85
CA ARG B 522 44.66 27.73 -1.58
C ARG B 522 44.17 26.30 -1.84
N GLY B 523 45.05 25.57 -2.51
CA GLY B 523 44.81 24.17 -2.83
C GLY B 523 43.71 23.96 -3.84
N GLY B 524 43.91 24.47 -5.06
CA GLY B 524 42.91 24.32 -6.11
C GLY B 524 42.79 22.91 -6.64
N VAL B 525 43.80 22.07 -6.44
CA VAL B 525 43.72 20.68 -6.86
C VAL B 525 42.72 19.93 -6.00
N VAL B 526 42.78 20.15 -4.69
CA VAL B 526 41.84 19.55 -3.76
C VAL B 526 40.43 20.05 -4.02
N GLN B 527 40.32 21.32 -4.39
CA GLN B 527 39.01 21.92 -4.68
C GLN B 527 38.39 21.31 -5.93
N LEU B 528 39.20 21.12 -6.99
CA LEU B 528 38.70 20.50 -8.20
C LEU B 528 38.37 19.02 -7.99
N PHE B 529 39.18 18.34 -7.16
CA PHE B 529 38.93 16.94 -6.85
C PHE B 529 37.63 16.77 -6.06
N LEU B 530 37.38 17.66 -5.10
CA LEU B 530 36.15 17.59 -4.33
C LEU B 530 34.95 17.99 -5.16
N ARG B 531 35.11 18.94 -6.09
CA ARG B 531 34.04 19.27 -7.03
C ARG B 531 33.64 18.04 -7.84
N ASP B 532 34.62 17.30 -8.36
CA ASP B 532 34.28 16.16 -9.21
C ASP B 532 33.70 15.01 -8.39
N THR B 533 34.18 14.80 -7.16
CA THR B 533 33.62 13.79 -6.28
C THR B 533 32.16 14.11 -5.92
N TYR B 534 31.90 15.36 -5.54
CA TYR B 534 30.54 15.77 -5.18
C TYR B 534 29.61 15.76 -6.38
N TYR B 535 30.13 16.09 -7.56
CA TYR B 535 29.35 15.94 -8.79
C TYR B 535 28.99 14.49 -9.05
N ARG B 536 29.93 13.58 -8.81
CA ARG B 536 29.65 12.16 -8.95
C ARG B 536 28.65 11.67 -7.91
N LEU B 537 28.47 12.39 -6.81
CA LEU B 537 27.44 12.01 -5.84
C LEU B 537 26.17 12.85 -5.90
N LEU B 538 26.09 13.85 -6.77
CA LEU B 538 24.92 14.74 -6.84
C LEU B 538 24.34 14.78 -8.24
N PRO B 539 23.30 14.00 -8.52
CA PRO B 539 22.52 14.19 -9.74
C PRO B 539 21.55 15.35 -9.58
N ALA B 540 20.76 15.58 -10.62
CA ALA B 540 19.70 16.57 -10.58
C ALA B 540 18.35 15.92 -10.32
N LEU B 541 18.23 15.28 -9.15
CA LEU B 541 17.04 14.53 -8.80
C LEU B 541 16.08 15.29 -7.91
N HIS B 542 16.44 16.49 -7.47
CA HIS B 542 15.50 17.40 -6.83
C HIS B 542 15.19 18.55 -7.78
N THR B 543 14.23 19.38 -7.39
CA THR B 543 13.74 20.43 -8.28
C THR B 543 14.80 21.50 -8.46
N THR B 544 15.05 21.88 -9.71
CA THR B 544 16.11 22.82 -10.04
C THR B 544 15.57 24.23 -9.96
N VAL B 545 16.26 25.08 -9.20
CA VAL B 545 15.84 26.45 -8.94
C VAL B 545 17.01 27.38 -9.25
N TYR B 546 16.73 28.48 -9.97
CA TYR B 546 17.68 29.55 -10.22
C TYR B 546 17.54 30.65 -9.17
N PRO B 547 18.56 31.51 -9.00
CA PRO B 547 18.44 32.59 -8.00
C PRO B 547 17.30 33.58 -8.22
N PHE B 548 16.99 33.95 -9.47
CA PHE B 548 15.92 34.90 -9.68
C PHE B 548 14.57 34.28 -9.34
N GLU B 549 14.47 32.96 -9.44
CA GLU B 549 13.27 32.25 -9.02
C GLU B 549 13.10 32.30 -7.49
N MET B 550 14.21 32.16 -6.76
CA MET B 550 14.15 32.29 -5.31
C MET B 550 13.87 33.70 -4.85
N LEU B 551 14.23 34.70 -5.64
CA LEU B 551 13.83 36.06 -5.26
C LEU B 551 12.37 36.33 -5.62
N GLU B 552 11.92 35.79 -6.77
CA GLU B 552 10.54 35.97 -7.19
C GLU B 552 9.58 35.25 -6.26
N SER B 553 10.04 34.16 -5.63
CA SER B 553 9.24 33.48 -4.62
C SER B 553 8.93 34.38 -3.42
N ILE B 554 9.92 35.14 -2.96
CA ILE B 554 9.69 36.06 -1.84
C ILE B 554 8.81 37.22 -2.29
N ARG B 555 9.02 37.72 -3.52
CA ARG B 555 8.21 38.85 -3.97
C ARG B 555 6.75 38.47 -4.23
N ARG B 556 6.45 37.23 -4.57
CA ARG B 556 5.08 36.87 -4.89
C ARG B 556 4.27 36.43 -3.69
N TRP B 557 4.91 36.11 -2.57
CA TRP B 557 4.20 35.65 -1.39
C TRP B 557 3.54 36.83 -0.70
N LYS B 558 2.22 36.74 -0.48
CA LYS B 558 1.53 37.81 0.23
C LYS B 558 1.78 37.67 1.72
N TRP B 559 2.37 38.70 2.32
CA TRP B 559 2.82 38.61 3.69
C TRP B 559 1.77 39.15 4.64
N VAL B 560 2.08 39.09 5.93
CA VAL B 560 1.21 39.43 7.07
C VAL B 560 -0.07 38.58 7.06
#